data_6X27
#
_entry.id   6X27
#
_cell.length_a   175.373
_cell.length_b   175.373
_cell.length_c   206.189
_cell.angle_alpha   90.000
_cell.angle_beta   90.000
_cell.angle_gamma   90.000
#
_symmetry.space_group_name_H-M   'P 43 21 2'
#
loop_
_entity.id
_entity.type
_entity.pdbx_description
1 polymer 'Lon protease homolog, mitochondrial'
2 non-polymer N-[(1R)-1-(DIHYDROXYBORYL)-3-METHYLBUTYL]-N-(PYRAZIN-2-YLCARBONYL)-L-PHENYLALANINAMIDE
3 non-polymer 'PENTAETHYLENE GLYCOL'
4 non-polymer GLYCEROL
5 water water
#
_entity_poly.entity_id   1
_entity_poly.type   'polypeptide(L)'
_entity_poly.pdbx_seq_one_letter_code
;MGSDKIHHHHHHERMYDVTPPGVVMGLAWTAMGGSTLFVETSLRRPQDKDAKGDKDGSLEVTGQLGEVMKESARIAYTFA
RAFLMQHAPANDYLVTSHIHLHVPEGATPKDGPSAGCTIVTALLSLAMGRPVRQNLAMTGEVSLTGKILPVGGIKEKTIA
AKRAGVTCIVLPAENKKDFYDLAAFITEGLEVHFVEHYREIFDIAFPDEQAEALAVER
;
_entity_poly.pdbx_strand_id   A,B,C,D,E,F,G,H,I,J,K,L
#
loop_
_chem_comp.id
_chem_comp.type
_chem_comp.name
_chem_comp.formula
1PE non-polymer 'PENTAETHYLENE GLYCOL' 'C10 H22 O6'
BO2 non-polymer N-[(1R)-1-(DIHYDROXYBORYL)-3-METHYLBUTYL]-N-(PYRAZIN-2-YLCARBONYL)-L-PHENYLALANINAMIDE 'C19 H25 B N4 O4'
GOL non-polymer GLYCEROL 'C3 H8 O3'
#
# COMPACT_ATOMS: atom_id res chain seq x y z
N GLU A 13 -34.90 -3.80 25.24
CA GLU A 13 -33.50 -3.42 25.11
C GLU A 13 -33.00 -3.69 23.69
N ARG A 14 -33.57 -2.95 22.73
CA ARG A 14 -33.31 -3.19 21.31
C ARG A 14 -34.03 -2.12 20.49
N MET A 15 -33.66 -2.04 19.20
CA MET A 15 -34.08 -0.94 18.34
C MET A 15 -35.57 -0.97 18.02
N TYR A 16 -36.14 -2.15 17.77
CA TYR A 16 -37.57 -2.31 17.50
C TYR A 16 -38.20 -3.09 18.64
N ASP A 17 -39.31 -2.58 19.18
CA ASP A 17 -40.11 -3.39 20.09
C ASP A 17 -41.03 -4.33 19.32
N VAL A 18 -41.75 -3.79 18.33
CA VAL A 18 -42.57 -4.57 17.41
C VAL A 18 -42.00 -4.37 16.00
N THR A 19 -41.71 -5.51 15.29
CA THR A 19 -41.12 -5.35 13.95
C THR A 19 -42.22 -5.21 12.90
N PRO A 20 -42.14 -4.24 11.98
CA PRO A 20 -43.09 -4.19 10.87
C PRO A 20 -42.67 -5.15 9.76
N PRO A 21 -43.46 -5.27 8.69
CA PRO A 21 -43.07 -6.18 7.61
C PRO A 21 -41.72 -5.75 7.04
N GLY A 22 -40.91 -6.74 6.70
CA GLY A 22 -39.59 -6.51 6.13
C GLY A 22 -38.48 -6.29 7.14
N VAL A 23 -38.75 -6.41 8.44
CA VAL A 23 -37.74 -6.19 9.49
C VAL A 23 -37.63 -7.46 10.33
N VAL A 24 -36.40 -7.95 10.52
CA VAL A 24 -36.15 -9.19 11.25
C VAL A 24 -34.95 -9.02 12.19
N MET A 25 -35.05 -9.61 13.38
CA MET A 25 -33.96 -9.53 14.36
C MET A 25 -32.93 -10.63 14.10
N GLY A 26 -31.67 -10.22 13.92
CA GLY A 26 -30.55 -11.13 13.83
C GLY A 26 -29.61 -10.98 15.03
N LEU A 27 -28.52 -11.72 14.96
CA LEU A 27 -27.59 -11.86 16.08
C LEU A 27 -26.16 -11.79 15.54
N ALA A 28 -25.30 -11.05 16.24
CA ALA A 28 -23.92 -10.83 15.85
C ALA A 28 -23.01 -11.02 17.05
N TRP A 29 -21.69 -11.08 16.82
CA TRP A 29 -20.76 -11.10 17.93
C TRP A 29 -19.40 -10.54 17.53
N THR A 30 -18.63 -10.17 18.55
CA THR A 30 -17.22 -9.80 18.47
C THR A 30 -16.48 -10.51 19.59
N ALA A 31 -15.21 -10.21 19.73
CA ALA A 31 -14.41 -10.73 20.86
C ALA A 31 -14.97 -10.22 22.19
N MET A 32 -15.68 -9.09 22.18
CA MET A 32 -16.27 -8.49 23.40
C MET A 32 -17.62 -9.11 23.80
N GLY A 33 -18.30 -9.80 22.89
CA GLY A 33 -19.57 -10.47 23.23
C GLY A 33 -20.62 -10.40 22.12
N GLY A 34 -21.84 -10.87 22.40
CA GLY A 34 -22.85 -10.88 21.36
C GLY A 34 -23.68 -9.62 21.39
N SER A 35 -24.48 -9.45 20.34
CA SER A 35 -25.43 -8.34 20.33
C SER A 35 -26.54 -8.71 19.35
N THR A 36 -27.66 -8.00 19.47
CA THR A 36 -28.75 -8.13 18.51
C THR A 36 -28.63 -7.03 17.47
N LEU A 37 -29.24 -7.27 16.31
CA LEU A 37 -29.38 -6.21 15.31
C LEU A 37 -30.57 -6.53 14.43
N PHE A 38 -30.94 -5.57 13.60
CA PHE A 38 -32.11 -5.70 12.76
C PHE A 38 -31.74 -5.55 11.30
N VAL A 39 -32.25 -6.45 10.48
CA VAL A 39 -32.22 -6.29 9.04
C VAL A 39 -33.48 -5.53 8.65
N GLU A 40 -33.33 -4.41 7.95
CA GLU A 40 -34.44 -3.63 7.44
C GLU A 40 -34.49 -3.77 5.92
N THR A 41 -35.70 -3.87 5.38
CA THR A 41 -35.89 -3.83 3.92
C THR A 41 -37.08 -2.96 3.58
N SER A 42 -37.07 -2.39 2.39
CA SER A 42 -38.20 -1.63 1.85
C SER A 42 -38.14 -1.73 0.34
N LEU A 43 -39.26 -1.45 -0.31
CA LEU A 43 -39.29 -1.62 -1.75
C LEU A 43 -40.20 -0.59 -2.39
N ARG A 44 -39.94 -0.34 -3.67
CA ARG A 44 -40.74 0.54 -4.52
C ARG A 44 -41.01 -0.20 -5.82
N ARG A 45 -42.29 -0.37 -6.15
CA ARG A 45 -42.73 -0.86 -7.44
C ARG A 45 -42.28 0.08 -8.56
N PRO A 46 -41.53 -0.40 -9.56
CA PRO A 46 -41.11 0.44 -10.69
C PRO A 46 -42.26 0.84 -11.61
N ASP A 56 -36.80 -6.88 -14.55
CA ASP A 56 -36.31 -7.61 -13.38
C ASP A 56 -36.01 -6.67 -12.21
N GLY A 57 -36.33 -7.12 -11.01
CA GLY A 57 -36.08 -6.35 -9.82
C GLY A 57 -34.60 -6.15 -9.58
N SER A 58 -34.31 -5.57 -8.42
CA SER A 58 -32.93 -5.33 -8.01
C SER A 58 -32.90 -5.26 -6.50
N LEU A 59 -31.71 -5.46 -5.95
CA LEU A 59 -31.49 -5.39 -4.51
C LEU A 59 -30.30 -4.47 -4.26
N GLU A 60 -30.56 -3.41 -3.51
CA GLU A 60 -29.48 -2.48 -3.10
C GLU A 60 -29.23 -2.69 -1.61
N VAL A 61 -27.96 -2.83 -1.22
CA VAL A 61 -27.59 -3.15 0.19
C VAL A 61 -26.76 -2.03 0.82
N THR A 62 -27.07 -1.68 2.06
CA THR A 62 -26.34 -0.63 2.83
C THR A 62 -26.09 -1.12 4.25
N GLY A 63 -25.15 -0.50 4.97
CA GLY A 63 -24.89 -0.82 6.36
C GLY A 63 -23.44 -1.18 6.63
N GLN A 64 -22.54 -0.76 5.73
CA GLN A 64 -21.11 -1.08 5.84
C GLN A 64 -20.90 -2.60 5.89
N LEU A 65 -21.49 -3.29 4.92
CA LEU A 65 -21.40 -4.74 4.86
C LEU A 65 -20.13 -5.18 4.15
N GLY A 66 -19.42 -6.16 4.73
CA GLY A 66 -18.26 -6.73 4.07
C GLY A 66 -18.67 -7.63 2.91
N GLU A 67 -17.67 -8.07 2.16
CA GLU A 67 -17.93 -8.82 0.92
C GLU A 67 -18.67 -10.13 1.18
N VAL A 68 -18.27 -10.86 2.23
CA VAL A 68 -18.92 -12.14 2.52
C VAL A 68 -20.39 -11.92 2.84
N MET A 69 -20.70 -10.87 3.61
CA MET A 69 -22.09 -10.57 3.93
C MET A 69 -22.86 -10.09 2.70
N LYS A 70 -22.22 -9.34 1.81
CA LYS A 70 -22.87 -8.93 0.57
C LYS A 70 -23.23 -10.15 -0.28
N GLU A 71 -22.31 -11.12 -0.37
CA GLU A 71 -22.60 -12.35 -1.10
C GLU A 71 -23.76 -13.11 -0.47
N SER A 72 -23.79 -13.15 0.86
CA SER A 72 -24.89 -13.84 1.53
C SER A 72 -26.23 -13.17 1.22
N ALA A 73 -26.24 -11.84 1.07
CA ALA A 73 -27.46 -11.16 0.64
C ALA A 73 -27.85 -11.56 -0.78
N ARG A 74 -26.87 -11.76 -1.65
CA ARG A 74 -27.17 -12.18 -3.02
CA ARG A 74 -27.15 -12.19 -3.03
C ARG A 74 -27.74 -13.59 -3.06
N ILE A 75 -27.16 -14.50 -2.28
CA ILE A 75 -27.69 -15.85 -2.18
C ILE A 75 -29.10 -15.82 -1.60
N ALA A 76 -29.30 -15.06 -0.52
CA ALA A 76 -30.62 -14.99 0.11
C ALA A 76 -31.67 -14.46 -0.86
N TYR A 77 -31.29 -13.47 -1.68
CA TYR A 77 -32.19 -12.87 -2.66
C TYR A 77 -32.59 -13.88 -3.72
N THR A 78 -31.61 -14.62 -4.26
CA THR A 78 -31.91 -15.67 -5.23
C THR A 78 -32.81 -16.75 -4.63
N PHE A 79 -32.47 -17.23 -3.43
CA PHE A 79 -33.26 -18.29 -2.82
C PHE A 79 -34.65 -17.80 -2.45
N ALA A 80 -34.77 -16.58 -1.89
CA ALA A 80 -36.09 -16.07 -1.54
C ALA A 80 -36.99 -15.96 -2.76
N ARG A 81 -36.43 -15.53 -3.90
CA ARG A 81 -37.22 -15.48 -5.13
C ARG A 81 -37.77 -16.86 -5.49
N ALA A 82 -36.90 -17.88 -5.43
CA ALA A 82 -37.34 -19.23 -5.77
C ALA A 82 -38.32 -19.76 -4.74
N PHE A 83 -38.09 -19.49 -3.45
CA PHE A 83 -38.99 -19.97 -2.40
C PHE A 83 -40.36 -19.33 -2.55
N LEU A 84 -40.41 -18.01 -2.78
CA LEU A 84 -41.70 -17.34 -2.92
C LEU A 84 -42.44 -17.79 -4.17
N MET A 85 -41.71 -18.11 -5.24
CA MET A 85 -42.35 -18.59 -6.45
C MET A 85 -43.08 -19.93 -6.21
N GLN A 86 -42.49 -20.80 -5.39
CA GLN A 86 -43.16 -22.05 -5.05
C GLN A 86 -44.34 -21.79 -4.12
N HIS A 87 -44.15 -20.95 -3.11
CA HIS A 87 -45.14 -20.77 -2.05
C HIS A 87 -46.29 -19.84 -2.48
N ALA A 88 -46.04 -18.87 -3.35
CA ALA A 88 -47.05 -17.91 -3.78
C ALA A 88 -46.74 -17.46 -5.20
N PRO A 89 -47.00 -18.32 -6.19
CA PRO A 89 -46.59 -18.00 -7.57
C PRO A 89 -47.18 -16.70 -8.11
N ALA A 90 -48.32 -16.24 -7.59
CA ALA A 90 -48.89 -14.98 -8.08
C ALA A 90 -48.19 -13.75 -7.52
N ASN A 91 -47.31 -13.89 -6.53
CA ASN A 91 -46.67 -12.74 -5.88
C ASN A 91 -45.37 -12.43 -6.62
N ASP A 92 -45.35 -11.30 -7.33
CA ASP A 92 -44.17 -10.93 -8.12
C ASP A 92 -43.30 -9.86 -7.46
N TYR A 93 -43.50 -9.58 -6.17
CA TYR A 93 -42.79 -8.45 -5.56
C TYR A 93 -41.29 -8.65 -5.61
N LEU A 94 -40.79 -9.87 -5.41
CA LEU A 94 -39.32 -10.10 -5.32
C LEU A 94 -38.68 -10.14 -6.71
N VAL A 95 -39.48 -10.31 -7.76
CA VAL A 95 -38.94 -10.44 -9.15
C VAL A 95 -38.97 -9.08 -9.85
N THR A 96 -39.87 -8.20 -9.47
CA THR A 96 -40.04 -6.94 -10.23
C THR A 96 -39.70 -5.67 -9.43
N SER A 97 -39.58 -5.76 -8.11
CA SER A 97 -39.43 -4.52 -7.34
C SER A 97 -37.95 -4.15 -7.18
N HIS A 98 -37.74 -2.87 -6.95
CA HIS A 98 -36.44 -2.35 -6.53
C HIS A 98 -36.41 -2.34 -5.02
N ILE A 99 -35.61 -3.22 -4.44
CA ILE A 99 -35.62 -3.47 -3.00
C ILE A 99 -34.36 -2.89 -2.39
N HIS A 100 -34.50 -2.31 -1.19
CA HIS A 100 -33.36 -1.80 -0.44
CA HIS A 100 -33.37 -1.79 -0.43
C HIS A 100 -33.27 -2.56 0.88
N LEU A 101 -32.06 -3.00 1.21
CA LEU A 101 -31.79 -3.71 2.44
C LEU A 101 -30.78 -2.91 3.25
N HIS A 102 -31.06 -2.73 4.54
CA HIS A 102 -30.17 -1.94 5.38
C HIS A 102 -30.00 -2.62 6.72
N VAL A 103 -28.79 -2.56 7.26
CA VAL A 103 -28.51 -3.08 8.59
C VAL A 103 -27.93 -1.94 9.43
N PRO A 104 -28.75 -1.25 10.20
CA PRO A 104 -28.21 -0.25 11.11
C PRO A 104 -27.46 -0.95 12.23
N GLU A 105 -26.63 -0.21 12.97
CA GLU A 105 -26.35 1.22 12.81
C GLU A 105 -25.45 1.47 11.61
N GLY A 106 -25.61 2.64 10.99
CA GLY A 106 -25.00 2.87 9.70
C GLY A 106 -23.47 2.89 9.71
N ALA A 107 -22.86 3.38 10.78
CA ALA A 107 -21.40 3.52 10.80
C ALA A 107 -20.65 2.26 11.20
N THR A 108 -21.35 1.24 11.70
CA THR A 108 -20.68 0.06 12.29
C THR A 108 -20.36 -0.96 11.20
N PRO A 109 -19.09 -1.34 11.01
CA PRO A 109 -18.78 -2.39 10.02
C PRO A 109 -19.38 -3.73 10.42
N LYS A 110 -19.86 -4.47 9.42
CA LYS A 110 -20.45 -5.77 9.66
C LYS A 110 -19.98 -6.73 8.58
N ASP A 111 -19.87 -8.01 8.93
CA ASP A 111 -19.49 -9.00 7.92
C ASP A 111 -19.92 -10.39 8.39
N GLY A 112 -19.80 -11.34 7.48
CA GLY A 112 -20.08 -12.72 7.79
C GLY A 112 -21.32 -13.26 7.12
N PRO A 113 -21.43 -14.58 7.03
CA PRO A 113 -22.54 -15.21 6.31
C PRO A 113 -23.75 -15.58 7.18
N SER A 114 -23.70 -15.33 8.50
CA SER A 114 -24.69 -15.90 9.42
C SER A 114 -26.03 -15.16 9.45
N ALA A 115 -26.18 -14.05 8.72
CA ALA A 115 -27.50 -13.43 8.59
C ALA A 115 -28.22 -13.87 7.32
N GLY A 116 -27.72 -14.89 6.63
CA GLY A 116 -28.40 -15.39 5.46
C GLY A 116 -29.88 -15.71 5.68
N CYS A 117 -30.21 -16.58 6.63
CA CYS A 117 -31.63 -16.81 6.95
C CYS A 117 -32.36 -15.51 7.30
N THR A 118 -31.72 -14.67 8.12
CA THR A 118 -32.35 -13.40 8.52
C THR A 118 -32.75 -12.59 7.28
N ILE A 119 -31.88 -12.56 6.27
CA ILE A 119 -32.16 -11.78 5.07
C ILE A 119 -33.26 -12.42 4.23
N VAL A 120 -33.22 -13.75 4.06
CA VAL A 120 -34.32 -14.44 3.38
C VAL A 120 -35.65 -14.09 4.03
N THR A 121 -35.72 -14.16 5.37
CA THR A 121 -36.96 -13.92 6.08
C THR A 121 -37.44 -12.47 5.87
N ALA A 122 -36.51 -11.51 5.93
CA ALA A 122 -36.89 -10.12 5.75
C ALA A 122 -37.47 -9.87 4.37
N LEU A 123 -36.86 -10.45 3.33
CA LEU A 123 -37.38 -10.30 1.98
C LEU A 123 -38.77 -10.91 1.83
N LEU A 124 -38.96 -12.12 2.38
CA LEU A 124 -40.27 -12.75 2.30
C LEU A 124 -41.30 -11.99 3.11
N SER A 125 -40.92 -11.55 4.32
CA SER A 125 -41.77 -10.68 5.13
C SER A 125 -42.22 -9.46 4.36
N LEU A 126 -41.26 -8.77 3.72
CA LEU A 126 -41.60 -7.59 2.94
C LEU A 126 -42.52 -7.95 1.79
N ALA A 127 -42.17 -9.00 1.03
CA ALA A 127 -42.96 -9.33 -0.15
C ALA A 127 -44.38 -9.76 0.21
N MET A 128 -44.57 -10.43 1.34
CA MET A 128 -45.90 -10.87 1.73
C MET A 128 -46.66 -9.81 2.50
N GLY A 129 -46.01 -8.70 2.85
CA GLY A 129 -46.68 -7.73 3.70
C GLY A 129 -47.04 -8.25 5.07
N ARG A 130 -46.25 -9.18 5.62
CA ARG A 130 -46.59 -9.86 6.87
C ARG A 130 -45.40 -9.71 7.82
N PRO A 131 -45.61 -9.15 9.01
CA PRO A 131 -44.49 -9.10 9.96
C PRO A 131 -44.16 -10.51 10.43
N VAL A 132 -42.90 -10.70 10.84
CA VAL A 132 -42.52 -11.98 11.44
C VAL A 132 -43.00 -12.03 12.88
N ARG A 133 -43.10 -13.24 13.41
CA ARG A 133 -43.42 -13.44 14.80
C ARG A 133 -42.59 -12.52 15.68
N GLN A 134 -43.23 -11.92 16.69
CA GLN A 134 -42.55 -10.97 17.57
C GLN A 134 -41.65 -11.70 18.59
N ASN A 135 -40.60 -11.01 19.02
CA ASN A 135 -39.64 -11.56 19.99
C ASN A 135 -38.92 -12.79 19.46
N LEU A 136 -38.74 -12.83 18.15
CA LEU A 136 -38.02 -13.90 17.49
C LEU A 136 -36.68 -13.36 16.99
N ALA A 137 -35.62 -14.15 17.15
CA ALA A 137 -34.34 -13.85 16.52
C ALA A 137 -33.77 -15.14 15.92
N MET A 138 -32.89 -14.98 14.93
CA MET A 138 -32.35 -16.11 14.21
C MET A 138 -30.93 -15.81 13.77
N THR A 139 -30.16 -16.89 13.57
CA THR A 139 -28.82 -16.82 13.01
C THR A 139 -28.60 -18.12 12.27
N GLY A 140 -27.94 -18.05 11.12
CA GLY A 140 -27.74 -19.25 10.34
C GLY A 140 -27.36 -18.91 8.91
N GLU A 141 -26.29 -19.51 8.40
CA GLU A 141 -25.92 -19.32 7.01
C GLU A 141 -26.86 -20.14 6.12
N VAL A 142 -27.25 -19.58 4.99
CA VAL A 142 -28.14 -20.28 4.06
C VAL A 142 -27.35 -20.64 2.80
N SER A 143 -27.48 -21.88 2.34
CA SER A 143 -26.88 -22.22 1.06
C SER A 143 -27.84 -21.85 -0.09
N LEU A 144 -27.35 -22.00 -1.33
CA LEU A 144 -28.17 -21.64 -2.48
C LEU A 144 -29.45 -22.48 -2.57
N THR A 145 -29.44 -23.71 -2.06
CA THR A 145 -30.64 -24.53 -2.07
C THR A 145 -31.45 -24.44 -0.78
N GLY A 146 -31.09 -23.54 0.13
CA GLY A 146 -31.85 -23.36 1.35
C GLY A 146 -31.39 -24.18 2.54
N LYS A 147 -30.28 -24.92 2.42
CA LYS A 147 -29.73 -25.60 3.58
C LYS A 147 -29.24 -24.55 4.58
N ILE A 148 -29.40 -24.85 5.87
CA ILE A 148 -28.96 -23.96 6.95
C ILE A 148 -27.66 -24.52 7.52
N LEU A 149 -26.59 -23.73 7.46
CA LEU A 149 -25.27 -24.20 7.84
C LEU A 149 -24.85 -23.61 9.19
N PRO A 150 -23.98 -24.29 9.94
CA PRO A 150 -23.62 -23.80 11.28
C PRO A 150 -22.86 -22.48 11.22
N VAL A 151 -22.90 -21.76 12.34
CA VAL A 151 -22.32 -20.44 12.47
C VAL A 151 -21.50 -20.40 13.76
N GLY A 152 -20.71 -19.34 13.92
CA GLY A 152 -19.94 -19.14 15.13
C GLY A 152 -20.68 -18.25 16.13
N GLY A 153 -20.12 -18.16 17.33
CA GLY A 153 -20.62 -17.26 18.35
C GLY A 153 -21.96 -17.62 18.97
N ILE A 154 -22.38 -18.89 18.88
CA ILE A 154 -23.71 -19.27 19.37
C ILE A 154 -23.84 -18.96 20.84
N LYS A 155 -22.81 -19.23 21.63
CA LYS A 155 -22.90 -18.94 23.07
C LYS A 155 -23.12 -17.45 23.31
N GLU A 156 -22.31 -16.61 22.67
CA GLU A 156 -22.43 -15.18 22.83
C GLU A 156 -23.76 -14.66 22.27
N LYS A 157 -24.18 -15.19 21.12
CA LYS A 157 -25.41 -14.72 20.50
C LYS A 157 -26.62 -15.06 21.35
N THR A 158 -26.63 -16.27 21.93
CA THR A 158 -27.75 -16.70 22.77
C THR A 158 -27.83 -15.87 24.02
N ILE A 159 -26.69 -15.56 24.64
CA ILE A 159 -26.71 -14.69 25.81
C ILE A 159 -27.29 -13.33 25.45
N ALA A 160 -26.87 -12.79 24.29
CA ALA A 160 -27.37 -11.49 23.84
C ALA A 160 -28.87 -11.56 23.54
N ALA A 161 -29.33 -12.63 22.91
CA ALA A 161 -30.76 -12.77 22.66
C ALA A 161 -31.54 -12.76 23.97
N LYS A 162 -31.07 -13.53 24.95
CA LYS A 162 -31.74 -13.59 26.25
C LYS A 162 -31.81 -12.21 26.89
N ARG A 163 -30.69 -11.48 26.87
CA ARG A 163 -30.69 -10.15 27.47
C ARG A 163 -31.63 -9.21 26.74
N ALA A 164 -31.85 -9.41 25.45
CA ALA A 164 -32.74 -8.52 24.71
C ALA A 164 -34.21 -8.93 24.81
N GLY A 165 -34.55 -9.92 25.63
CA GLY A 165 -35.94 -10.34 25.77
C GLY A 165 -36.45 -11.24 24.65
N VAL A 166 -35.57 -11.80 23.83
CA VAL A 166 -35.98 -12.77 22.83
C VAL A 166 -36.46 -14.02 23.51
N THR A 167 -37.61 -14.53 23.07
CA THR A 167 -38.17 -15.76 23.66
C THR A 167 -38.21 -16.91 22.68
N CYS A 168 -37.95 -16.65 21.40
CA CYS A 168 -37.96 -17.68 20.38
C CYS A 168 -36.70 -17.47 19.55
N ILE A 169 -35.84 -18.48 19.50
CA ILE A 169 -34.54 -18.34 18.87
C ILE A 169 -34.34 -19.50 17.90
N VAL A 170 -33.90 -19.18 16.69
CA VAL A 170 -33.74 -20.14 15.61
C VAL A 170 -32.24 -20.28 15.35
N LEU A 171 -31.74 -21.51 15.41
CA LEU A 171 -30.30 -21.80 15.34
C LEU A 171 -30.08 -22.98 14.41
N PRO A 172 -28.92 -23.06 13.77
CA PRO A 172 -28.59 -24.26 12.98
C PRO A 172 -28.54 -25.48 13.87
N ALA A 173 -29.08 -26.59 13.37
CA ALA A 173 -29.08 -27.85 14.12
C ALA A 173 -27.67 -28.28 14.47
N GLU A 174 -26.68 -27.98 13.63
CA GLU A 174 -25.33 -28.41 13.95
C GLU A 174 -24.67 -27.55 15.03
N ASN A 175 -25.35 -26.53 15.53
CA ASN A 175 -24.86 -25.75 16.67
C ASN A 175 -25.49 -26.15 18.00
N LYS A 176 -26.14 -27.32 18.07
CA LYS A 176 -26.75 -27.74 19.33
C LYS A 176 -25.71 -27.80 20.45
N LYS A 177 -24.53 -28.33 20.14
CA LYS A 177 -23.52 -28.50 21.18
C LYS A 177 -23.16 -27.16 21.83
N ASP A 178 -23.06 -26.09 21.03
CA ASP A 178 -22.74 -24.78 21.58
C ASP A 178 -23.84 -24.27 22.50
N PHE A 179 -25.10 -24.46 22.11
CA PHE A 179 -26.24 -24.06 22.94
C PHE A 179 -26.19 -24.76 24.30
N TYR A 180 -25.89 -26.05 24.32
CA TYR A 180 -25.89 -26.80 25.57
C TYR A 180 -24.58 -26.66 26.35
N ASP A 181 -23.61 -25.88 25.85
CA ASP A 181 -22.48 -25.45 26.67
C ASP A 181 -22.82 -24.30 27.61
N LEU A 182 -24.00 -23.69 27.48
CA LEU A 182 -24.40 -22.58 28.33
C LEU A 182 -25.04 -23.09 29.61
N ALA A 183 -24.89 -22.31 30.67
CA ALA A 183 -25.54 -22.65 31.93
C ALA A 183 -27.05 -22.74 31.74
N ALA A 184 -27.68 -23.63 32.52
CA ALA A 184 -29.11 -23.87 32.36
C ALA A 184 -29.94 -22.62 32.59
N PHE A 185 -29.54 -21.77 33.55
CA PHE A 185 -30.36 -20.59 33.83
C PHE A 185 -30.42 -19.62 32.65
N ILE A 186 -29.50 -19.71 31.70
CA ILE A 186 -29.55 -18.82 30.55
C ILE A 186 -30.59 -19.29 29.53
N THR A 187 -30.57 -20.57 29.19
CA THR A 187 -31.42 -21.11 28.14
C THR A 187 -32.80 -21.57 28.62
N GLU A 188 -33.02 -21.68 29.92
CA GLU A 188 -34.29 -22.18 30.45
C GLU A 188 -35.49 -21.40 29.91
N GLY A 189 -36.50 -22.15 29.45
CA GLY A 189 -37.73 -21.68 28.83
C GLY A 189 -37.64 -20.96 27.50
N LEU A 190 -36.44 -20.77 26.94
CA LEU A 190 -36.32 -20.33 25.56
C LEU A 190 -36.99 -21.35 24.64
N GLU A 191 -37.85 -20.87 23.75
CA GLU A 191 -38.32 -21.71 22.66
C GLU A 191 -37.23 -21.76 21.60
N VAL A 192 -36.48 -22.86 21.56
CA VAL A 192 -35.32 -22.96 20.69
C VAL A 192 -35.70 -23.89 19.55
N HIS A 193 -35.36 -23.50 18.34
CA HIS A 193 -35.61 -24.31 17.15
C HIS A 193 -34.28 -24.53 16.47
N PHE A 194 -33.89 -25.81 16.35
CA PHE A 194 -32.67 -26.21 15.68
C PHE A 194 -33.10 -26.66 14.29
N VAL A 195 -32.58 -26.01 13.26
CA VAL A 195 -33.13 -26.18 11.91
C VAL A 195 -32.02 -26.60 10.96
N GLU A 196 -32.43 -27.31 9.90
CA GLU A 196 -31.53 -27.70 8.82
C GLU A 196 -31.91 -27.15 7.46
N HIS A 197 -33.15 -26.67 7.28
CA HIS A 197 -33.61 -26.16 5.99
C HIS A 197 -34.40 -24.89 6.21
N TYR A 198 -34.34 -23.98 5.22
CA TYR A 198 -35.00 -22.70 5.41
C TYR A 198 -36.51 -22.88 5.63
N ARG A 199 -37.12 -23.88 4.98
CA ARG A 199 -38.57 -24.01 5.09
C ARG A 199 -39.02 -24.19 6.55
N GLU A 200 -38.17 -24.79 7.39
CA GLU A 200 -38.48 -24.87 8.81
C GLU A 200 -38.51 -23.48 9.43
N ILE A 201 -37.57 -22.62 9.03
CA ILE A 201 -37.55 -21.26 9.53
C ILE A 201 -38.83 -20.53 9.10
N PHE A 202 -39.19 -20.68 7.82
CA PHE A 202 -40.41 -20.02 7.32
C PHE A 202 -41.63 -20.32 8.18
N ASP A 203 -41.82 -21.60 8.54
CA ASP A 203 -42.99 -21.98 9.32
C ASP A 203 -42.94 -21.37 10.72
N ILE A 204 -41.74 -21.16 11.29
CA ILE A 204 -41.64 -20.53 12.60
C ILE A 204 -41.91 -19.04 12.51
N ALA A 205 -41.36 -18.38 11.49
CA ALA A 205 -41.49 -16.92 11.39
C ALA A 205 -42.88 -16.50 10.96
N PHE A 206 -43.56 -17.33 10.16
CA PHE A 206 -44.87 -17.02 9.59
C PHE A 206 -45.84 -18.15 9.87
N PRO A 207 -46.24 -18.33 11.14
CA PRO A 207 -47.13 -19.43 11.54
C PRO A 207 -48.57 -19.36 10.99
N GLU B 13 24.50 34.18 -11.01
CA GLU B 13 23.24 33.59 -10.59
C GLU B 13 23.47 32.19 -10.03
N ARG B 14 24.07 32.13 -8.83
CA ARG B 14 24.32 30.87 -8.16
C ARG B 14 24.57 31.15 -6.68
N MET B 15 24.51 30.07 -5.89
CA MET B 15 24.54 30.18 -4.43
C MET B 15 25.89 30.66 -3.91
N TYR B 16 26.99 30.19 -4.50
CA TYR B 16 28.35 30.64 -4.19
C TYR B 16 28.91 31.38 -5.40
N ASP B 17 29.39 32.59 -5.18
CA ASP B 17 30.19 33.25 -6.21
C ASP B 17 31.62 32.75 -6.15
N VAL B 18 32.20 32.73 -4.96
CA VAL B 18 33.53 32.17 -4.70
C VAL B 18 33.35 30.99 -3.76
N THR B 19 33.89 29.81 -4.16
CA THR B 19 33.70 28.63 -3.30
C THR B 19 34.84 28.54 -2.29
N PRO B 20 34.56 28.33 -1.01
CA PRO B 20 35.64 28.07 -0.05
C PRO B 20 36.06 26.61 -0.10
N PRO B 21 37.07 26.22 0.68
CA PRO B 21 37.48 24.81 0.67
C PRO B 21 36.30 23.92 1.06
N GLY B 22 36.20 22.77 0.41
CA GLY B 22 35.13 21.83 0.69
C GLY B 22 33.81 22.06 -0.03
N VAL B 23 33.75 23.03 -0.94
CA VAL B 23 32.53 23.36 -1.68
C VAL B 23 32.82 23.26 -3.17
N VAL B 24 31.98 22.52 -3.90
CA VAL B 24 32.18 22.26 -5.32
C VAL B 24 30.84 22.37 -6.04
N MET B 25 30.86 22.97 -7.23
CA MET B 25 29.64 23.11 -8.01
C MET B 25 29.38 21.86 -8.84
N GLY B 26 28.20 21.25 -8.67
CA GLY B 26 27.77 20.16 -9.51
C GLY B 26 26.61 20.61 -10.40
N LEU B 27 26.08 19.64 -11.14
CA LEU B 27 25.07 19.92 -12.17
C LEU B 27 23.98 18.87 -12.11
N ALA B 28 22.72 19.29 -12.24
CA ALA B 28 21.60 18.37 -12.17
C ALA B 28 20.62 18.65 -13.31
N TRP B 29 19.67 17.73 -13.53
CA TRP B 29 18.61 18.03 -14.48
C TRP B 29 17.33 17.30 -14.11
N THR B 30 16.27 17.79 -14.75
CA THR B 30 14.92 17.17 -14.70
C THR B 30 14.39 17.24 -16.14
N ALA B 31 13.15 16.81 -16.37
CA ALA B 31 12.52 16.92 -17.70
C ALA B 31 12.35 18.38 -18.08
N MET B 32 12.33 19.28 -17.10
CA MET B 32 12.14 20.74 -17.34
C MET B 32 13.44 21.45 -17.71
N GLY B 33 14.58 20.81 -17.45
CA GLY B 33 15.88 21.41 -17.81
C GLY B 33 16.96 21.16 -16.77
N GLY B 34 18.10 21.84 -16.93
CA GLY B 34 19.21 21.65 -16.03
C GLY B 34 19.26 22.69 -14.93
N SER B 35 20.10 22.44 -13.95
CA SER B 35 20.34 23.40 -12.89
C SER B 35 21.72 23.12 -12.30
N THR B 36 22.28 24.11 -11.64
CA THR B 36 23.51 23.95 -10.89
C THR B 36 23.15 23.71 -9.43
N LEU B 37 24.08 23.10 -8.70
CA LEU B 37 23.95 23.00 -7.26
C LEU B 37 25.34 22.86 -6.66
N PHE B 38 25.42 22.96 -5.35
CA PHE B 38 26.70 22.90 -4.67
C PHE B 38 26.72 21.76 -3.67
N VAL B 39 27.80 20.99 -3.68
CA VAL B 39 28.10 20.07 -2.61
C VAL B 39 28.88 20.84 -1.55
N GLU B 40 28.39 20.79 -0.31
CA GLU B 40 29.03 21.40 0.84
C GLU B 40 29.58 20.31 1.73
N THR B 41 30.78 20.53 2.28
CA THR B 41 31.31 19.63 3.30
C THR B 41 31.91 20.46 4.41
N SER B 42 31.95 19.88 5.61
CA SER B 42 32.58 20.51 6.76
C SER B 42 33.03 19.40 7.71
N LEU B 43 33.94 19.73 8.61
CA LEU B 43 34.51 18.66 9.42
C LEU B 43 34.85 19.14 10.81
N ARG B 44 34.93 18.17 11.72
CA ARG B 44 35.30 18.39 13.11
C ARG B 44 36.40 17.40 13.47
N ARG B 45 37.57 17.92 13.84
CA ARG B 45 38.67 17.10 14.33
C ARG B 45 38.27 16.30 15.57
N ASP B 56 38.43 6.04 14.10
CA ASP B 56 38.20 6.23 12.68
C ASP B 56 37.17 7.33 12.42
N GLY B 57 37.23 7.93 11.23
CA GLY B 57 36.35 9.01 10.87
C GLY B 57 34.98 8.53 10.47
N SER B 58 34.15 9.47 10.04
CA SER B 58 32.81 9.14 9.60
C SER B 58 32.34 10.21 8.63
N LEU B 59 31.32 9.85 7.84
CA LEU B 59 30.69 10.76 6.89
C LEU B 59 29.18 10.72 7.11
N GLU B 60 28.62 11.86 7.49
CA GLU B 60 27.15 12.00 7.66
C GLU B 60 26.65 12.80 6.46
N VAL B 61 25.60 12.32 5.80
CA VAL B 61 25.13 12.96 4.54
C VAL B 61 23.72 13.51 4.67
N THR B 62 23.51 14.71 4.15
CA THR B 62 22.18 15.38 4.22
C THR B 62 21.84 15.99 2.86
N GLY B 63 20.56 16.28 2.64
CA GLY B 63 20.12 16.93 1.42
C GLY B 63 19.02 16.18 0.69
N GLN B 64 18.28 15.32 1.39
CA GLN B 64 17.21 14.53 0.77
C GLN B 64 17.73 13.69 -0.39
N LEU B 65 18.83 12.97 -0.13
CA LEU B 65 19.47 12.18 -1.16
C LEU B 65 18.81 10.82 -1.30
N GLY B 66 18.54 10.39 -2.54
CA GLY B 66 18.04 9.05 -2.77
C GLY B 66 19.12 8.00 -2.57
N GLU B 67 18.71 6.72 -2.63
CA GLU B 67 19.60 5.60 -2.30
C GLU B 67 20.81 5.53 -3.22
N VAL B 68 20.60 5.72 -4.52
CA VAL B 68 21.72 5.67 -5.47
C VAL B 68 22.72 6.76 -5.15
N MET B 69 22.23 7.97 -4.82
CA MET B 69 23.13 9.08 -4.51
C MET B 69 23.86 8.85 -3.18
N LYS B 70 23.18 8.26 -2.19
CA LYS B 70 23.85 7.91 -0.94
C LYS B 70 24.98 6.89 -1.18
N GLU B 71 24.72 5.89 -2.03
CA GLU B 71 25.78 4.92 -2.36
C GLU B 71 26.92 5.62 -3.08
N SER B 72 26.61 6.55 -3.97
CA SER B 72 27.69 7.27 -4.65
C SER B 72 28.53 8.07 -3.66
N ALA B 73 27.89 8.62 -2.62
CA ALA B 73 28.66 9.29 -1.58
C ALA B 73 29.57 8.32 -0.84
N ARG B 74 29.10 7.09 -0.57
CA ARG B 74 29.96 6.09 0.08
C ARG B 74 31.15 5.73 -0.80
N ILE B 75 30.92 5.50 -2.09
CA ILE B 75 32.00 5.18 -3.01
C ILE B 75 33.00 6.33 -3.08
N ALA B 76 32.49 7.57 -3.20
CA ALA B 76 33.36 8.74 -3.29
C ALA B 76 34.22 8.89 -2.03
N TYR B 77 33.62 8.63 -0.87
CA TYR B 77 34.33 8.71 0.40
C TYR B 77 35.44 7.66 0.46
N THR B 78 35.12 6.42 0.08
CA THR B 78 36.12 5.36 0.05
C THR B 78 37.27 5.69 -0.91
N PHE B 79 36.94 6.12 -2.13
CA PHE B 79 37.98 6.42 -3.10
C PHE B 79 38.78 7.65 -2.69
N ALA B 80 38.11 8.70 -2.19
CA ALA B 80 38.84 9.89 -1.77
C ALA B 80 39.87 9.57 -0.69
N ARG B 81 39.50 8.74 0.28
CA ARG B 81 40.47 8.33 1.29
C ARG B 81 41.67 7.66 0.66
N ALA B 82 41.43 6.74 -0.28
CA ALA B 82 42.54 6.04 -0.92
C ALA B 82 43.35 7.01 -1.78
N PHE B 83 42.68 7.93 -2.49
CA PHE B 83 43.38 8.89 -3.33
C PHE B 83 44.27 9.79 -2.51
N LEU B 84 43.79 10.26 -1.36
CA LEU B 84 44.62 11.16 -0.50
C LEU B 84 45.78 10.40 0.14
N MET B 85 45.62 9.10 0.42
CA MET B 85 46.72 8.29 1.02
C MET B 85 47.90 8.25 0.04
N GLN B 86 47.62 8.11 -1.25
CA GLN B 86 48.67 8.06 -2.29
C GLN B 86 49.21 9.47 -2.57
N HIS B 87 48.35 10.48 -2.61
CA HIS B 87 48.83 11.80 -2.99
C HIS B 87 49.47 12.56 -1.84
N ALA B 88 49.03 12.34 -0.60
CA ALA B 88 49.52 13.09 0.55
C ALA B 88 49.44 12.20 1.78
N PRO B 89 50.34 11.23 1.89
CA PRO B 89 50.24 10.23 2.96
C PRO B 89 50.26 10.80 4.37
N ALA B 90 50.81 11.99 4.58
CA ALA B 90 50.82 12.57 5.91
C ALA B 90 49.50 13.22 6.31
N ASN B 91 48.56 13.38 5.38
CA ASN B 91 47.29 14.05 5.66
C ASN B 91 46.28 12.99 6.10
N ASP B 92 45.90 13.02 7.38
CA ASP B 92 44.99 12.04 7.94
C ASP B 92 43.56 12.56 8.12
N TYR B 93 43.22 13.71 7.52
CA TYR B 93 41.92 14.32 7.81
C TYR B 93 40.77 13.42 7.36
N LEU B 94 40.91 12.74 6.23
CA LEU B 94 39.79 11.93 5.78
C LEU B 94 39.68 10.61 6.54
N VAL B 95 40.72 10.23 7.29
CA VAL B 95 40.66 8.99 8.04
C VAL B 95 40.17 9.21 9.47
N THR B 96 40.45 10.38 10.05
CA THR B 96 40.13 10.60 11.45
C THR B 96 38.98 11.57 11.70
N SER B 97 38.58 12.39 10.73
CA SER B 97 37.64 13.45 11.02
C SER B 97 36.21 12.97 10.90
N HIS B 98 35.33 13.64 11.63
CA HIS B 98 33.89 13.48 11.48
C HIS B 98 33.43 14.51 10.48
N ILE B 99 33.06 14.06 9.30
CA ILE B 99 32.78 14.94 8.18
C ILE B 99 31.27 14.95 7.93
N HIS B 100 30.75 16.10 7.54
CA HIS B 100 29.35 16.26 7.18
CA HIS B 100 29.36 16.25 7.17
C HIS B 100 29.29 16.70 5.72
N LEU B 101 28.43 16.07 4.95
CA LEU B 101 28.24 16.42 3.55
C LEU B 101 26.80 16.84 3.37
N HIS B 102 26.58 17.97 2.69
CA HIS B 102 25.22 18.47 2.50
C HIS B 102 25.06 18.97 1.08
N VAL B 103 23.88 18.74 0.51
CA VAL B 103 23.55 19.25 -0.81
C VAL B 103 22.28 20.09 -0.72
N PRO B 104 22.39 21.41 -0.54
CA PRO B 104 21.18 22.25 -0.59
C PRO B 104 20.68 22.32 -2.02
N GLU B 105 19.44 22.77 -2.19
CA GLU B 105 18.54 23.19 -1.13
C GLU B 105 17.96 21.98 -0.38
N GLY B 106 17.70 22.18 0.91
CA GLY B 106 17.40 21.06 1.80
C GLY B 106 16.11 20.31 1.51
N ALA B 107 15.08 21.01 1.01
CA ALA B 107 13.78 20.38 0.78
C ALA B 107 13.68 19.68 -0.58
N THR B 108 14.63 19.90 -1.49
CA THR B 108 14.52 19.39 -2.86
C THR B 108 15.04 17.95 -2.91
N PRO B 109 14.23 16.96 -3.30
CA PRO B 109 14.77 15.60 -3.44
C PRO B 109 15.82 15.53 -4.53
N LYS B 110 16.88 14.73 -4.29
CA LYS B 110 17.98 14.55 -5.23
C LYS B 110 18.34 13.08 -5.30
N ASP B 111 18.80 12.64 -6.48
CA ASP B 111 19.21 11.25 -6.65
C ASP B 111 20.11 11.14 -7.87
N GLY B 112 20.72 9.96 -8.03
CA GLY B 112 21.57 9.68 -9.17
C GLY B 112 23.03 9.57 -8.80
N PRO B 113 23.81 8.96 -9.69
CA PRO B 113 25.24 8.74 -9.40
C PRO B 113 26.17 9.81 -9.94
N SER B 114 25.65 10.84 -10.62
CA SER B 114 26.48 11.71 -11.44
C SER B 114 27.22 12.78 -10.63
N ALA B 115 26.97 12.89 -9.33
CA ALA B 115 27.76 13.78 -8.49
C ALA B 115 28.91 13.06 -7.81
N GLY B 116 29.21 11.82 -8.21
CA GLY B 116 30.34 11.11 -7.66
C GLY B 116 31.65 11.87 -7.71
N CYS B 117 32.10 12.31 -8.88
CA CYS B 117 33.32 13.15 -8.93
C CYS B 117 33.18 14.41 -8.08
N THR B 118 32.02 15.07 -8.15
CA THR B 118 31.85 16.29 -7.36
C THR B 118 32.12 16.03 -5.86
N ILE B 119 31.62 14.92 -5.35
CA ILE B 119 31.80 14.60 -3.94
C ILE B 119 33.25 14.25 -3.63
N VAL B 120 33.91 13.47 -4.50
CA VAL B 120 35.33 13.21 -4.30
C VAL B 120 36.08 14.54 -4.17
N THR B 121 35.82 15.46 -5.10
CA THR B 121 36.52 16.74 -5.13
C THR B 121 36.25 17.54 -3.87
N ALA B 122 35.00 17.56 -3.42
CA ALA B 122 34.67 18.32 -2.21
C ALA B 122 35.42 17.78 -1.00
N LEU B 123 35.45 16.45 -0.85
CA LEU B 123 36.15 15.86 0.29
C LEU B 123 37.65 16.16 0.24
N LEU B 124 38.26 16.03 -0.95
CA LEU B 124 39.68 16.35 -1.09
C LEU B 124 39.93 17.84 -0.86
N SER B 125 39.08 18.70 -1.43
CA SER B 125 39.19 20.14 -1.17
C SER B 125 39.19 20.43 0.32
N LEU B 126 38.23 19.86 1.05
CA LEU B 126 38.17 20.07 2.49
C LEU B 126 39.42 19.55 3.19
N ALA B 127 39.85 18.33 2.86
CA ALA B 127 40.97 17.73 3.58
C ALA B 127 42.28 18.48 3.33
N MET B 128 42.44 19.07 2.15
CA MET B 128 43.64 19.85 1.83
C MET B 128 43.51 21.31 2.22
N GLY B 129 42.35 21.77 2.68
CA GLY B 129 42.19 23.19 2.96
C GLY B 129 42.37 24.08 1.75
N ARG B 130 42.02 23.59 0.55
CA ARG B 130 42.28 24.32 -0.67
C ARG B 130 41.01 24.41 -1.51
N PRO B 131 40.58 25.60 -1.89
CA PRO B 131 39.37 25.69 -2.73
C PRO B 131 39.67 25.14 -4.12
N VAL B 132 38.61 24.67 -4.78
CA VAL B 132 38.76 24.29 -6.18
C VAL B 132 38.79 25.54 -7.05
N ARG B 133 39.31 25.37 -8.26
CA ARG B 133 39.29 26.44 -9.26
C ARG B 133 37.91 27.10 -9.35
N GLN B 134 37.89 28.42 -9.47
CA GLN B 134 36.64 29.18 -9.49
C GLN B 134 35.94 29.04 -10.84
N ASN B 135 34.61 29.17 -10.83
CA ASN B 135 33.81 29.08 -12.05
C ASN B 135 33.97 27.72 -12.73
N LEU B 136 34.17 26.68 -11.94
CA LEU B 136 34.28 25.31 -12.44
C LEU B 136 33.05 24.52 -12.03
N ALA B 137 32.57 23.68 -12.94
CA ALA B 137 31.53 22.72 -12.61
C ALA B 137 31.88 21.36 -13.21
N MET B 138 31.32 20.30 -12.63
CA MET B 138 31.64 18.95 -13.10
C MET B 138 30.42 18.05 -12.94
N THR B 139 30.39 16.99 -13.74
CA THR B 139 29.40 15.94 -13.58
C THR B 139 30.06 14.67 -14.07
N GLY B 140 29.78 13.56 -13.39
CA GLY B 140 30.43 12.31 -13.74
C GLY B 140 30.31 11.29 -12.62
N GLU B 141 29.91 10.08 -12.96
CA GLU B 141 29.87 8.99 -12.00
C GLU B 141 31.28 8.47 -11.74
N VAL B 142 31.59 8.14 -10.50
CA VAL B 142 32.90 7.60 -10.14
C VAL B 142 32.72 6.15 -9.71
N SER B 143 33.57 5.27 -10.24
CA SER B 143 33.65 3.89 -9.80
C SER B 143 34.56 3.78 -8.59
N LEU B 144 34.56 2.60 -7.97
CA LEU B 144 35.35 2.40 -6.76
C LEU B 144 36.84 2.59 -7.00
N THR B 145 37.32 2.35 -8.21
CA THR B 145 38.73 2.54 -8.54
C THR B 145 39.01 3.90 -9.17
N GLY B 146 38.03 4.80 -9.22
CA GLY B 146 38.26 6.13 -9.76
C GLY B 146 37.98 6.30 -11.25
N LYS B 147 37.46 5.29 -11.94
CA LYS B 147 37.04 5.49 -13.31
C LYS B 147 35.85 6.45 -13.35
N ILE B 148 35.79 7.27 -14.39
CA ILE B 148 34.71 8.24 -14.58
C ILE B 148 33.75 7.70 -15.62
N LEU B 149 32.49 7.51 -15.24
CA LEU B 149 31.53 6.89 -16.15
C LEU B 149 30.55 7.92 -16.70
N PRO B 150 29.99 7.67 -17.88
CA PRO B 150 29.12 8.67 -18.53
C PRO B 150 27.82 8.86 -17.76
N VAL B 151 27.18 10.02 -17.99
CA VAL B 151 26.00 10.44 -17.26
C VAL B 151 24.95 10.94 -18.26
N GLY B 152 23.73 11.14 -17.79
CA GLY B 152 22.69 11.68 -18.65
C GLY B 152 22.58 13.20 -18.49
N GLY B 153 21.75 13.80 -19.34
CA GLY B 153 21.40 15.21 -19.21
C GLY B 153 22.52 16.18 -19.54
N ILE B 154 23.52 15.75 -20.33
CA ILE B 154 24.67 16.61 -20.60
C ILE B 154 24.23 17.91 -21.25
N LYS B 155 23.32 17.84 -22.22
CA LYS B 155 22.90 19.07 -22.89
C LYS B 155 22.25 20.03 -21.89
N GLU B 156 21.31 19.55 -21.10
CA GLU B 156 20.64 20.41 -20.12
C GLU B 156 21.62 20.95 -19.07
N LYS B 157 22.51 20.10 -18.58
CA LYS B 157 23.46 20.52 -17.56
C LYS B 157 24.42 21.58 -18.11
N THR B 158 24.88 21.39 -19.35
CA THR B 158 25.82 22.35 -19.93
C THR B 158 25.15 23.71 -20.13
N ILE B 159 23.90 23.71 -20.59
CA ILE B 159 23.18 24.96 -20.74
C ILE B 159 23.06 25.66 -19.40
N ALA B 160 22.71 24.92 -18.35
CA ALA B 160 22.56 25.55 -17.04
C ALA B 160 23.90 26.07 -16.52
N ALA B 161 24.98 25.31 -16.73
CA ALA B 161 26.32 25.78 -16.36
C ALA B 161 26.65 27.09 -17.06
N LYS B 162 26.43 27.14 -18.37
CA LYS B 162 26.71 28.36 -19.10
C LYS B 162 25.91 29.53 -18.52
N ARG B 163 24.62 29.31 -18.20
CA ARG B 163 23.80 30.37 -17.65
C ARG B 163 24.29 30.85 -16.30
N ALA B 164 24.90 29.97 -15.52
CA ALA B 164 25.37 30.33 -14.18
C ALA B 164 26.77 30.94 -14.20
N GLY B 165 27.33 31.21 -15.37
CA GLY B 165 28.65 31.79 -15.44
C GLY B 165 29.79 30.80 -15.31
N VAL B 166 29.53 29.50 -15.45
CA VAL B 166 30.61 28.53 -15.47
C VAL B 166 31.46 28.75 -16.72
N THR B 167 32.77 28.77 -16.55
CA THR B 167 33.66 28.88 -17.71
C THR B 167 34.55 27.66 -17.91
N CYS B 168 34.55 26.71 -16.98
CA CYS B 168 35.33 25.48 -17.11
C CYS B 168 34.45 24.32 -16.66
N ILE B 169 34.22 23.36 -17.55
CA ILE B 169 33.29 22.28 -17.28
C ILE B 169 33.99 20.95 -17.54
N VAL B 170 33.81 20.02 -16.62
CA VAL B 170 34.47 18.72 -16.67
C VAL B 170 33.39 17.66 -16.85
N LEU B 171 33.54 16.84 -17.90
CA LEU B 171 32.53 15.87 -18.33
C LEU B 171 33.20 14.53 -18.60
N PRO B 172 32.46 13.43 -18.47
CA PRO B 172 33.01 12.12 -18.85
C PRO B 172 33.30 12.06 -20.36
N ALA B 173 34.42 11.42 -20.70
CA ALA B 173 34.85 11.36 -22.10
C ALA B 173 33.79 10.75 -23.01
N GLU B 174 33.01 9.80 -22.50
CA GLU B 174 31.98 9.19 -23.32
C GLU B 174 30.77 10.10 -23.50
N ASN B 175 30.72 11.27 -22.86
CA ASN B 175 29.68 12.25 -23.11
C ASN B 175 30.11 13.32 -24.11
N LYS B 176 31.25 13.13 -24.78
CA LYS B 176 31.71 14.09 -25.76
C LYS B 176 30.64 14.31 -26.85
N LYS B 177 30.01 13.22 -27.31
CA LYS B 177 29.01 13.35 -28.36
C LYS B 177 27.87 14.26 -27.93
N ASP B 178 27.43 14.14 -26.66
CA ASP B 178 26.33 14.96 -26.15
C ASP B 178 26.70 16.43 -26.11
N PHE B 179 27.91 16.75 -25.64
CA PHE B 179 28.32 18.16 -25.56
C PHE B 179 28.29 18.82 -26.93
N TYR B 180 28.80 18.15 -27.95
CA TYR B 180 28.89 18.75 -29.28
C TYR B 180 27.58 18.62 -30.08
N ASP B 181 26.53 18.06 -29.50
CA ASP B 181 25.18 18.18 -30.04
C ASP B 181 24.57 19.54 -29.75
N LEU B 182 25.21 20.38 -28.96
CA LEU B 182 24.70 21.70 -28.62
C LEU B 182 25.10 22.74 -29.67
N ALA B 183 24.29 23.78 -29.78
CA ALA B 183 24.61 24.87 -30.69
C ALA B 183 25.96 25.49 -30.33
N ALA B 184 26.66 25.96 -31.36
CA ALA B 184 28.01 26.49 -31.18
C ALA B 184 28.02 27.70 -30.25
N PHE B 185 26.97 28.53 -30.30
CA PHE B 185 26.96 29.70 -29.42
C PHE B 185 26.91 29.27 -27.95
N ILE B 186 26.50 28.03 -27.68
CA ILE B 186 26.48 27.53 -26.31
C ILE B 186 27.85 27.03 -25.88
N THR B 187 28.49 26.22 -26.73
CA THR B 187 29.82 25.64 -26.43
C THR B 187 30.87 26.76 -26.39
N GLU B 188 30.62 27.85 -27.10
CA GLU B 188 31.59 28.97 -27.18
C GLU B 188 31.84 29.51 -25.78
N GLY B 189 33.11 29.72 -25.44
CA GLY B 189 33.44 30.30 -24.13
C GLY B 189 33.57 29.23 -23.06
N LEU B 190 33.25 27.97 -23.36
CA LEU B 190 33.45 26.99 -22.30
C LEU B 190 34.77 26.27 -22.51
N GLU B 191 35.66 26.31 -21.51
CA GLU B 191 36.81 25.42 -21.48
C GLU B 191 36.33 24.06 -21.03
N VAL B 192 36.29 23.08 -21.94
CA VAL B 192 35.68 21.78 -21.67
C VAL B 192 36.78 20.72 -21.56
N HIS B 193 36.64 19.85 -20.57
CA HIS B 193 37.58 18.75 -20.34
C HIS B 193 36.79 17.45 -20.31
N PHE B 194 37.21 16.48 -21.12
CA PHE B 194 36.62 15.16 -21.19
C PHE B 194 37.58 14.18 -20.52
N VAL B 195 37.12 13.52 -19.46
CA VAL B 195 38.00 12.76 -18.58
C VAL B 195 37.52 11.33 -18.49
N GLU B 196 38.46 10.44 -18.17
CA GLU B 196 38.20 9.03 -17.94
C GLU B 196 38.59 8.54 -16.55
N HIS B 197 39.42 9.29 -15.82
CA HIS B 197 39.88 8.88 -14.51
C HIS B 197 39.84 10.08 -13.60
N TYR B 198 39.58 9.83 -12.30
CA TYR B 198 39.44 10.94 -11.37
C TYR B 198 40.71 11.79 -11.32
N ARG B 199 41.88 11.16 -11.42
CA ARG B 199 43.12 11.92 -11.37
C ARG B 199 43.15 13.06 -12.39
N GLU B 200 42.49 12.90 -13.54
CA GLU B 200 42.45 14.03 -14.48
C GLU B 200 41.63 15.19 -13.92
N ILE B 201 40.54 14.88 -13.22
CA ILE B 201 39.72 15.91 -12.57
C ILE B 201 40.53 16.61 -11.48
N PHE B 202 41.24 15.83 -10.65
CA PHE B 202 42.06 16.43 -9.61
C PHE B 202 43.00 17.49 -10.19
N ASP B 203 43.64 17.18 -11.32
CA ASP B 203 44.59 18.13 -11.90
C ASP B 203 43.91 19.40 -12.40
N ILE B 204 42.68 19.29 -12.88
CA ILE B 204 41.95 20.46 -13.34
C ILE B 204 41.44 21.28 -12.15
N ALA B 205 40.94 20.61 -11.11
CA ALA B 205 40.33 21.30 -9.99
C ALA B 205 41.36 21.94 -9.07
N PHE B 206 42.56 21.35 -8.97
CA PHE B 206 43.61 21.82 -8.08
C PHE B 206 44.90 22.00 -8.87
N PRO B 207 44.94 23.01 -9.75
CA PRO B 207 46.12 23.25 -10.58
C PRO B 207 47.32 23.70 -9.75
N ARG C 14 -22.89 32.34 9.77
CA ARG C 14 -23.30 31.12 9.03
C ARG C 14 -23.40 31.39 7.53
N MET C 15 -23.27 30.34 6.72
CA MET C 15 -23.32 30.46 5.23
C MET C 15 -24.69 31.00 4.79
N TYR C 16 -25.77 30.53 5.40
CA TYR C 16 -27.13 30.99 5.02
C TYR C 16 -27.82 31.67 6.20
N ASP C 17 -28.27 32.90 6.00
CA ASP C 17 -29.05 33.56 7.02
C ASP C 17 -30.50 33.07 6.99
N VAL C 18 -31.10 33.06 5.80
CA VAL C 18 -32.42 32.49 5.57
C VAL C 18 -32.27 31.35 4.58
N THR C 19 -32.80 30.18 4.94
CA THR C 19 -32.59 29.06 4.03
C THR C 19 -33.72 29.00 3.00
N PRO C 20 -33.40 28.78 1.72
CA PRO C 20 -34.45 28.56 0.72
C PRO C 20 -34.92 27.13 0.76
N PRO C 21 -35.90 26.77 -0.07
CA PRO C 21 -36.31 25.37 -0.14
C PRO C 21 -35.13 24.50 -0.55
N GLY C 22 -35.03 23.30 0.05
CA GLY C 22 -33.97 22.37 -0.27
C GLY C 22 -32.68 22.56 0.50
N VAL C 23 -32.64 23.50 1.44
CA VAL C 23 -31.44 23.80 2.22
C VAL C 23 -31.79 23.63 3.70
N VAL C 24 -30.96 22.86 4.42
CA VAL C 24 -31.21 22.58 5.83
C VAL C 24 -29.89 22.65 6.60
N MET C 25 -29.94 23.22 7.80
CA MET C 25 -28.74 23.31 8.63
C MET C 25 -28.53 22.01 9.40
N GLY C 26 -27.35 21.40 9.25
CA GLY C 26 -26.93 20.28 10.03
C GLY C 26 -25.77 20.65 10.94
N LEU C 27 -25.26 19.65 11.66
CA LEU C 27 -24.28 19.86 12.71
C LEU C 27 -23.18 18.81 12.62
N ALA C 28 -21.93 19.23 12.80
CA ALA C 28 -20.81 18.31 12.68
C ALA C 28 -19.86 18.56 13.84
N TRP C 29 -18.91 17.64 14.03
CA TRP C 29 -17.88 17.87 15.02
C TRP C 29 -16.60 17.14 14.64
N THR C 30 -15.51 17.63 15.23
CA THR C 30 -14.19 17.00 15.21
C THR C 30 -13.65 17.04 16.63
N ALA C 31 -12.44 16.53 16.82
CA ALA C 31 -11.77 16.64 18.11
C ALA C 31 -11.58 18.09 18.54
N MET C 32 -11.67 19.05 17.62
CA MET C 32 -11.45 20.49 17.94
C MET C 32 -12.75 21.20 18.35
N GLY C 33 -13.91 20.58 18.10
CA GLY C 33 -15.16 21.20 18.52
C GLY C 33 -16.23 21.00 17.46
N GLY C 34 -17.41 21.60 17.67
CA GLY C 34 -18.50 21.46 16.74
C GLY C 34 -18.52 22.57 15.70
N SER C 35 -19.36 22.37 14.69
CA SER C 35 -19.56 23.39 13.66
C SER C 35 -20.93 23.14 13.03
N THR C 36 -21.45 24.16 12.36
CA THR C 36 -22.66 24.00 11.57
C THR C 36 -22.26 23.78 10.11
N LEU C 37 -23.18 23.21 9.35
CA LEU C 37 -23.03 23.15 7.90
C LEU C 37 -24.41 23.04 7.29
N PHE C 38 -24.46 23.18 5.97
CA PHE C 38 -25.73 23.20 5.26
C PHE C 38 -25.73 22.10 4.21
N VAL C 39 -26.81 21.34 4.16
CA VAL C 39 -27.08 20.44 3.04
C VAL C 39 -27.87 21.22 2.00
N GLU C 40 -27.38 21.21 0.76
CA GLU C 40 -28.04 21.83 -0.37
C GLU C 40 -28.55 20.78 -1.34
N THR C 41 -29.73 21.02 -1.90
CA THR C 41 -30.27 20.17 -2.95
C THR C 41 -30.86 21.03 -4.05
N SER C 42 -30.89 20.47 -5.26
CA SER C 42 -31.56 21.11 -6.37
C SER C 42 -32.00 20.01 -7.32
N LEU C 43 -32.97 20.31 -8.18
CA LEU C 43 -33.55 19.24 -8.98
C LEU C 43 -33.89 19.76 -10.36
N ARG C 44 -33.94 18.84 -11.31
CA ARG C 44 -34.28 19.14 -12.69
C ARG C 44 -35.32 18.14 -13.19
N ARG C 45 -36.49 18.66 -13.58
CA ARG C 45 -37.50 17.84 -14.22
C ARG C 45 -36.98 17.30 -15.56
N PRO C 46 -37.28 16.04 -15.90
CA PRO C 46 -37.01 15.49 -17.24
C PRO C 46 -38.06 15.92 -18.27
N ASP C 56 -37.24 6.64 -14.16
CA ASP C 56 -37.29 7.06 -12.76
C ASP C 56 -36.26 8.15 -12.50
N GLY C 57 -36.39 8.81 -11.35
CA GLY C 57 -35.49 9.88 -10.97
C GLY C 57 -34.11 9.35 -10.64
N SER C 58 -33.27 10.25 -10.16
CA SER C 58 -31.91 9.90 -9.79
C SER C 58 -31.41 10.88 -8.75
N LEU C 59 -30.36 10.47 -8.04
CA LEU C 59 -29.70 11.29 -7.03
C LEU C 59 -28.20 11.29 -7.29
N GLU C 60 -27.63 12.48 -7.45
CA GLU C 60 -26.19 12.67 -7.50
C GLU C 60 -25.74 13.38 -6.23
N VAL C 61 -24.63 12.93 -5.62
CA VAL C 61 -24.17 13.46 -4.34
C VAL C 61 -22.73 13.97 -4.46
N THR C 62 -22.47 15.16 -3.91
CA THR C 62 -21.11 15.72 -3.87
C THR C 62 -20.87 16.34 -2.50
N GLY C 63 -19.61 16.67 -2.25
CA GLY C 63 -19.19 17.28 -1.01
C GLY C 63 -18.10 16.53 -0.28
N GLN C 64 -17.34 15.68 -0.98
CA GLN C 64 -16.27 14.87 -0.40
C GLN C 64 -16.79 14.01 0.75
N LEU C 65 -17.86 13.27 0.47
CA LEU C 65 -18.50 12.43 1.47
C LEU C 65 -17.78 11.10 1.57
N GLY C 66 -17.55 10.62 2.80
CA GLY C 66 -17.03 9.29 3.00
C GLY C 66 -18.11 8.23 2.77
N GLU C 67 -17.69 6.97 2.83
CA GLU C 67 -18.59 5.88 2.45
C GLU C 67 -19.81 5.80 3.38
N VAL C 68 -19.63 5.94 4.69
CA VAL C 68 -20.77 5.88 5.59
C VAL C 68 -21.77 7.00 5.28
N MET C 69 -21.27 8.21 5.02
CA MET C 69 -22.18 9.30 4.68
C MET C 69 -22.84 9.09 3.33
N LYS C 70 -22.12 8.53 2.36
CA LYS C 70 -22.74 8.24 1.07
C LYS C 70 -23.90 7.25 1.24
N GLU C 71 -23.69 6.22 2.05
CA GLU C 71 -24.78 5.28 2.34
C GLU C 71 -25.91 5.99 3.05
N SER C 72 -25.58 6.94 3.93
CA SER C 72 -26.61 7.68 4.63
C SER C 72 -27.48 8.48 3.67
N ALA C 73 -26.87 9.05 2.63
CA ALA C 73 -27.64 9.78 1.61
C ALA C 73 -28.54 8.84 0.81
N ARG C 74 -28.10 7.61 0.52
CA ARG C 74 -28.96 6.68 -0.22
C ARG C 74 -30.14 6.24 0.62
N ILE C 75 -29.90 5.95 1.90
CA ILE C 75 -31.00 5.58 2.80
C ILE C 75 -31.99 6.73 2.92
N ALA C 76 -31.46 7.95 3.12
CA ALA C 76 -32.30 9.13 3.26
C ALA C 76 -33.14 9.35 2.01
N TYR C 77 -32.52 9.13 0.84
CA TYR C 77 -33.23 9.30 -0.43
C TYR C 77 -34.34 8.28 -0.58
N THR C 78 -34.04 7.00 -0.31
CA THR C 78 -35.07 5.96 -0.38
C THR C 78 -36.22 6.25 0.58
N PHE C 79 -35.89 6.64 1.82
CA PHE C 79 -36.93 6.91 2.80
C PHE C 79 -37.73 8.13 2.43
N ALA C 80 -37.07 9.21 1.98
CA ALA C 80 -37.83 10.43 1.63
C ALA C 80 -38.81 10.15 0.50
N ARG C 81 -38.39 9.35 -0.49
CA ARG C 81 -39.33 8.98 -1.56
C ARG C 81 -40.55 8.28 -0.98
N ALA C 82 -40.33 7.30 -0.09
CA ALA C 82 -41.46 6.57 0.49
C ALA C 82 -42.28 7.47 1.41
N PHE C 83 -41.61 8.34 2.16
CA PHE C 83 -42.34 9.21 3.06
C PHE C 83 -43.25 10.16 2.29
N LEU C 84 -42.74 10.78 1.22
CA LEU C 84 -43.54 11.72 0.46
C LEU C 84 -44.65 11.01 -0.29
N MET C 85 -44.40 9.78 -0.75
CA MET C 85 -45.44 9.01 -1.41
C MET C 85 -46.59 8.72 -0.46
N GLN C 86 -46.26 8.48 0.81
CA GLN C 86 -47.30 8.23 1.83
C GLN C 86 -48.03 9.51 2.19
N HIS C 87 -47.31 10.60 2.41
CA HIS C 87 -47.91 11.80 2.96
CA HIS C 87 -47.86 11.82 2.96
C HIS C 87 -48.43 12.77 1.91
N ALA C 88 -47.92 12.71 0.68
CA ALA C 88 -48.36 13.60 -0.40
C ALA C 88 -48.35 12.83 -1.71
N PRO C 89 -49.29 11.90 -1.88
CA PRO C 89 -49.27 11.04 -3.07
C PRO C 89 -49.36 11.80 -4.38
N ALA C 90 -49.90 13.02 -4.39
CA ALA C 90 -50.00 13.81 -5.61
C ALA C 90 -48.67 14.46 -6.01
N ASN C 91 -47.67 14.46 -5.15
CA ASN C 91 -46.39 15.08 -5.43
C ASN C 91 -45.44 14.02 -6.01
N ASP C 92 -45.11 14.13 -7.30
CA ASP C 92 -44.24 13.15 -7.93
C ASP C 92 -42.80 13.64 -8.09
N TYR C 93 -42.43 14.73 -7.42
CA TYR C 93 -41.13 15.35 -7.68
C TYR C 93 -39.96 14.43 -7.35
N LEU C 94 -40.05 13.66 -6.25
CA LEU C 94 -38.92 12.82 -5.86
C LEU C 94 -38.84 11.54 -6.67
N VAL C 95 -39.88 11.18 -7.40
CA VAL C 95 -39.87 9.96 -8.19
C VAL C 95 -39.42 10.23 -9.62
N THR C 96 -39.63 11.45 -10.11
CA THR C 96 -39.32 11.76 -11.50
C THR C 96 -38.11 12.67 -11.68
N SER C 97 -37.63 13.34 -10.64
CA SER C 97 -36.64 14.39 -10.85
C SER C 97 -35.22 13.86 -10.77
N HIS C 98 -34.32 14.53 -11.48
CA HIS C 98 -32.88 14.32 -11.34
C HIS C 98 -32.41 15.31 -10.29
N ILE C 99 -32.04 14.79 -9.12
CA ILE C 99 -31.75 15.60 -7.96
C ILE C 99 -30.25 15.59 -7.70
N HIS C 100 -29.74 16.73 -7.25
CA HIS C 100 -28.35 16.89 -6.86
CA HIS C 100 -28.36 16.87 -6.85
C HIS C 100 -28.30 17.31 -5.40
N LEU C 101 -27.54 16.59 -4.60
CA LEU C 101 -27.33 16.93 -3.20
C LEU C 101 -25.87 17.30 -2.99
N HIS C 102 -25.64 18.39 -2.28
CA HIS C 102 -24.29 18.85 -2.07
C HIS C 102 -24.13 19.32 -0.63
N VAL C 103 -22.98 19.06 -0.05
CA VAL C 103 -22.66 19.57 1.28
C VAL C 103 -21.39 20.39 1.21
N PRO C 104 -21.49 21.71 1.05
CA PRO C 104 -20.28 22.55 1.12
C PRO C 104 -19.77 22.59 2.54
N GLU C 105 -18.53 23.05 2.73
CA GLU C 105 -17.62 23.54 1.68
C GLU C 105 -17.03 22.36 0.90
N GLY C 106 -16.73 22.58 -0.39
CA GLY C 106 -16.47 21.47 -1.29
C GLY C 106 -15.20 20.68 -1.00
N ALA C 107 -14.15 21.34 -0.50
CA ALA C 107 -12.89 20.67 -0.26
C ALA C 107 -12.83 19.95 1.08
N THR C 108 -13.79 20.16 1.97
CA THR C 108 -13.68 19.64 3.34
C THR C 108 -14.18 18.21 3.39
N PRO C 109 -13.35 17.23 3.78
CA PRO C 109 -13.84 15.86 3.94
C PRO C 109 -14.89 15.78 5.03
N LYS C 110 -15.93 14.98 4.80
CA LYS C 110 -17.02 14.78 5.74
C LYS C 110 -17.39 13.31 5.77
N ASP C 111 -17.85 12.83 6.92
CA ASP C 111 -18.28 11.44 7.02
C ASP C 111 -19.24 11.30 8.20
N GLY C 112 -19.84 10.11 8.32
CA GLY C 112 -20.72 9.82 9.42
C GLY C 112 -22.18 9.72 8.98
N PRO C 113 -22.99 9.10 9.81
CA PRO C 113 -24.42 8.89 9.49
C PRO C 113 -25.38 9.93 10.05
N SER C 114 -24.89 10.91 10.80
CA SER C 114 -25.74 11.77 11.62
C SER C 114 -26.43 12.88 10.84
N ALA C 115 -26.16 13.03 9.56
CA ALA C 115 -26.92 13.99 8.75
C ALA C 115 -28.09 13.32 8.01
N GLY C 116 -28.40 12.07 8.33
CA GLY C 116 -29.54 11.40 7.72
C GLY C 116 -30.85 12.15 7.75
N CYS C 117 -31.34 12.52 8.93
CA CYS C 117 -32.53 13.37 9.01
C CYS C 117 -32.36 14.67 8.23
N THR C 118 -31.19 15.30 8.34
CA THR C 118 -30.93 16.54 7.61
C THR C 118 -31.15 16.35 6.11
N ILE C 119 -30.65 15.23 5.57
CA ILE C 119 -30.80 14.97 4.14
C ILE C 119 -32.25 14.67 3.78
N VAL C 120 -32.95 13.84 4.58
CA VAL C 120 -34.37 13.60 4.32
C VAL C 120 -35.13 14.92 4.25
N THR C 121 -34.87 15.79 5.22
CA THR C 121 -35.59 17.06 5.31
C THR C 121 -35.31 17.93 4.10
N ALA C 122 -34.04 17.99 3.68
CA ALA C 122 -33.67 18.83 2.54
C ALA C 122 -34.36 18.35 1.28
N LEU C 123 -34.40 17.03 1.06
CA LEU C 123 -35.08 16.48 -0.10
C LEU C 123 -36.57 16.79 -0.06
N LEU C 124 -37.19 16.65 1.11
CA LEU C 124 -38.62 16.94 1.23
C LEU C 124 -38.90 18.42 1.05
N SER C 125 -38.08 19.27 1.67
CA SER C 125 -38.21 20.71 1.48
C SER C 125 -38.17 21.07 0.00
N LEU C 126 -37.20 20.51 -0.73
CA LEU C 126 -37.10 20.76 -2.16
C LEU C 126 -38.36 20.27 -2.88
N ALA C 127 -38.80 19.04 -2.58
CA ALA C 127 -39.93 18.49 -3.31
C ALA C 127 -41.20 19.28 -3.06
N MET C 128 -41.34 19.87 -1.87
CA MET C 128 -42.53 20.64 -1.54
C MET C 128 -42.42 22.11 -1.93
N GLY C 129 -41.25 22.58 -2.33
CA GLY C 129 -41.08 23.99 -2.58
C GLY C 129 -41.27 24.85 -1.34
N ARG C 130 -40.98 24.32 -0.16
CA ARG C 130 -41.22 25.03 1.09
C ARG C 130 -39.97 25.01 1.94
N PRO C 131 -39.47 26.17 2.38
CA PRO C 131 -38.30 26.17 3.27
C PRO C 131 -38.64 25.60 4.63
N VAL C 132 -37.62 25.08 5.30
CA VAL C 132 -37.79 24.63 6.68
C VAL C 132 -37.84 25.84 7.60
N ARG C 133 -38.38 25.61 8.79
CA ARG C 133 -38.37 26.64 9.85
C ARG C 133 -37.00 27.28 9.95
N GLN C 134 -36.96 28.61 10.06
CA GLN C 134 -35.69 29.32 10.10
C GLN C 134 -35.04 29.17 11.47
N ASN C 135 -33.70 29.27 11.49
CA ASN C 135 -32.92 29.15 12.73
C ASN C 135 -33.11 27.78 13.38
N LEU C 136 -33.32 26.77 12.55
CA LEU C 136 -33.46 25.40 12.99
C LEU C 136 -32.23 24.59 12.58
N ALA C 137 -31.77 23.70 13.46
CA ALA C 137 -30.72 22.75 13.11
C ALA C 137 -31.10 21.38 13.65
N MET C 138 -30.51 20.34 13.06
CA MET C 138 -30.84 18.98 13.46
C MET C 138 -29.64 18.06 13.27
N THR C 139 -29.64 16.97 14.03
CA THR C 139 -28.67 15.91 13.86
C THR C 139 -29.36 14.63 14.29
N GLY C 140 -29.10 13.55 13.58
CA GLY C 140 -29.76 12.29 13.84
C GLY C 140 -29.58 11.31 12.69
N GLU C 141 -29.19 10.09 13.01
CA GLU C 141 -29.11 9.04 12.00
C GLU C 141 -30.52 8.52 11.73
N VAL C 142 -30.82 8.25 10.46
CA VAL C 142 -32.13 7.74 10.06
C VAL C 142 -31.94 6.30 9.58
N SER C 143 -32.82 5.41 10.03
CA SER C 143 -32.85 4.05 9.52
C SER C 143 -33.70 3.98 8.26
N LEU C 144 -33.69 2.81 7.60
CA LEU C 144 -34.45 2.66 6.35
C LEU C 144 -35.94 2.85 6.56
N THR C 145 -36.46 2.58 7.76
CA THR C 145 -37.88 2.79 8.04
C THR C 145 -38.16 4.14 8.71
N GLY C 146 -37.18 5.01 8.83
CA GLY C 146 -37.44 6.32 9.42
C GLY C 146 -37.21 6.43 10.92
N LYS C 147 -36.73 5.39 11.59
CA LYS C 147 -36.36 5.53 13.00
C LYS C 147 -35.15 6.46 13.11
N ILE C 148 -35.13 7.26 14.17
CA ILE C 148 -34.03 8.20 14.41
C ILE C 148 -33.11 7.57 15.44
N LEU C 149 -31.83 7.40 15.10
CA LEU C 149 -30.91 6.75 16.00
C LEU C 149 -29.95 7.76 16.63
N PRO C 150 -29.42 7.47 17.82
CA PRO C 150 -28.55 8.44 18.50
C PRO C 150 -27.23 8.65 17.77
N VAL C 151 -26.61 9.80 18.06
CA VAL C 151 -25.40 10.26 17.39
C VAL C 151 -24.42 10.73 18.46
N GLY C 152 -23.17 10.98 18.03
CA GLY C 152 -22.14 11.50 18.91
C GLY C 152 -22.03 13.01 18.83
N GLY C 153 -21.19 13.57 19.71
CA GLY C 153 -20.84 14.97 19.65
C GLY C 153 -21.96 15.93 20.02
N ILE C 154 -22.96 15.46 20.77
CA ILE C 154 -24.13 16.30 21.06
C ILE C 154 -23.71 17.58 21.77
N LYS C 155 -22.82 17.48 22.75
CA LYS C 155 -22.39 18.67 23.48
C LYS C 155 -21.73 19.67 22.52
N GLU C 156 -20.77 19.20 21.73
CA GLU C 156 -20.06 20.09 20.81
C GLU C 156 -21.01 20.67 19.78
N LYS C 157 -21.91 19.84 19.23
CA LYS C 157 -22.84 20.29 18.21
C LYS C 157 -23.82 21.33 18.75
N THR C 158 -24.32 21.13 19.97
CA THR C 158 -25.25 22.09 20.57
C THR C 158 -24.58 23.44 20.80
N ILE C 159 -23.35 23.43 21.31
CA ILE C 159 -22.59 24.66 21.50
C ILE C 159 -22.41 25.37 20.17
N ALA C 160 -22.07 24.61 19.11
CA ALA C 160 -21.89 25.21 17.79
C ALA C 160 -23.19 25.80 17.27
N ALA C 161 -24.30 25.07 17.47
CA ALA C 161 -25.62 25.56 17.06
C ALA C 161 -25.96 26.87 17.77
N LYS C 162 -25.78 26.90 19.08
CA LYS C 162 -26.10 28.10 19.84
C LYS C 162 -25.28 29.29 19.34
N ARG C 163 -23.98 29.08 19.08
CA ARG C 163 -23.14 30.17 18.61
C ARG C 163 -23.56 30.68 17.24
N ALA C 164 -24.14 29.81 16.40
CA ALA C 164 -24.58 30.18 15.05
C ALA C 164 -25.98 30.79 15.03
N GLY C 165 -26.56 31.08 16.18
CA GLY C 165 -27.88 31.68 16.24
C GLY C 165 -29.03 30.73 16.09
N VAL C 166 -28.80 29.42 16.21
CA VAL C 166 -29.89 28.45 16.20
C VAL C 166 -30.77 28.65 17.43
N THR C 167 -32.09 28.68 17.24
CA THR C 167 -33.02 28.78 18.36
C THR C 167 -33.89 27.55 18.52
N CYS C 168 -33.85 26.61 17.57
CA CYS C 168 -34.64 25.39 17.65
C CYS C 168 -33.76 24.25 17.18
N ILE C 169 -33.56 23.25 18.04
CA ILE C 169 -32.63 22.16 17.74
C ILE C 169 -33.36 20.85 17.90
N VAL C 170 -33.18 19.96 16.93
CA VAL C 170 -33.85 18.66 16.91
C VAL C 170 -32.78 17.59 17.05
N LEU C 171 -32.93 16.71 18.04
CA LEU C 171 -31.95 15.73 18.48
C LEU C 171 -32.62 14.39 18.71
N PRO C 172 -31.87 13.28 18.58
CA PRO C 172 -32.44 11.97 18.93
C PRO C 172 -32.75 11.86 20.42
N ALA C 173 -33.87 11.23 20.74
CA ALA C 173 -34.29 11.10 22.13
C ALA C 173 -33.24 10.43 22.99
N GLU C 174 -32.48 9.47 22.46
CA GLU C 174 -31.51 8.81 23.32
C GLU C 174 -30.30 9.68 23.62
N ASN C 175 -30.22 10.88 23.06
CA ASN C 175 -29.17 11.84 23.39
C ASN C 175 -29.63 12.88 24.39
N LYS C 176 -30.78 12.68 25.03
CA LYS C 176 -31.29 13.66 25.98
C LYS C 176 -30.29 13.93 27.10
N LYS C 177 -29.71 12.87 27.68
CA LYS C 177 -28.77 13.06 28.78
C LYS C 177 -27.54 13.86 28.34
N ASP C 178 -27.05 13.64 27.12
CA ASP C 178 -25.91 14.40 26.64
C ASP C 178 -26.21 15.90 26.61
N PHE C 179 -27.39 16.25 26.11
CA PHE C 179 -27.80 17.65 26.04
C PHE C 179 -27.82 18.31 27.42
N TYR C 180 -28.39 17.62 28.42
CA TYR C 180 -28.50 18.27 29.72
C TYR C 180 -27.22 18.13 30.56
N ASP C 181 -26.15 17.58 29.97
CA ASP C 181 -24.83 17.69 30.55
C ASP C 181 -24.22 19.07 30.32
N LEU C 182 -24.86 19.90 29.51
CA LEU C 182 -24.36 21.25 29.23
C LEU C 182 -24.82 22.23 30.31
N ALA C 183 -24.04 23.29 30.51
CA ALA C 183 -24.41 24.34 31.44
C ALA C 183 -25.76 24.97 31.07
N ALA C 184 -26.47 25.45 32.09
CA ALA C 184 -27.79 26.05 31.85
C ALA C 184 -27.69 27.26 30.92
N PHE C 185 -26.61 28.03 31.02
CA PHE C 185 -26.55 29.22 30.17
C PHE C 185 -26.43 28.87 28.71
N ILE C 186 -25.99 27.65 28.39
CA ILE C 186 -25.90 27.23 26.99
C ILE C 186 -27.26 26.82 26.48
N THR C 187 -27.96 26.00 27.26
CA THR C 187 -29.25 25.45 26.86
C THR C 187 -30.41 26.44 27.01
N GLU C 188 -30.25 27.51 27.78
CA GLU C 188 -31.33 28.49 27.90
C GLU C 188 -31.64 29.07 26.52
N GLY C 189 -32.91 29.40 26.31
CA GLY C 189 -33.35 29.90 25.02
C GLY C 189 -33.22 28.98 23.83
N LEU C 190 -32.81 27.73 24.05
CA LEU C 190 -32.91 26.73 23.01
C LEU C 190 -34.24 26.00 23.14
N GLU C 191 -35.07 26.09 22.10
CA GLU C 191 -36.21 25.18 21.96
C GLU C 191 -35.67 23.85 21.45
N VAL C 192 -35.69 22.82 22.30
CA VAL C 192 -35.09 21.53 21.98
C VAL C 192 -36.22 20.51 21.80
N HIS C 193 -36.06 19.63 20.81
CA HIS C 193 -37.01 18.55 20.54
C HIS C 193 -36.26 17.22 20.49
N PHE C 194 -36.73 16.25 21.26
CA PHE C 194 -36.13 14.91 21.28
C PHE C 194 -37.06 13.95 20.52
N VAL C 195 -36.55 13.30 19.48
CA VAL C 195 -37.39 12.57 18.54
C VAL C 195 -36.94 11.13 18.44
N GLU C 196 -37.89 10.27 18.07
CA GLU C 196 -37.61 8.87 17.78
C GLU C 196 -37.93 8.46 16.34
N HIS C 197 -38.71 9.24 15.61
CA HIS C 197 -39.16 8.89 14.27
C HIS C 197 -39.08 10.10 13.37
N TYR C 198 -38.79 9.87 12.08
CA TYR C 198 -38.63 11.01 11.18
C TYR C 198 -39.90 11.86 11.13
N ARG C 199 -41.08 11.24 11.24
CA ARG C 199 -42.30 12.03 11.10
CA ARG C 199 -42.31 12.02 11.11
C ARG C 199 -42.37 13.12 12.17
N GLU C 200 -41.80 12.89 13.35
CA GLU C 200 -41.78 13.95 14.36
C GLU C 200 -40.95 15.13 13.88
N ILE C 201 -39.82 14.86 13.22
CA ILE C 201 -39.00 15.93 12.69
C ILE C 201 -39.76 16.71 11.62
N PHE C 202 -40.43 15.98 10.73
CA PHE C 202 -41.20 16.61 9.67
C PHE C 202 -42.15 17.67 10.24
N ASP C 203 -42.85 17.32 11.32
CA ASP C 203 -43.82 18.25 11.90
C ASP C 203 -43.13 19.47 12.50
N ILE C 204 -41.92 19.31 13.03
CA ILE C 204 -41.20 20.46 13.59
C ILE C 204 -40.65 21.33 12.47
N ALA C 205 -40.12 20.71 11.42
CA ALA C 205 -39.46 21.46 10.35
C ALA C 205 -40.45 22.18 9.46
N PHE C 206 -41.65 21.63 9.29
CA PHE C 206 -42.66 22.19 8.40
C PHE C 206 -43.96 22.37 9.19
N PRO C 207 -43.99 23.32 10.11
CA PRO C 207 -45.19 23.51 10.93
C PRO C 207 -46.38 23.97 10.10
N ASP C 208 -47.57 23.60 10.58
CA ASP C 208 -48.81 23.97 9.90
C ASP C 208 -48.67 23.82 8.38
N GLU C 209 -47.99 22.77 7.96
CA GLU C 209 -47.70 22.54 6.55
C GLU C 209 -48.70 21.57 5.95
N GLN C 210 -49.01 21.78 4.67
CA GLN C 210 -50.00 20.98 3.94
C GLN C 210 -49.34 20.47 2.66
N ALA C 211 -48.63 19.35 2.76
CA ALA C 211 -47.91 18.80 1.61
C ALA C 211 -48.88 18.39 0.51
N GLU C 212 -49.81 17.48 0.82
CA GLU C 212 -50.77 17.05 -0.19
C GLU C 212 -51.55 18.22 -0.74
N ALA C 213 -52.03 19.10 0.14
CA ALA C 213 -52.87 20.23 -0.29
C ALA C 213 -52.20 21.04 -1.39
N LEU C 214 -50.93 21.40 -1.20
CA LEU C 214 -50.26 22.21 -2.20
C LEU C 214 -50.00 21.43 -3.48
N ALA C 215 -49.60 20.15 -3.35
CA ALA C 215 -49.35 19.31 -4.52
C ALA C 215 -50.55 19.19 -5.46
N VAL C 216 -51.76 19.56 -5.03
CA VAL C 216 -52.92 19.46 -5.91
C VAL C 216 -53.48 20.85 -6.26
N ARG D 14 2.18 -33.49 -25.91
CA ARG D 14 1.70 -32.12 -25.78
C ARG D 14 0.17 -32.13 -25.66
N MET D 15 -0.40 -30.98 -25.31
CA MET D 15 -1.83 -30.96 -24.95
C MET D 15 -2.69 -31.35 -26.15
N TYR D 16 -2.35 -30.86 -27.34
CA TYR D 16 -3.01 -31.27 -28.58
C TYR D 16 -2.01 -31.96 -29.48
N ASP D 17 -2.35 -33.17 -29.93
CA ASP D 17 -1.61 -33.82 -31.01
C ASP D 17 -2.08 -33.29 -32.37
N VAL D 18 -3.39 -33.25 -32.58
CA VAL D 18 -3.99 -32.68 -33.78
C VAL D 18 -4.86 -31.50 -33.34
N THR D 19 -4.62 -30.30 -33.94
CA THR D 19 -5.41 -29.16 -33.48
C THR D 19 -6.70 -29.06 -34.30
N PRO D 20 -7.86 -28.90 -33.65
CA PRO D 20 -9.10 -28.65 -34.39
C PRO D 20 -9.19 -27.19 -34.77
N PRO D 21 -10.25 -26.78 -35.47
CA PRO D 21 -10.39 -25.36 -35.80
C PRO D 21 -10.41 -24.51 -34.53
N GLY D 22 -9.77 -23.34 -34.60
CA GLY D 22 -9.73 -22.41 -33.49
C GLY D 22 -8.63 -22.65 -32.46
N VAL D 23 -7.75 -23.62 -32.67
CA VAL D 23 -6.68 -23.95 -31.73
C VAL D 23 -5.33 -23.80 -32.44
N VAL D 24 -4.41 -23.06 -31.84
CA VAL D 24 -3.11 -22.77 -32.46
C VAL D 24 -2.03 -22.88 -31.39
N MET D 25 -0.89 -23.43 -31.76
CA MET D 25 0.23 -23.57 -30.83
C MET D 25 1.06 -22.29 -30.81
N GLY D 26 1.22 -21.71 -29.63
CA GLY D 26 2.14 -20.61 -29.42
C GLY D 26 3.33 -21.04 -28.59
N LEU D 27 4.20 -20.06 -28.31
CA LEU D 27 5.48 -20.33 -27.64
C LEU D 27 5.72 -19.26 -26.58
N ALA D 28 6.21 -19.68 -25.41
CA ALA D 28 6.43 -18.76 -24.30
C ALA D 28 7.80 -19.05 -23.69
N TRP D 29 8.24 -18.15 -22.81
CA TRP D 29 9.47 -18.43 -22.08
C TRP D 29 9.47 -17.74 -20.72
N THR D 30 10.36 -18.23 -19.85
CA THR D 30 10.70 -17.63 -18.59
C THR D 30 12.22 -17.67 -18.46
N ALA D 31 12.72 -17.17 -17.32
CA ALA D 31 14.14 -17.31 -17.01
C ALA D 31 14.57 -18.79 -16.97
N MET D 32 13.62 -19.72 -16.89
CA MET D 32 13.95 -21.14 -16.78
C MET D 32 13.98 -21.85 -18.12
N GLY D 33 13.45 -21.24 -19.17
CA GLY D 33 13.48 -21.85 -20.49
C GLY D 33 12.17 -21.60 -21.22
N GLY D 34 12.07 -22.22 -22.40
CA GLY D 34 10.89 -22.05 -23.22
C GLY D 34 9.87 -23.14 -22.96
N SER D 35 8.66 -22.91 -23.48
CA SER D 35 7.59 -23.90 -23.44
C SER D 35 6.61 -23.60 -24.56
N THR D 36 5.81 -24.60 -24.92
CA THR D 36 4.71 -24.42 -25.85
C THR D 36 3.42 -24.24 -25.08
N LEU D 37 2.43 -23.65 -25.73
CA LEU D 37 1.09 -23.60 -25.18
C LEU D 37 0.12 -23.45 -26.35
N PHE D 38 -1.16 -23.59 -26.05
CA PHE D 38 -2.20 -23.56 -27.08
C PHE D 38 -3.18 -22.44 -26.77
N VAL D 39 -3.49 -21.65 -27.78
CA VAL D 39 -4.60 -20.72 -27.75
C VAL D 39 -5.85 -21.47 -28.22
N GLU D 40 -6.88 -21.47 -27.39
CA GLU D 40 -8.16 -22.08 -27.71
C GLU D 40 -9.22 -21.00 -27.94
N THR D 41 -10.10 -21.23 -28.91
CA THR D 41 -11.26 -20.37 -29.12
C THR D 41 -12.49 -21.21 -29.39
N SER D 42 -13.64 -20.65 -29.05
CA SER D 42 -14.92 -21.27 -29.34
C SER D 42 -15.94 -20.15 -29.45
N LEU D 43 -17.06 -20.45 -30.11
CA LEU D 43 -17.98 -19.37 -30.42
C LEU D 43 -19.41 -19.86 -30.43
N ARG D 44 -20.33 -18.91 -30.22
CA ARG D 44 -21.78 -19.08 -30.24
C ARG D 44 -22.54 -17.98 -30.98
N ARG D 45 -23.43 -18.43 -31.86
CA ARG D 45 -24.50 -17.63 -32.50
C ARG D 45 -24.50 -16.12 -32.26
N ASP D 56 -23.54 -6.55 -32.88
CA ASP D 56 -22.13 -6.88 -33.07
C ASP D 56 -21.69 -8.05 -32.19
N GLY D 57 -20.59 -8.69 -32.57
CA GLY D 57 -20.03 -9.78 -31.81
C GLY D 57 -19.28 -9.29 -30.59
N SER D 58 -18.64 -10.23 -29.90
CA SER D 58 -17.88 -9.90 -28.71
C SER D 58 -16.80 -10.95 -28.53
N LEU D 59 -15.77 -10.58 -27.75
CA LEU D 59 -14.67 -11.46 -27.40
C LEU D 59 -14.44 -11.42 -25.89
N GLU D 60 -14.55 -12.58 -25.25
CA GLU D 60 -14.22 -12.78 -23.85
C GLU D 60 -12.93 -13.61 -23.77
N VAL D 61 -11.99 -13.20 -22.92
CA VAL D 61 -10.69 -13.88 -22.84
C VAL D 61 -10.45 -14.33 -21.40
N THR D 62 -9.89 -15.53 -21.23
CA THR D 62 -9.49 -16.08 -19.94
C THR D 62 -8.12 -16.75 -20.07
N GLY D 63 -7.55 -17.10 -18.92
CA GLY D 63 -6.24 -17.72 -18.90
C GLY D 63 -5.24 -16.96 -18.05
N GLN D 64 -5.72 -16.12 -17.13
CA GLN D 64 -4.83 -15.33 -16.27
C GLN D 64 -3.87 -14.47 -17.09
N LEU D 65 -4.44 -13.73 -18.04
CA LEU D 65 -3.65 -12.90 -18.95
C LEU D 65 -3.37 -11.55 -18.32
N GLY D 66 -2.12 -11.10 -18.41
CA GLY D 66 -1.78 -9.76 -17.98
C GLY D 66 -2.30 -8.72 -18.97
N GLU D 67 -2.15 -7.45 -18.58
CA GLU D 67 -2.73 -6.34 -19.34
C GLU D 67 -2.15 -6.25 -20.73
N VAL D 68 -0.83 -6.41 -20.86
CA VAL D 68 -0.25 -6.33 -22.20
C VAL D 68 -0.83 -7.43 -23.08
N MET D 69 -0.98 -8.64 -22.56
CA MET D 69 -1.55 -9.75 -23.35
C MET D 69 -3.03 -9.49 -23.69
N LYS D 70 -3.79 -8.95 -22.75
CA LYS D 70 -5.22 -8.64 -23.01
C LYS D 70 -5.33 -7.62 -24.15
N GLU D 71 -4.44 -6.63 -24.14
CA GLU D 71 -4.42 -5.61 -25.21
C GLU D 71 -4.08 -6.28 -26.54
N SER D 72 -3.12 -7.20 -26.51
CA SER D 72 -2.77 -7.84 -27.76
C SER D 72 -3.94 -8.67 -28.31
N ALA D 73 -4.74 -9.27 -27.44
CA ALA D 73 -5.95 -9.95 -27.91
C ALA D 73 -6.95 -8.99 -28.53
N ARG D 74 -7.07 -7.76 -27.97
CA ARG D 74 -7.98 -6.77 -28.55
CA ARG D 74 -7.98 -6.79 -28.56
C ARG D 74 -7.51 -6.32 -29.93
N ILE D 75 -6.18 -6.13 -30.07
CA ILE D 75 -5.60 -5.75 -31.36
C ILE D 75 -5.78 -6.88 -32.37
N ALA D 76 -5.47 -8.11 -31.95
CA ALA D 76 -5.61 -9.26 -32.84
C ALA D 76 -7.06 -9.44 -33.31
N TYR D 77 -8.01 -9.24 -32.41
CA TYR D 77 -9.43 -9.35 -32.74
C TYR D 77 -9.84 -8.29 -33.76
N THR D 78 -9.43 -7.03 -33.54
CA THR D 78 -9.71 -5.97 -34.49
C THR D 78 -9.08 -6.29 -35.84
N PHE D 79 -7.81 -6.70 -35.82
CA PHE D 79 -7.15 -6.98 -37.09
C PHE D 79 -7.77 -8.20 -37.77
N ALA D 80 -8.07 -9.26 -37.00
CA ALA D 80 -8.67 -10.45 -37.61
C ALA D 80 -9.99 -10.13 -38.31
N ARG D 81 -10.81 -9.29 -37.67
CA ARG D 81 -12.06 -8.85 -38.30
C ARG D 81 -11.81 -8.16 -39.63
N ALA D 82 -10.81 -7.25 -39.66
CA ALA D 82 -10.51 -6.54 -40.91
C ALA D 82 -9.92 -7.48 -41.96
N PHE D 83 -9.07 -8.42 -41.54
CA PHE D 83 -8.45 -9.31 -42.50
C PHE D 83 -9.50 -10.21 -43.14
N LEU D 84 -10.38 -10.78 -42.33
CA LEU D 84 -11.43 -11.64 -42.84
C LEU D 84 -12.43 -10.87 -43.71
N MET D 85 -12.65 -9.59 -43.40
CA MET D 85 -13.53 -8.78 -44.23
C MET D 85 -12.96 -8.63 -45.64
N GLN D 86 -11.64 -8.50 -45.75
CA GLN D 86 -10.96 -8.43 -47.04
C GLN D 86 -10.90 -9.79 -47.73
N HIS D 87 -10.54 -10.83 -46.97
CA HIS D 87 -10.27 -12.14 -47.54
C HIS D 87 -11.55 -12.91 -47.84
N ALA D 88 -12.59 -12.72 -47.01
CA ALA D 88 -13.84 -13.46 -47.16
C ALA D 88 -15.01 -12.58 -46.71
N PRO D 89 -15.35 -11.57 -47.51
CA PRO D 89 -16.40 -10.62 -47.09
C PRO D 89 -17.73 -11.30 -46.79
N ALA D 90 -17.98 -12.48 -47.34
CA ALA D 90 -19.23 -13.18 -47.08
C ALA D 90 -19.27 -13.86 -45.72
N ASN D 91 -18.13 -13.98 -45.04
CA ASN D 91 -18.08 -14.67 -43.75
C ASN D 91 -18.25 -13.63 -42.64
N ASP D 92 -19.40 -13.65 -41.96
CA ASP D 92 -19.68 -12.66 -40.93
C ASP D 92 -19.43 -13.19 -39.52
N TYR D 93 -18.72 -14.32 -39.39
CA TYR D 93 -18.60 -14.98 -38.09
C TYR D 93 -17.90 -14.11 -37.06
N LEU D 94 -16.87 -13.36 -37.47
CA LEU D 94 -16.14 -12.54 -36.51
C LEU D 94 -16.86 -11.25 -36.18
N VAL D 95 -17.86 -10.87 -36.97
CA VAL D 95 -18.60 -9.64 -36.69
C VAL D 95 -19.83 -9.92 -35.83
N THR D 96 -20.41 -11.11 -35.92
CA THR D 96 -21.66 -11.40 -35.24
C THR D 96 -21.54 -12.36 -34.05
N SER D 97 -20.47 -13.13 -33.94
CA SER D 97 -20.45 -14.20 -32.95
C SER D 97 -19.92 -13.72 -31.60
N HIS D 98 -20.38 -14.39 -30.55
CA HIS D 98 -19.84 -14.21 -29.21
C HIS D 98 -18.74 -15.27 -29.04
N ILE D 99 -17.50 -14.80 -29.00
CA ILE D 99 -16.34 -15.67 -29.04
C ILE D 99 -15.67 -15.67 -27.67
N HIS D 100 -15.19 -16.82 -27.27
CA HIS D 100 -14.42 -16.99 -26.03
CA HIS D 100 -14.42 -16.98 -26.05
C HIS D 100 -13.04 -17.51 -26.42
N LEU D 101 -12.00 -16.87 -25.88
CA LEU D 101 -10.61 -17.25 -26.10
C LEU D 101 -9.99 -17.61 -24.76
N HIS D 102 -9.27 -18.73 -24.71
CA HIS D 102 -8.70 -19.21 -23.47
C HIS D 102 -7.28 -19.69 -23.74
N VAL D 103 -6.39 -19.46 -22.78
CA VAL D 103 -5.03 -19.96 -22.85
C VAL D 103 -4.77 -20.83 -21.62
N PRO D 104 -4.93 -22.15 -21.71
CA PRO D 104 -4.57 -23.00 -20.59
C PRO D 104 -3.06 -23.05 -20.43
N GLU D 105 -2.59 -23.52 -19.28
CA GLU D 105 -3.36 -23.98 -18.15
C GLU D 105 -3.95 -22.80 -17.38
N GLY D 106 -5.12 -23.01 -16.77
CA GLY D 106 -5.90 -21.90 -16.24
C GLY D 106 -5.23 -21.15 -15.10
N ALA D 107 -4.47 -21.83 -14.25
CA ALA D 107 -3.88 -21.18 -13.08
C ALA D 107 -2.57 -20.46 -13.38
N THR D 108 -1.95 -20.67 -14.54
CA THR D 108 -0.61 -20.13 -14.81
C THR D 108 -0.68 -18.69 -15.31
N PRO D 109 -0.05 -17.72 -14.65
CA PRO D 109 -0.04 -16.34 -15.16
C PRO D 109 0.70 -16.25 -16.49
N LYS D 110 0.17 -15.43 -17.40
CA LYS D 110 0.74 -15.25 -18.72
C LYS D 110 0.67 -13.79 -19.08
N ASP D 111 1.65 -13.32 -19.86
CA ASP D 111 1.66 -11.92 -20.28
C ASP D 111 2.57 -11.77 -21.49
N GLY D 112 2.52 -10.57 -22.07
CA GLY D 112 3.37 -10.25 -23.19
C GLY D 112 2.58 -10.16 -24.48
N PRO D 113 3.16 -9.51 -25.49
CA PRO D 113 2.48 -9.29 -26.78
C PRO D 113 2.77 -10.32 -27.87
N SER D 114 3.61 -11.32 -27.60
CA SER D 114 4.18 -12.15 -28.66
C SER D 114 3.23 -13.23 -29.14
N ALA D 115 2.05 -13.37 -28.54
CA ALA D 115 1.04 -14.29 -29.04
C ALA D 115 0.03 -13.59 -29.94
N GLY D 116 0.27 -12.34 -30.31
CA GLY D 116 -0.63 -11.63 -31.20
C GLY D 116 -0.97 -12.36 -32.49
N CYS D 117 0.05 -12.70 -33.29
CA CYS D 117 -0.16 -13.53 -34.48
C CYS D 117 -0.92 -14.82 -34.15
N THR D 118 -0.49 -15.51 -33.09
CA THR D 118 -1.16 -16.76 -32.69
C THR D 118 -2.65 -16.54 -32.48
N ILE D 119 -3.01 -15.43 -31.83
CA ILE D 119 -4.42 -15.14 -31.55
C ILE D 119 -5.16 -14.80 -32.84
N VAL D 120 -4.57 -13.98 -33.71
CA VAL D 120 -5.20 -13.71 -35.01
C VAL D 120 -5.51 -15.02 -35.72
N THR D 121 -4.52 -15.92 -35.76
CA THR D 121 -4.67 -17.19 -36.48
C THR D 121 -5.76 -18.05 -35.86
N ALA D 122 -5.84 -18.11 -34.53
CA ALA D 122 -6.88 -18.91 -33.89
C ALA D 122 -8.27 -18.37 -34.24
N LEU D 123 -8.45 -17.04 -34.22
CA LEU D 123 -9.75 -16.46 -34.56
C LEU D 123 -10.14 -16.73 -36.00
N LEU D 124 -9.19 -16.57 -36.92
CA LEU D 124 -9.50 -16.86 -38.33
C LEU D 124 -9.78 -18.35 -38.53
N SER D 125 -8.98 -19.23 -37.91
CA SER D 125 -9.22 -20.66 -37.97
C SER D 125 -10.64 -21.01 -37.50
N LEU D 126 -11.05 -20.46 -36.35
CA LEU D 126 -12.40 -20.71 -35.85
C LEU D 126 -13.44 -20.19 -36.84
N ALA D 127 -13.28 -18.95 -37.30
CA ALA D 127 -14.27 -18.34 -38.19
C ALA D 127 -14.36 -19.07 -39.52
N MET D 128 -13.24 -19.61 -40.01
CA MET D 128 -13.25 -20.31 -41.28
C MET D 128 -13.61 -21.77 -41.14
N GLY D 129 -13.75 -22.28 -39.91
CA GLY D 129 -14.00 -23.70 -39.71
C GLY D 129 -12.88 -24.57 -40.23
N ARG D 130 -11.65 -24.07 -40.17
CA ARG D 130 -10.53 -24.74 -40.82
C ARG D 130 -9.36 -24.87 -39.85
N PRO D 131 -8.84 -26.07 -39.61
CA PRO D 131 -7.69 -26.18 -38.72
C PRO D 131 -6.43 -25.60 -39.36
N VAL D 132 -5.52 -25.18 -38.50
CA VAL D 132 -4.20 -24.75 -38.94
C VAL D 132 -3.36 -25.96 -39.34
N ARG D 133 -2.37 -25.72 -40.20
CA ARG D 133 -1.38 -26.74 -40.53
C ARG D 133 -0.88 -27.42 -39.26
N GLN D 134 -0.75 -28.76 -39.30
CA GLN D 134 -0.37 -29.50 -38.11
C GLN D 134 1.13 -29.38 -37.84
N ASN D 135 1.49 -29.50 -36.55
CA ASN D 135 2.89 -29.40 -36.10
C ASN D 135 3.50 -28.04 -36.42
N LEU D 136 2.67 -27.02 -36.40
CA LEU D 136 3.08 -25.64 -36.66
C LEU D 136 3.04 -24.86 -35.36
N ALA D 137 4.06 -24.03 -35.13
CA ALA D 137 4.04 -23.09 -34.02
C ALA D 137 4.50 -21.72 -34.50
N MET D 138 4.10 -20.67 -33.77
CA MET D 138 4.43 -19.32 -34.17
C MET D 138 4.58 -18.44 -32.95
N THR D 139 5.33 -17.36 -33.13
CA THR D 139 5.46 -16.31 -32.13
C THR D 139 5.70 -15.03 -32.92
N GLY D 140 5.12 -13.93 -32.45
CA GLY D 140 5.24 -12.66 -33.14
C GLY D 140 4.21 -11.67 -32.64
N GLU D 141 4.66 -10.46 -32.32
CA GLU D 141 3.72 -9.40 -31.94
C GLU D 141 3.08 -8.87 -33.22
N VAL D 142 1.78 -8.57 -33.15
CA VAL D 142 1.06 -8.03 -34.31
C VAL D 142 0.69 -6.58 -34.02
N SER D 143 0.92 -5.70 -35.00
CA SER D 143 0.45 -4.32 -34.91
C SER D 143 -0.99 -4.21 -35.42
N LEU D 144 -1.59 -3.04 -35.22
CA LEU D 144 -2.99 -2.84 -35.61
C LEU D 144 -3.19 -3.00 -37.12
N THR D 145 -2.16 -2.72 -37.92
CA THR D 145 -2.27 -2.91 -39.36
C THR D 145 -1.75 -4.28 -39.81
N GLY D 146 -1.41 -5.18 -38.88
CA GLY D 146 -0.97 -6.51 -39.28
C GLY D 146 0.53 -6.67 -39.46
N LYS D 147 1.32 -5.64 -39.16
CA LYS D 147 2.77 -5.82 -39.14
C LYS D 147 3.18 -6.76 -38.02
N ILE D 148 4.19 -7.58 -38.28
CA ILE D 148 4.69 -8.53 -37.31
C ILE D 148 5.96 -7.93 -36.72
N LEU D 149 6.01 -7.76 -35.41
CA LEU D 149 7.14 -7.12 -34.76
C LEU D 149 7.96 -8.16 -34.01
N PRO D 150 9.25 -7.90 -33.81
CA PRO D 150 10.12 -8.90 -33.17
C PRO D 150 9.76 -9.12 -31.71
N VAL D 151 10.19 -10.27 -31.21
CA VAL D 151 9.85 -10.75 -29.88
C VAL D 151 11.13 -11.25 -29.20
N GLY D 152 11.03 -11.51 -27.90
CA GLY D 152 12.14 -12.06 -27.14
C GLY D 152 12.06 -13.58 -27.01
N GLY D 153 13.14 -14.15 -26.46
CA GLY D 153 13.17 -15.56 -26.13
C GLY D 153 13.21 -16.50 -27.32
N ILE D 154 13.66 -16.02 -28.49
CA ILE D 154 13.60 -16.86 -29.69
C ILE D 154 14.39 -18.14 -29.49
N LYS D 155 15.56 -18.04 -28.88
CA LYS D 155 16.36 -19.24 -28.68
C LYS D 155 15.61 -20.24 -27.79
N GLU D 156 15.06 -19.76 -26.67
CA GLU D 156 14.34 -20.64 -25.75
C GLU D 156 13.08 -21.22 -26.38
N LYS D 157 12.32 -20.38 -27.10
CA LYS D 157 11.10 -20.85 -27.74
C LYS D 157 11.37 -21.88 -28.82
N THR D 158 12.44 -21.68 -29.60
CA THR D 158 12.76 -22.62 -30.67
C THR D 158 13.15 -23.98 -30.09
N ILE D 159 13.98 -23.99 -29.05
CA ILE D 159 14.34 -25.25 -28.42
C ILE D 159 13.08 -25.96 -27.92
N ALA D 160 12.17 -25.23 -27.29
CA ALA D 160 10.94 -25.84 -26.80
C ALA D 160 10.06 -26.35 -27.94
N ALA D 161 9.95 -25.59 -29.04
CA ALA D 161 9.18 -26.04 -30.19
C ALA D 161 9.74 -27.36 -30.72
N LYS D 162 11.06 -27.41 -30.89
CA LYS D 162 11.70 -28.63 -31.37
C LYS D 162 11.41 -29.80 -30.44
N ARG D 163 11.51 -29.58 -29.12
CA ARG D 163 11.24 -30.68 -28.20
C ARG D 163 9.80 -31.14 -28.26
N ALA D 164 8.86 -30.25 -28.56
CA ALA D 164 7.46 -30.63 -28.66
C ALA D 164 7.10 -31.22 -30.02
N GLY D 165 8.07 -31.47 -30.90
CA GLY D 165 7.74 -32.06 -32.19
C GLY D 165 7.25 -31.10 -33.25
N VAL D 166 7.43 -29.81 -33.05
CA VAL D 166 7.11 -28.83 -34.08
C VAL D 166 8.06 -29.04 -35.26
N THR D 167 7.51 -29.02 -36.48
CA THR D 167 8.33 -29.11 -37.68
C THR D 167 8.23 -27.88 -38.56
N CYS D 168 7.34 -26.94 -38.24
CA CYS D 168 7.22 -25.70 -39.00
C CYS D 168 7.04 -24.60 -38.00
N ILE D 169 7.92 -23.61 -38.01
CA ILE D 169 7.93 -22.56 -37.02
C ILE D 169 7.96 -21.23 -37.74
N VAL D 170 7.11 -20.30 -37.31
CA VAL D 170 6.94 -18.99 -37.94
C VAL D 170 7.44 -17.92 -36.97
N LEU D 171 8.35 -17.07 -37.44
CA LEU D 171 9.01 -16.09 -36.59
C LEU D 171 9.09 -14.74 -37.28
N PRO D 172 9.18 -13.65 -36.52
CA PRO D 172 9.42 -12.34 -37.13
C PRO D 172 10.78 -12.29 -37.82
N ALA D 173 10.81 -11.62 -38.99
CA ALA D 173 12.04 -11.52 -39.75
C ALA D 173 13.16 -10.86 -38.95
N GLU D 174 12.82 -9.92 -38.07
CA GLU D 174 13.91 -9.28 -37.33
C GLU D 174 14.50 -10.17 -36.24
N ASN D 175 13.95 -11.36 -36.02
CA ASN D 175 14.55 -12.34 -35.10
C ASN D 175 15.38 -13.40 -35.83
N LYS D 176 15.68 -13.19 -37.11
CA LYS D 176 16.45 -14.18 -37.86
C LYS D 176 17.81 -14.45 -37.21
N LYS D 177 18.50 -13.39 -36.80
CA LYS D 177 19.82 -13.57 -36.18
C LYS D 177 19.72 -14.39 -34.90
N ASP D 178 18.66 -14.18 -34.11
CA ASP D 178 18.49 -14.97 -32.89
C ASP D 178 18.34 -16.46 -33.21
N PHE D 179 17.53 -16.79 -34.22
CA PHE D 179 17.33 -18.17 -34.61
C PHE D 179 18.65 -18.84 -35.00
N TYR D 180 19.48 -18.16 -35.79
CA TYR D 180 20.71 -18.77 -36.25
C TYR D 180 21.86 -18.64 -35.24
N ASP D 181 21.61 -18.11 -34.04
CA ASP D 181 22.53 -18.27 -32.92
C ASP D 181 22.45 -19.65 -32.30
N LEU D 182 21.50 -20.48 -32.71
CA LEU D 182 21.34 -21.83 -32.18
C LEU D 182 22.25 -22.82 -32.90
N ALA D 183 22.64 -23.87 -32.18
CA ALA D 183 23.44 -24.93 -32.79
C ALA D 183 22.68 -25.57 -33.96
N ALA D 184 23.44 -26.04 -34.96
CA ALA D 184 22.85 -26.59 -36.18
C ALA D 184 21.96 -27.80 -35.90
N PHE D 185 22.35 -28.65 -34.94
CA PHE D 185 21.52 -29.82 -34.65
C PHE D 185 20.16 -29.42 -34.10
N ILE D 186 20.02 -28.20 -33.58
CA ILE D 186 18.71 -27.74 -33.13
C ILE D 186 17.88 -27.26 -34.32
N THR D 187 18.50 -26.44 -35.17
CA THR D 187 17.80 -25.85 -36.33
C THR D 187 17.49 -26.88 -37.43
N GLU D 188 18.22 -27.99 -37.47
CA GLU D 188 17.99 -29.05 -38.49
C GLU D 188 16.59 -29.62 -38.32
N GLY D 189 15.88 -29.82 -39.42
CA GLY D 189 14.55 -30.45 -39.34
C GLY D 189 13.46 -29.43 -39.09
N LEU D 190 13.83 -28.17 -38.87
CA LEU D 190 12.82 -27.13 -38.72
C LEU D 190 12.64 -26.41 -40.06
N GLU D 191 11.43 -26.46 -40.60
CA GLU D 191 11.05 -25.56 -41.68
C GLU D 191 10.70 -24.21 -41.05
N VAL D 192 11.55 -23.21 -41.27
CA VAL D 192 11.42 -21.92 -40.60
C VAL D 192 10.98 -20.88 -41.61
N HIS D 193 10.05 -20.01 -41.21
CA HIS D 193 9.56 -18.92 -42.04
C HIS D 193 9.71 -17.62 -41.26
N PHE D 194 10.37 -16.64 -41.86
CA PHE D 194 10.59 -15.31 -41.27
C PHE D 194 9.66 -14.34 -41.98
N VAL D 195 8.80 -13.67 -41.21
CA VAL D 195 7.69 -12.92 -41.79
C VAL D 195 7.72 -11.48 -41.29
N GLU D 196 7.14 -10.60 -42.09
CA GLU D 196 6.96 -9.20 -41.73
C GLU D 196 5.50 -8.77 -41.67
N HIS D 197 4.58 -9.53 -42.26
CA HIS D 197 3.17 -9.15 -42.31
C HIS D 197 2.30 -10.37 -42.01
N TYR D 198 1.15 -10.12 -41.39
CA TYR D 198 0.32 -11.25 -41.02
C TYR D 198 -0.07 -12.08 -42.25
N ARG D 199 -0.29 -11.43 -43.39
CA ARG D 199 -0.75 -12.18 -44.56
C ARG D 199 0.19 -13.33 -44.92
N GLU D 200 1.50 -13.15 -44.71
CA GLU D 200 2.44 -14.24 -44.94
C GLU D 200 2.18 -15.40 -43.99
N ILE D 201 1.83 -15.09 -42.74
CA ILE D 201 1.52 -16.14 -41.78
C ILE D 201 0.27 -16.90 -42.23
N PHE D 202 -0.77 -16.16 -42.65
CA PHE D 202 -2.00 -16.79 -43.12
C PHE D 202 -1.71 -17.83 -44.19
N ASP D 203 -0.83 -17.49 -45.15
CA ASP D 203 -0.52 -18.40 -46.24
C ASP D 203 0.18 -19.66 -45.76
N ILE D 204 0.98 -19.56 -44.70
CA ILE D 204 1.64 -20.73 -44.15
C ILE D 204 0.65 -21.56 -43.34
N ALA D 205 -0.18 -20.91 -42.54
CA ALA D 205 -1.05 -21.62 -41.62
C ALA D 205 -2.21 -22.29 -42.32
N PHE D 206 -2.69 -21.74 -43.44
CA PHE D 206 -3.85 -22.26 -44.15
C PHE D 206 -3.56 -22.51 -45.63
N PRO D 207 -2.68 -23.46 -45.94
CA PRO D 207 -2.40 -23.77 -47.36
C PRO D 207 -3.62 -24.40 -48.01
N ASP D 208 -3.87 -24.04 -49.28
CA ASP D 208 -5.07 -24.56 -49.95
C ASP D 208 -4.86 -25.97 -50.54
N ARG E 14 0.27 34.52 23.51
CA ARG E 14 1.34 33.70 22.94
C ARG E 14 1.81 32.67 23.94
N MET E 15 2.50 31.63 23.46
CA MET E 15 2.94 30.57 24.38
C MET E 15 4.00 31.11 25.32
N TYR E 16 4.95 31.88 24.77
CA TYR E 16 5.94 32.60 25.56
C TYR E 16 5.77 34.09 25.30
N ASP E 17 5.60 34.86 26.37
CA ASP E 17 5.68 36.32 26.23
C ASP E 17 7.14 36.79 26.30
N VAL E 18 7.90 36.26 27.26
CA VAL E 18 9.33 36.50 27.34
C VAL E 18 10.02 35.15 27.13
N THR E 19 10.95 35.07 26.15
CA THR E 19 11.57 33.78 25.88
C THR E 19 12.79 33.60 26.78
N PRO E 20 12.94 32.45 27.44
CA PRO E 20 14.17 32.16 28.21
C PRO E 20 15.28 31.68 27.31
N PRO E 21 16.47 31.41 27.85
CA PRO E 21 17.56 30.88 27.00
C PRO E 21 17.17 29.56 26.36
N GLY E 22 17.57 29.38 25.10
CA GLY E 22 17.23 28.17 24.37
C GLY E 22 15.87 28.16 23.69
N VAL E 23 15.13 29.27 23.73
CA VAL E 23 13.79 29.33 23.12
C VAL E 23 13.77 30.47 22.10
N VAL E 24 13.42 30.16 20.86
CA VAL E 24 13.35 31.17 19.76
C VAL E 24 12.03 31.05 19.01
N MET E 25 11.46 32.19 18.63
CA MET E 25 10.21 32.19 17.85
C MET E 25 10.48 31.96 16.36
N GLY E 26 9.83 30.96 15.81
CA GLY E 26 9.90 30.71 14.38
C GLY E 26 8.58 31.00 13.69
N LEU E 27 8.47 30.74 12.40
CA LEU E 27 7.31 31.09 11.58
C LEU E 27 7.00 29.95 10.63
N ALA E 28 5.71 29.62 10.49
CA ALA E 28 5.29 28.50 9.67
C ALA E 28 4.10 28.91 8.82
N TRP E 29 3.76 28.08 7.83
CA TRP E 29 2.52 28.36 7.10
C TRP E 29 1.92 27.07 6.57
N THR E 30 0.64 27.17 6.22
CA THR E 30 -0.11 26.18 5.46
C THR E 30 -0.92 26.91 4.39
N ALA E 31 -1.69 26.15 3.62
CA ALA E 31 -2.63 26.75 2.66
C ALA E 31 -3.65 27.66 3.35
N MET E 32 -3.83 27.54 4.67
CA MET E 32 -4.80 28.34 5.38
C MET E 32 -4.19 29.63 5.95
N GLY E 33 -2.87 29.75 5.98
CA GLY E 33 -2.27 30.98 6.43
C GLY E 33 -1.04 30.70 7.26
N GLY E 34 -0.46 31.76 7.83
CA GLY E 34 0.74 31.63 8.61
C GLY E 34 0.47 31.45 10.08
N SER E 35 1.52 31.11 10.82
CA SER E 35 1.41 31.02 12.27
C SER E 35 2.81 31.15 12.84
N THR E 36 2.88 31.47 14.13
CA THR E 36 4.14 31.46 14.85
C THR E 36 4.27 30.15 15.63
N LEU E 37 5.51 29.81 15.97
CA LEU E 37 5.76 28.72 16.88
C LEU E 37 7.10 28.94 17.56
N PHE E 38 7.39 28.11 18.55
CA PHE E 38 8.60 28.26 19.35
C PHE E 38 9.42 26.99 19.26
N VAL E 39 10.71 27.16 19.00
CA VAL E 39 11.67 26.08 19.17
C VAL E 39 12.18 26.11 20.61
N GLU E 40 12.07 24.97 21.29
CA GLU E 40 12.56 24.81 22.65
C GLU E 40 13.77 23.88 22.65
N THR E 41 14.76 24.20 23.47
CA THR E 41 15.90 23.32 23.68
C THR E 41 16.22 23.28 25.17
N SER E 42 16.82 22.17 25.59
CA SER E 42 17.29 22.01 26.95
C SER E 42 18.45 21.04 26.92
N LEU E 43 19.26 21.05 27.98
CA LEU E 43 20.45 20.21 27.96
C LEU E 43 20.75 19.69 29.35
N ARG E 44 21.48 18.58 29.39
CA ARG E 44 21.95 17.93 30.61
C ARG E 44 23.44 17.63 30.43
N ARG E 45 24.26 18.12 31.36
CA ARG E 45 25.70 17.82 31.37
C ARG E 45 26.00 16.32 31.44
N ASP E 56 31.44 13.81 23.90
CA ASP E 56 30.47 12.96 23.20
C ASP E 56 29.03 13.41 23.43
N GLY E 57 28.63 14.53 22.84
CA GLY E 57 27.29 15.04 23.01
C GLY E 57 26.29 14.41 22.05
N SER E 58 25.04 14.87 22.14
CA SER E 58 23.99 14.35 21.27
C SER E 58 22.87 15.37 21.15
N LEU E 59 22.07 15.20 20.10
CA LEU E 59 20.88 16.02 19.87
C LEU E 59 19.71 15.09 19.63
N GLU E 60 18.68 15.18 20.47
CA GLU E 60 17.43 14.44 20.29
C GLU E 60 16.33 15.44 19.96
N VAL E 61 15.51 15.13 18.94
CA VAL E 61 14.48 16.06 18.45
C VAL E 61 13.11 15.41 18.54
N THR E 62 12.12 16.20 18.95
CA THR E 62 10.72 15.78 19.01
C THR E 62 9.86 16.92 18.49
N GLY E 63 8.59 16.62 18.27
CA GLY E 63 7.64 17.60 17.77
C GLY E 63 6.99 17.18 16.46
N GLN E 64 6.99 15.87 16.17
CA GLN E 64 6.41 15.35 14.93
C GLN E 64 7.02 16.04 13.71
N LEU E 65 8.35 16.04 13.67
CA LEU E 65 9.13 16.69 12.60
C LEU E 65 9.31 15.73 11.44
N GLY E 66 9.07 16.21 10.22
CA GLY E 66 9.33 15.40 9.04
C GLY E 66 10.83 15.32 8.76
N GLU E 67 11.16 14.52 7.75
CA GLU E 67 12.56 14.21 7.45
C GLU E 67 13.35 15.44 7.05
N VAL E 68 12.75 16.30 6.22
CA VAL E 68 13.48 17.50 5.79
C VAL E 68 13.80 18.37 7.00
N MET E 69 12.84 18.51 7.93
CA MET E 69 13.09 19.32 9.12
C MET E 69 14.10 18.64 10.07
N LYS E 70 14.06 17.31 10.18
CA LYS E 70 15.08 16.63 10.97
C LYS E 70 16.48 16.84 10.38
N GLU E 71 16.59 16.80 9.05
CA GLU E 71 17.90 17.08 8.43
C GLU E 71 18.33 18.51 8.71
N SER E 72 17.38 19.45 8.68
CA SER E 72 17.76 20.84 8.98
C SER E 72 18.25 20.99 10.41
N ALA E 73 17.68 20.21 11.34
CA ALA E 73 18.19 20.23 12.72
C ALA E 73 19.61 19.69 12.78
N ARG E 74 19.92 18.64 12.00
CA ARG E 74 21.28 18.10 12.00
CA ARG E 74 21.28 18.10 12.01
C ARG E 74 22.28 19.10 11.43
N ILE E 75 21.89 19.81 10.36
CA ILE E 75 22.76 20.84 9.78
C ILE E 75 22.96 21.98 10.77
N ALA E 76 21.87 22.43 11.37
CA ALA E 76 21.95 23.54 12.30
C ALA E 76 22.85 23.20 13.48
N TYR E 77 22.78 21.96 13.94
CA TYR E 77 23.60 21.50 15.07
C TYR E 77 25.08 21.47 14.72
N THR E 78 25.41 20.91 13.55
CA THR E 78 26.79 20.91 13.08
C THR E 78 27.31 22.34 12.92
N PHE E 79 26.49 23.21 12.32
CA PHE E 79 26.95 24.58 12.09
C PHE E 79 27.07 25.33 13.42
N ALA E 80 26.09 25.17 14.31
CA ALA E 80 26.14 25.85 15.60
C ALA E 80 27.39 25.45 16.36
N ARG E 81 27.75 24.16 16.33
CA ARG E 81 28.98 23.72 16.98
C ARG E 81 30.19 24.46 16.41
N ALA E 82 30.27 24.56 15.09
CA ALA E 82 31.42 25.23 14.47
C ALA E 82 31.40 26.73 14.75
N PHE E 83 30.23 27.35 14.72
CA PHE E 83 30.14 28.79 14.97
C PHE E 83 30.55 29.12 16.39
N LEU E 84 30.05 28.35 17.36
CA LEU E 84 30.40 28.61 18.75
C LEU E 84 31.88 28.34 19.01
N MET E 85 32.46 27.39 18.29
CA MET E 85 33.88 27.13 18.46
C MET E 85 34.71 28.35 18.06
N GLN E 86 34.32 29.04 16.99
CA GLN E 86 35.04 30.24 16.55
C GLN E 86 34.76 31.41 17.48
N HIS E 87 33.51 31.58 17.90
CA HIS E 87 33.09 32.75 18.66
C HIS E 87 33.40 32.63 20.15
N ALA E 88 33.46 31.42 20.68
CA ALA E 88 33.68 31.21 22.13
C ALA E 88 34.36 29.86 22.34
N PRO E 89 35.65 29.76 22.01
CA PRO E 89 36.32 28.46 22.05
C PRO E 89 36.27 27.78 23.41
N ALA E 90 36.11 28.52 24.50
CA ALA E 90 36.05 27.92 25.83
C ALA E 90 34.70 27.29 26.16
N ASN E 91 33.67 27.54 25.36
CA ASN E 91 32.33 27.05 25.65
C ASN E 91 32.18 25.67 25.01
N ASP E 92 32.10 24.63 25.84
CA ASP E 92 32.01 23.26 25.36
C ASP E 92 30.61 22.70 25.41
N TYR E 93 29.60 23.53 25.66
CA TYR E 93 28.26 23.01 25.91
C TYR E 93 27.71 22.27 24.71
N LEU E 94 27.98 22.76 23.49
CA LEU E 94 27.41 22.12 22.31
C LEU E 94 28.17 20.86 21.89
N VAL E 95 29.39 20.63 22.38
CA VAL E 95 30.12 19.44 21.97
C VAL E 95 29.95 18.32 22.98
N THR E 96 29.74 18.66 24.25
CA THR E 96 29.69 17.64 25.29
C THR E 96 28.30 17.35 25.84
N SER E 97 27.31 18.23 25.63
CA SER E 97 26.05 18.08 26.33
C SER E 97 25.08 17.18 25.57
N HIS E 98 24.17 16.57 26.32
CA HIS E 98 23.04 15.86 25.74
C HIS E 98 21.91 16.86 25.62
N ILE E 99 21.61 17.24 24.38
CA ILE E 99 20.69 18.33 24.08
C ILE E 99 19.38 17.73 23.56
N HIS E 100 18.27 18.32 23.99
CA HIS E 100 16.95 17.95 23.51
CA HIS E 100 16.95 17.95 23.50
C HIS E 100 16.33 19.17 22.83
N LEU E 101 15.74 18.96 21.66
CA LEU E 101 15.08 20.02 20.92
C LEU E 101 13.64 19.59 20.70
N HIS E 102 12.71 20.51 20.94
CA HIS E 102 11.30 20.21 20.83
C HIS E 102 10.58 21.37 20.16
N VAL E 103 9.63 21.05 19.30
CA VAL E 103 8.80 22.09 18.67
C VAL E 103 7.34 21.81 19.00
N PRO E 104 6.80 22.41 20.05
CA PRO E 104 5.36 22.27 20.32
C PRO E 104 4.57 23.02 19.27
N GLU E 105 3.27 22.72 19.17
CA GLU E 105 2.53 21.74 19.96
C GLU E 105 2.85 20.30 19.54
N GLY E 106 2.79 19.38 20.51
CA GLY E 106 3.35 18.06 20.29
C GLY E 106 2.66 17.24 19.20
N ALA E 107 1.36 17.40 19.04
CA ALA E 107 0.60 16.57 18.11
C ALA E 107 0.62 17.08 16.67
N THR E 108 1.10 18.30 16.43
CA THR E 108 0.97 18.92 15.12
C THR E 108 2.13 18.51 14.22
N PRO E 109 1.87 17.90 13.06
CA PRO E 109 2.97 17.56 12.14
C PRO E 109 3.65 18.83 11.64
N LYS E 110 4.98 18.77 11.52
CA LYS E 110 5.77 19.90 11.03
C LYS E 110 6.85 19.40 10.08
N ASP E 111 7.23 20.24 9.11
CA ASP E 111 8.27 19.87 8.16
C ASP E 111 8.83 21.12 7.48
N GLY E 112 9.89 20.92 6.71
CA GLY E 112 10.46 22.01 5.96
C GLY E 112 11.79 22.43 6.53
N PRO E 113 12.59 23.13 5.73
CA PRO E 113 13.94 23.54 6.14
C PRO E 113 14.05 24.95 6.70
N SER E 114 12.95 25.70 6.76
CA SER E 114 12.98 27.13 7.01
C SER E 114 13.17 27.49 8.48
N ALA E 115 13.21 26.53 9.40
CA ALA E 115 13.54 26.81 10.79
C ALA E 115 15.03 26.58 11.08
N GLY E 116 15.84 26.36 10.04
CA GLY E 116 17.27 26.20 10.25
C GLY E 116 17.93 27.31 11.07
N CYS E 117 17.85 28.56 10.63
CA CYS E 117 18.39 29.65 11.46
C CYS E 117 17.81 29.65 12.86
N THR E 118 16.49 29.44 12.97
CA THR E 118 15.82 29.41 14.28
C THR E 118 16.47 28.37 15.20
N ILE E 119 16.79 27.19 14.66
CA ILE E 119 17.39 26.12 15.47
C ILE E 119 18.84 26.47 15.83
N VAL E 120 19.60 27.00 14.87
CA VAL E 120 20.95 27.47 15.19
C VAL E 120 20.90 28.44 16.36
N THR E 121 19.99 29.42 16.28
CA THR E 121 19.90 30.45 17.30
C THR E 121 19.52 29.85 18.64
N ALA E 122 18.57 28.91 18.63
CA ALA E 122 18.14 28.31 19.89
C ALA E 122 19.30 27.56 20.55
N LEU E 123 20.07 26.81 19.76
CA LEU E 123 21.22 26.08 20.32
C LEU E 123 22.26 27.03 20.88
N LEU E 124 22.56 28.11 20.17
CA LEU E 124 23.54 29.07 20.68
C LEU E 124 23.01 29.77 21.92
N SER E 125 21.74 30.18 21.88
CA SER E 125 21.12 30.81 23.05
C SER E 125 21.24 29.91 24.28
N LEU E 126 20.92 28.62 24.14
CA LEU E 126 21.05 27.69 25.26
C LEU E 126 22.51 27.58 25.71
N ALA E 127 23.43 27.43 24.76
CA ALA E 127 24.83 27.20 25.12
C ALA E 127 25.41 28.41 25.83
N MET E 128 24.96 29.61 25.47
CA MET E 128 25.44 30.84 26.06
C MET E 128 24.70 31.24 27.33
N GLY E 129 23.59 30.59 27.61
CA GLY E 129 22.75 30.99 28.75
C GLY E 129 22.20 32.39 28.55
N ARG E 130 22.09 32.81 27.28
CA ARG E 130 21.62 34.17 26.96
C ARG E 130 20.34 34.11 26.13
N PRO E 131 19.25 34.75 26.58
CA PRO E 131 18.03 34.81 25.80
C PRO E 131 18.18 35.69 24.55
N VAL E 132 17.44 35.39 23.50
CA VAL E 132 17.41 36.22 22.30
C VAL E 132 16.58 37.49 22.56
N ARG E 133 16.80 38.48 21.70
CA ARG E 133 15.99 39.69 21.71
C ARG E 133 14.50 39.34 21.77
N GLN E 134 13.76 40.06 22.60
CA GLN E 134 12.34 39.77 22.76
C GLN E 134 11.54 40.30 21.57
N ASN E 135 10.41 39.65 21.28
CA ASN E 135 9.52 40.04 20.17
C ASN E 135 10.25 39.94 18.83
N LEU E 136 11.18 39.00 18.74
CA LEU E 136 11.92 38.75 17.50
C LEU E 136 11.44 37.43 16.94
N ALA E 137 11.29 37.37 15.62
CA ALA E 137 11.01 36.12 14.93
C ALA E 137 11.87 36.05 13.69
N MET E 138 12.13 34.81 13.24
CA MET E 138 13.00 34.62 12.10
C MET E 138 12.53 33.41 11.29
N THR E 139 12.91 33.41 10.02
CA THR E 139 12.66 32.28 9.14
C THR E 139 13.80 32.29 8.13
N GLY E 140 14.28 31.11 7.76
CA GLY E 140 15.40 31.05 6.85
C GLY E 140 16.08 29.69 6.90
N GLU E 141 16.31 29.10 5.73
CA GLU E 141 17.07 27.86 5.64
C GLU E 141 18.55 28.18 5.83
N VAL E 142 19.27 27.32 6.55
CA VAL E 142 20.71 27.49 6.77
C VAL E 142 21.43 26.39 6.00
N SER E 143 22.48 26.78 5.27
CA SER E 143 23.35 25.81 4.63
C SER E 143 24.44 25.33 5.61
N LEU E 144 25.20 24.32 5.18
CA LEU E 144 26.21 23.75 6.06
C LEU E 144 27.30 24.78 6.41
N THR E 145 27.54 25.76 5.55
CA THR E 145 28.53 26.79 5.84
C THR E 145 27.90 28.05 6.43
N GLY E 146 26.60 28.01 6.75
CA GLY E 146 25.97 29.17 7.37
C GLY E 146 25.32 30.15 6.41
N LYS E 147 25.29 29.88 5.11
CA LYS E 147 24.52 30.74 4.21
C LYS E 147 23.04 30.64 4.54
N ILE E 148 22.33 31.76 4.40
CA ILE E 148 20.90 31.79 4.65
C ILE E 148 20.18 31.75 3.31
N LEU E 149 19.33 30.74 3.11
CA LEU E 149 18.70 30.54 1.81
C LEU E 149 17.23 30.92 1.86
N PRO E 150 16.66 31.34 0.73
CA PRO E 150 15.26 31.81 0.72
C PRO E 150 14.28 30.69 1.02
N VAL E 151 13.11 31.10 1.51
CA VAL E 151 12.06 30.21 1.98
C VAL E 151 10.74 30.63 1.36
N GLY E 152 9.72 29.78 1.53
CA GLY E 152 8.39 30.08 1.04
C GLY E 152 7.52 30.72 2.12
N GLY E 153 6.34 31.17 1.70
CA GLY E 153 5.35 31.63 2.65
C GLY E 153 5.69 32.91 3.36
N ILE E 154 6.57 33.74 2.80
CA ILE E 154 6.99 34.98 3.46
C ILE E 154 5.79 35.88 3.74
N LYS E 155 4.87 36.00 2.78
CA LYS E 155 3.73 36.88 2.98
C LYS E 155 2.88 36.42 4.16
N GLU E 156 2.55 35.13 4.19
CA GLU E 156 1.74 34.56 5.27
C GLU E 156 2.47 34.64 6.60
N LYS E 157 3.78 34.34 6.60
CA LYS E 157 4.55 34.34 7.83
C LYS E 157 4.65 35.73 8.45
N THR E 158 4.85 36.75 7.60
CA THR E 158 4.96 38.12 8.09
C THR E 158 3.64 38.60 8.69
N ILE E 159 2.52 38.29 8.04
CA ILE E 159 1.21 38.65 8.59
C ILE E 159 1.02 37.99 9.94
N ALA E 160 1.41 36.70 10.07
CA ALA E 160 1.28 36.01 11.36
C ALA E 160 2.19 36.63 12.41
N ALA E 161 3.41 37.01 12.02
CA ALA E 161 4.31 37.66 12.97
C ALA E 161 3.69 38.96 13.50
N LYS E 162 3.17 39.79 12.59
CA LYS E 162 2.56 41.05 13.02
C LYS E 162 1.42 40.77 13.99
N ARG E 163 0.58 39.79 13.69
CA ARG E 163 -0.55 39.48 14.57
C ARG E 163 -0.09 39.01 15.94
N ALA E 164 1.06 38.34 16.02
CA ALA E 164 1.57 37.86 17.29
C ALA E 164 2.39 38.90 18.05
N GLY E 165 2.41 40.15 17.59
CA GLY E 165 3.18 41.17 18.29
C GLY E 165 4.66 41.18 18.01
N VAL E 166 5.13 40.50 16.96
CA VAL E 166 6.53 40.60 16.58
C VAL E 166 6.84 42.02 16.11
N THR E 167 7.94 42.58 16.59
CA THR E 167 8.38 43.89 16.12
C THR E 167 9.69 43.86 15.35
N CYS E 168 10.38 42.72 15.36
CA CYS E 168 11.63 42.59 14.63
C CYS E 168 11.60 41.24 13.92
N ILE E 169 11.74 41.25 12.61
CA ILE E 169 11.60 40.04 11.81
C ILE E 169 12.85 39.91 10.95
N VAL E 170 13.42 38.72 10.96
CA VAL E 170 14.67 38.43 10.26
C VAL E 170 14.34 37.48 9.12
N LEU E 171 14.72 37.85 7.90
CA LEU E 171 14.34 37.13 6.68
C LEU E 171 15.53 36.97 5.74
N PRO E 172 15.52 35.95 4.88
CA PRO E 172 16.58 35.83 3.88
C PRO E 172 16.53 36.99 2.90
N ALA E 173 17.71 37.49 2.53
CA ALA E 173 17.78 38.61 1.59
C ALA E 173 17.09 38.30 0.27
N GLU E 174 17.13 37.04 -0.18
CA GLU E 174 16.48 36.77 -1.47
C GLU E 174 14.96 36.76 -1.39
N ASN E 175 14.38 36.89 -0.20
CA ASN E 175 12.93 37.02 -0.06
C ASN E 175 12.49 38.48 0.08
N LYS E 176 13.38 39.43 -0.21
CA LYS E 176 13.02 40.85 -0.08
C LYS E 176 11.83 41.21 -0.96
N LYS E 177 11.80 40.74 -2.21
CA LYS E 177 10.68 41.07 -3.08
C LYS E 177 9.37 40.52 -2.53
N ASP E 178 9.41 39.33 -1.94
CA ASP E 178 8.19 38.75 -1.36
C ASP E 178 7.66 39.61 -0.23
N PHE E 179 8.57 40.08 0.64
CA PHE E 179 8.17 40.93 1.75
C PHE E 179 7.49 42.20 1.24
N TYR E 180 8.05 42.82 0.20
CA TYR E 180 7.49 44.08 -0.29
C TYR E 180 6.32 43.88 -1.27
N ASP E 181 5.87 42.64 -1.49
CA ASP E 181 4.56 42.44 -2.10
C ASP E 181 3.42 42.68 -1.11
N LEU E 182 3.72 42.89 0.17
CA LEU E 182 2.72 43.12 1.20
C LEU E 182 2.32 44.58 1.29
N ALA E 183 1.10 44.83 1.75
CA ALA E 183 0.65 46.20 1.98
C ALA E 183 1.55 46.90 2.99
N ALA E 184 1.68 48.22 2.83
CA ALA E 184 2.52 49.02 3.71
C ALA E 184 2.05 48.95 5.17
N PHE E 185 0.73 48.86 5.41
CA PHE E 185 0.28 48.85 6.79
C PHE E 185 0.80 47.63 7.53
N ILE E 186 1.14 46.57 6.79
CA ILE E 186 1.73 45.39 7.39
C ILE E 186 3.23 45.56 7.61
N THR E 187 3.96 45.99 6.58
CA THR E 187 5.42 46.00 6.67
C THR E 187 6.00 47.23 7.36
N GLU E 188 5.33 48.38 7.30
CA GLU E 188 5.90 49.62 7.82
C GLU E 188 6.09 49.65 9.34
N GLY E 189 5.38 48.81 10.11
CA GLY E 189 5.56 48.83 11.55
C GLY E 189 6.53 47.77 12.06
N LEU E 190 7.07 46.95 11.18
CA LEU E 190 8.11 45.98 11.49
C LEU E 190 9.53 46.50 11.26
N GLU E 191 10.40 46.25 12.21
CA GLU E 191 11.83 46.35 11.95
C GLU E 191 12.28 45.09 11.22
N VAL E 192 12.63 45.19 9.94
CA VAL E 192 12.93 44.03 9.11
C VAL E 192 14.43 44.00 8.80
N HIS E 193 15.01 42.81 8.86
CA HIS E 193 16.41 42.57 8.55
C HIS E 193 16.51 41.48 7.49
N PHE E 194 17.19 41.79 6.39
CA PHE E 194 17.40 40.85 5.29
C PHE E 194 18.83 40.37 5.40
N VAL E 195 19.03 39.05 5.49
CA VAL E 195 20.34 38.51 5.82
C VAL E 195 20.78 37.50 4.75
N GLU E 196 22.10 37.34 4.63
CA GLU E 196 22.69 36.34 3.74
C GLU E 196 23.55 35.30 4.44
N HIS E 197 23.98 35.55 5.67
CA HIS E 197 24.85 34.66 6.44
C HIS E 197 24.35 34.60 7.86
N TYR E 198 24.56 33.46 8.53
CA TYR E 198 24.04 33.34 9.89
C TYR E 198 24.64 34.40 10.82
N ARG E 199 25.89 34.82 10.59
CA ARG E 199 26.51 35.75 11.52
C ARG E 199 25.71 37.05 11.63
N GLU E 200 25.02 37.46 10.57
CA GLU E 200 24.17 38.65 10.67
C GLU E 200 22.99 38.41 11.60
N ILE E 201 22.42 37.21 11.56
CA ILE E 201 21.33 36.87 12.48
C ILE E 201 21.85 36.89 13.92
N PHE E 202 23.03 36.31 14.15
CA PHE E 202 23.61 36.29 15.48
C PHE E 202 23.69 37.68 16.08
N ASP E 203 24.18 38.65 15.31
CA ASP E 203 24.34 40.01 15.82
C ASP E 203 22.99 40.66 16.12
N ILE E 204 21.93 40.30 15.38
CA ILE E 204 20.60 40.83 15.64
C ILE E 204 19.98 40.18 16.87
N ALA E 205 20.11 38.86 16.99
CA ALA E 205 19.45 38.12 18.05
C ALA E 205 20.14 38.34 19.40
N PHE E 206 21.45 38.57 19.39
CA PHE E 206 22.26 38.74 20.61
C PHE E 206 23.05 40.06 20.52
N PRO E 207 22.38 41.19 20.62
CA PRO E 207 23.11 42.47 20.47
C PRO E 207 24.11 42.70 21.60
N ASP E 208 25.11 43.52 21.29
CA ASP E 208 26.20 43.80 22.24
C ASP E 208 26.10 45.20 22.81
N GLU F 13 -21.92 -38.75 5.89
CA GLU F 13 -21.80 -37.65 6.83
C GLU F 13 -21.08 -36.46 6.22
N ARG F 14 -21.85 -35.55 5.63
CA ARG F 14 -21.36 -34.46 4.79
C ARG F 14 -22.54 -33.55 4.50
N MET F 15 -22.29 -32.43 3.81
CA MET F 15 -23.33 -31.41 3.67
C MET F 15 -24.55 -31.95 2.94
N TYR F 16 -24.33 -32.70 1.86
CA TYR F 16 -25.41 -33.38 1.16
C TYR F 16 -25.20 -34.88 1.28
N ASP F 17 -26.22 -35.59 1.76
CA ASP F 17 -26.18 -37.05 1.71
C ASP F 17 -26.57 -37.54 0.32
N VAL F 18 -27.68 -37.02 -0.19
CA VAL F 18 -28.14 -37.26 -1.56
C VAL F 18 -28.17 -35.92 -2.26
N THR F 19 -27.54 -35.83 -3.43
CA THR F 19 -27.46 -34.55 -4.14
C THR F 19 -28.68 -34.37 -5.05
N PRO F 20 -29.33 -33.22 -5.02
CA PRO F 20 -30.41 -32.94 -5.99
C PRO F 20 -29.81 -32.48 -7.30
N PRO F 21 -30.65 -32.24 -8.31
CA PRO F 21 -30.12 -31.73 -9.58
C PRO F 21 -29.40 -30.40 -9.36
N GLY F 22 -28.31 -30.21 -10.09
CA GLY F 22 -27.53 -29.00 -9.99
C GLY F 22 -26.50 -28.99 -8.88
N VAL F 23 -26.34 -30.07 -8.12
CA VAL F 23 -25.40 -30.14 -7.00
C VAL F 23 -24.42 -31.28 -7.26
N VAL F 24 -23.12 -30.98 -7.17
CA VAL F 24 -22.09 -31.97 -7.49
C VAL F 24 -20.98 -31.84 -6.45
N MET F 25 -20.44 -32.99 -6.02
CA MET F 25 -19.38 -32.98 -5.01
C MET F 25 -18.02 -32.79 -5.68
N GLY F 26 -17.29 -31.78 -5.23
CA GLY F 26 -15.91 -31.56 -5.65
C GLY F 26 -14.94 -31.80 -4.50
N LEU F 27 -13.67 -31.55 -4.79
CA LEU F 27 -12.59 -31.89 -3.87
C LEU F 27 -11.59 -30.75 -3.83
N ALA F 28 -11.12 -30.40 -2.63
CA ALA F 28 -10.18 -29.31 -2.45
C ALA F 28 -9.09 -29.74 -1.47
N TRP F 29 -8.02 -28.94 -1.39
CA TRP F 29 -7.00 -29.19 -0.38
C TRP F 29 -6.29 -27.89 0.00
N THR F 30 -5.60 -27.99 1.14
CA THR F 30 -4.66 -26.99 1.66
C THR F 30 -3.44 -27.73 2.18
N ALA F 31 -2.49 -26.97 2.72
CA ALA F 31 -1.32 -27.54 3.38
C ALA F 31 -1.71 -28.48 4.52
N MET F 32 -2.93 -28.39 5.03
CA MET F 32 -3.32 -29.22 6.17
C MET F 32 -4.05 -30.49 5.76
N GLY F 33 -4.46 -30.62 4.51
CA GLY F 33 -5.08 -31.85 4.05
C GLY F 33 -6.21 -31.57 3.08
N GLY F 34 -6.91 -32.63 2.68
CA GLY F 34 -8.00 -32.50 1.73
C GLY F 34 -9.35 -32.29 2.40
N SER F 35 -10.34 -31.92 1.59
CA SER F 35 -11.71 -31.81 2.06
C SER F 35 -12.63 -31.92 0.87
N THR F 36 -13.90 -32.23 1.13
CA THR F 36 -14.92 -32.22 0.10
C THR F 36 -15.68 -30.90 0.15
N LEU F 37 -16.29 -30.55 -0.98
CA LEU F 37 -17.21 -29.43 -0.99
C LEU F 37 -18.21 -29.69 -2.10
N PHE F 38 -19.27 -28.89 -2.14
CA PHE F 38 -20.33 -29.08 -3.11
C PHE F 38 -20.48 -27.81 -3.94
N VAL F 39 -20.59 -27.98 -5.24
CA VAL F 39 -20.99 -26.89 -6.12
C VAL F 39 -22.51 -26.90 -6.19
N GLU F 40 -23.13 -25.76 -5.89
CA GLU F 40 -24.57 -25.58 -5.98
C GLU F 40 -24.91 -24.66 -7.15
N THR F 41 -25.97 -24.99 -7.89
CA THR F 41 -26.49 -24.12 -8.94
C THR F 41 -28.01 -24.08 -8.84
N SER F 42 -28.59 -22.98 -9.29
CA SER F 42 -30.03 -22.81 -9.38
C SER F 42 -30.32 -21.80 -10.47
N LEU F 43 -31.54 -21.82 -10.98
CA LEU F 43 -31.79 -20.99 -12.15
C LEU F 43 -33.21 -20.47 -12.14
N ARG F 44 -33.41 -19.37 -12.88
CA ARG F 44 -34.73 -18.79 -13.11
C ARG F 44 -34.88 -18.56 -14.61
N ARG F 45 -35.91 -19.18 -15.20
CA ARG F 45 -36.27 -18.97 -16.59
C ARG F 45 -36.53 -17.51 -16.89
N ASP F 56 -30.69 -13.52 -23.74
CA ASP F 56 -29.70 -14.54 -23.40
C ASP F 56 -29.46 -14.61 -21.87
N GLY F 57 -29.13 -15.79 -21.38
CA GLY F 57 -28.96 -16.03 -19.98
C GLY F 57 -27.71 -15.36 -19.41
N SER F 58 -27.44 -15.68 -18.15
CA SER F 58 -26.28 -15.16 -17.45
C SER F 58 -25.91 -16.12 -16.32
N LEU F 59 -24.69 -15.97 -15.83
CA LEU F 59 -24.18 -16.75 -14.71
C LEU F 59 -23.62 -15.78 -13.66
N GLU F 60 -24.16 -15.88 -12.45
CA GLU F 60 -23.64 -15.16 -11.29
C GLU F 60 -23.02 -16.19 -10.35
N VAL F 61 -21.83 -15.90 -9.81
CA VAL F 61 -21.11 -16.84 -8.97
C VAL F 61 -20.80 -16.19 -7.62
N THR F 62 -20.94 -16.96 -6.54
CA THR F 62 -20.60 -16.52 -5.20
C THR F 62 -19.87 -17.66 -4.48
N GLY F 63 -19.32 -17.33 -3.32
CA GLY F 63 -18.57 -18.29 -2.54
C GLY F 63 -17.15 -17.86 -2.26
N GLN F 64 -16.86 -16.56 -2.35
CA GLN F 64 -15.50 -16.06 -2.11
C GLN F 64 -14.49 -16.77 -3.03
N LEU F 65 -14.80 -16.75 -4.32
CA LEU F 65 -13.98 -17.41 -5.32
C LEU F 65 -12.89 -16.47 -5.80
N GLY F 66 -11.65 -16.97 -5.89
CA GLY F 66 -10.56 -16.19 -6.46
C GLY F 66 -10.69 -16.09 -7.98
N GLU F 67 -9.80 -15.29 -8.57
CA GLU F 67 -9.91 -14.98 -9.99
C GLU F 67 -9.77 -16.22 -10.88
N VAL F 68 -8.84 -17.11 -10.56
CA VAL F 68 -8.64 -18.31 -11.38
C VAL F 68 -9.90 -19.18 -11.36
N MET F 69 -10.52 -19.31 -10.19
CA MET F 69 -11.74 -20.11 -10.11
C MET F 69 -12.91 -19.44 -10.81
N LYS F 70 -13.00 -18.11 -10.74
CA LYS F 70 -14.04 -17.42 -11.48
C LYS F 70 -13.88 -17.64 -12.98
N GLU F 71 -12.63 -17.59 -13.49
CA GLU F 71 -12.40 -17.86 -14.91
C GLU F 71 -12.80 -19.29 -15.26
N SER F 72 -12.53 -20.25 -14.37
CA SER F 72 -12.87 -21.63 -14.68
C SER F 72 -14.38 -21.81 -14.75
N ALA F 73 -15.14 -21.07 -13.94
CA ALA F 73 -16.58 -21.07 -14.05
C ALA F 73 -17.02 -20.50 -15.40
N ARG F 74 -16.40 -19.41 -15.83
CA ARG F 74 -16.69 -18.90 -17.20
CA ARG F 74 -16.68 -18.92 -17.22
C ARG F 74 -16.38 -19.92 -18.39
N ILE F 75 -15.22 -20.56 -18.20
CA ILE F 75 -14.87 -21.60 -19.17
C ILE F 75 -15.88 -22.74 -19.12
N ALA F 76 -16.20 -23.20 -17.91
CA ALA F 76 -17.15 -24.29 -17.76
C ALA F 76 -18.53 -23.91 -18.30
N TYR F 77 -18.94 -22.65 -18.10
CA TYR F 77 -20.23 -22.18 -18.60
C TYR F 77 -20.26 -22.23 -20.12
N THR F 78 -19.21 -21.70 -20.76
CA THR F 78 -19.13 -21.75 -22.22
C THR F 78 -19.13 -23.18 -22.73
N PHE F 79 -18.33 -24.05 -22.11
CA PHE F 79 -18.26 -25.43 -22.63
C PHE F 79 -19.57 -26.17 -22.41
N ALA F 80 -20.19 -25.99 -21.24
CA ALA F 80 -21.45 -26.68 -20.93
C ALA F 80 -22.54 -26.28 -21.92
N ARG F 81 -22.60 -25.00 -22.29
CA ARG F 81 -23.55 -24.57 -23.30
C ARG F 81 -23.32 -25.29 -24.62
N ALA F 82 -22.06 -25.38 -25.05
CA ALA F 82 -21.77 -26.07 -26.31
C ALA F 82 -22.05 -27.57 -26.20
N PHE F 83 -21.72 -28.16 -25.06
CA PHE F 83 -21.95 -29.59 -24.89
C PHE F 83 -23.43 -29.91 -24.94
N LEU F 84 -24.24 -29.13 -24.23
CA LEU F 84 -25.68 -29.39 -24.21
C LEU F 84 -26.31 -29.13 -25.56
N MET F 85 -25.79 -28.15 -26.31
CA MET F 85 -26.32 -27.90 -27.65
C MET F 85 -26.07 -29.10 -28.56
N GLN F 86 -24.92 -29.75 -28.38
CA GLN F 86 -24.59 -30.94 -29.14
C GLN F 86 -25.38 -32.16 -28.65
N HIS F 87 -25.57 -32.28 -27.33
CA HIS F 87 -26.19 -33.47 -26.75
C HIS F 87 -27.71 -33.38 -26.64
N ALA F 88 -28.26 -32.16 -26.49
CA ALA F 88 -29.71 -31.98 -26.36
C ALA F 88 -30.09 -30.65 -27.00
N PRO F 89 -30.07 -30.59 -28.34
CA PRO F 89 -30.29 -29.31 -29.02
C PRO F 89 -31.62 -28.65 -28.69
N ALA F 90 -32.63 -29.40 -28.28
CA ALA F 90 -33.90 -28.77 -27.93
C ALA F 90 -33.89 -28.15 -26.53
N ASN F 91 -32.86 -28.38 -25.72
CA ASN F 91 -32.83 -27.87 -24.36
C ASN F 91 -32.14 -26.50 -24.36
N ASP F 92 -32.91 -25.45 -24.12
CA ASP F 92 -32.39 -24.10 -24.16
C ASP F 92 -32.11 -23.52 -22.78
N TYR F 93 -32.09 -24.36 -21.73
CA TYR F 93 -31.98 -23.84 -20.36
C TYR F 93 -30.67 -23.09 -20.14
N LEU F 94 -29.56 -23.58 -20.70
CA LEU F 94 -28.29 -22.92 -20.47
C LEU F 94 -28.11 -21.68 -21.32
N VAL F 95 -28.95 -21.50 -22.34
CA VAL F 95 -28.84 -20.33 -23.20
C VAL F 95 -29.74 -19.19 -22.73
N THR F 96 -30.87 -19.49 -22.10
CA THR F 96 -31.85 -18.46 -21.79
C THR F 96 -31.95 -18.12 -20.30
N SER F 97 -31.47 -18.96 -19.40
CA SER F 97 -31.76 -18.80 -17.98
C SER F 97 -30.74 -17.90 -17.28
N HIS F 98 -31.20 -17.29 -16.19
CA HIS F 98 -30.32 -16.59 -15.27
C HIS F 98 -29.91 -17.58 -14.20
N ILE F 99 -28.65 -17.99 -14.21
CA ILE F 99 -28.15 -19.09 -13.39
C ILE F 99 -27.27 -18.51 -12.30
N HIS F 100 -27.36 -19.10 -11.11
CA HIS F 100 -26.54 -18.71 -9.96
CA HIS F 100 -26.53 -18.72 -9.99
C HIS F 100 -25.75 -19.93 -9.51
N LEU F 101 -24.46 -19.76 -9.34
CA LEU F 101 -23.57 -20.81 -8.89
C LEU F 101 -22.96 -20.39 -7.56
N HIS F 102 -22.96 -21.29 -6.59
CA HIS F 102 -22.45 -20.97 -5.27
C HIS F 102 -21.63 -22.16 -4.74
N VAL F 103 -20.56 -21.87 -4.04
CA VAL F 103 -19.75 -22.89 -3.39
C VAL F 103 -19.66 -22.58 -1.91
N PRO F 104 -20.51 -23.19 -1.08
CA PRO F 104 -20.37 -23.03 0.37
C PRO F 104 -19.12 -23.73 0.88
N GLU F 105 -18.69 -23.40 2.09
CA GLU F 105 -19.28 -22.43 2.99
C GLU F 105 -18.96 -21.00 2.55
N GLY F 106 -19.87 -20.07 2.82
CA GLY F 106 -19.79 -18.76 2.22
C GLY F 106 -18.58 -17.92 2.63
N ALA F 107 -18.10 -18.10 3.86
CA ALA F 107 -16.99 -17.29 4.34
C ALA F 107 -15.63 -17.83 3.96
N THR F 108 -15.54 -19.06 3.45
CA THR F 108 -14.25 -19.70 3.22
C THR F 108 -13.69 -19.29 1.87
N PRO F 109 -12.52 -18.66 1.81
CA PRO F 109 -11.92 -18.32 0.50
C PRO F 109 -11.58 -19.58 -0.29
N LYS F 110 -11.81 -19.53 -1.61
CA LYS F 110 -11.55 -20.67 -2.48
C LYS F 110 -10.92 -20.18 -3.78
N ASP F 111 -10.08 -21.01 -4.38
CA ASP F 111 -9.44 -20.64 -5.64
C ASP F 111 -8.94 -21.90 -6.34
N GLY F 112 -8.49 -21.72 -7.58
CA GLY F 112 -7.92 -22.80 -8.36
C GLY F 112 -8.83 -23.24 -9.50
N PRO F 113 -8.27 -23.95 -10.48
CA PRO F 113 -9.04 -24.37 -11.66
C PRO F 113 -9.63 -25.77 -11.59
N SER F 114 -9.40 -26.51 -10.51
CA SER F 114 -9.65 -27.95 -10.48
C SER F 114 -11.12 -28.31 -10.29
N ALA F 115 -12.00 -27.33 -10.10
CA ALA F 115 -13.44 -27.59 -10.06
C ALA F 115 -14.10 -27.38 -11.42
N GLY F 116 -13.32 -27.18 -12.47
CA GLY F 116 -13.90 -27.03 -13.80
C GLY F 116 -14.87 -28.10 -14.24
N CYS F 117 -14.46 -29.37 -14.25
CA CYS F 117 -15.41 -30.46 -14.54
C CYS F 117 -16.60 -30.45 -13.60
N THR F 118 -16.35 -30.23 -12.30
CA THR F 118 -17.43 -30.19 -11.31
C THR F 118 -18.49 -29.16 -11.70
N ILE F 119 -18.04 -27.99 -12.17
CA ILE F 119 -18.96 -26.92 -12.55
C ILE F 119 -19.68 -27.28 -13.85
N VAL F 120 -18.98 -27.80 -14.84
CA VAL F 120 -19.66 -28.27 -16.06
C VAL F 120 -20.77 -29.25 -15.67
N THR F 121 -20.45 -30.21 -14.80
CA THR F 121 -21.41 -31.24 -14.43
C THR F 121 -22.62 -30.65 -13.71
N ALA F 122 -22.41 -29.68 -12.82
CA ALA F 122 -23.51 -29.07 -12.09
C ALA F 122 -24.46 -28.33 -13.03
N LEU F 123 -23.92 -27.59 -14.00
CA LEU F 123 -24.75 -26.87 -14.95
C LEU F 123 -25.58 -27.83 -15.80
N LEU F 124 -24.95 -28.91 -16.27
CA LEU F 124 -25.68 -29.89 -17.08
C LEU F 124 -26.73 -30.60 -16.25
N SER F 125 -26.39 -30.98 -15.01
CA SER F 125 -27.36 -31.56 -14.07
C SER F 125 -28.59 -30.68 -13.92
N LEU F 126 -28.36 -29.39 -13.65
CA LEU F 126 -29.47 -28.46 -13.50
C LEU F 126 -30.27 -28.36 -14.78
N ALA F 127 -29.60 -28.18 -15.91
CA ALA F 127 -30.30 -27.97 -17.17
C ALA F 127 -31.11 -29.18 -17.58
N MET F 128 -30.64 -30.39 -17.25
CA MET F 128 -31.37 -31.61 -17.57
C MET F 128 -32.36 -32.00 -16.49
N GLY F 129 -32.35 -31.33 -15.35
CA GLY F 129 -33.20 -31.74 -14.25
C GLY F 129 -32.88 -33.12 -13.72
N ARG F 130 -31.61 -33.52 -13.79
CA ARG F 130 -31.24 -34.89 -13.45
C ARG F 130 -30.08 -34.87 -12.45
N PRO F 131 -30.22 -35.51 -11.30
CA PRO F 131 -29.09 -35.56 -10.36
C PRO F 131 -27.97 -36.41 -10.91
N VAL F 132 -26.76 -36.13 -10.45
CA VAL F 132 -25.63 -36.97 -10.77
C VAL F 132 -25.65 -38.21 -9.88
N ARG F 133 -24.93 -39.25 -10.34
CA ARG F 133 -24.71 -40.45 -9.55
C ARG F 133 -24.31 -40.11 -8.12
N GLN F 134 -24.89 -40.85 -7.16
CA GLN F 134 -24.66 -40.58 -5.75
C GLN F 134 -23.31 -41.14 -5.28
N ASN F 135 -22.74 -40.51 -4.25
CA ASN F 135 -21.44 -40.89 -3.69
C ASN F 135 -20.33 -40.78 -4.73
N LEU F 136 -20.47 -39.84 -5.63
CA LEU F 136 -19.51 -39.56 -6.67
C LEU F 136 -18.83 -38.24 -6.34
N ALA F 137 -17.51 -38.17 -6.52
CA ALA F 137 -16.78 -36.91 -6.44
C ALA F 137 -15.79 -36.83 -7.60
N MET F 138 -15.41 -35.61 -7.96
CA MET F 138 -14.55 -35.43 -9.11
C MET F 138 -13.66 -34.22 -8.89
N THR F 139 -12.53 -34.19 -9.60
CA THR F 139 -11.64 -33.04 -9.64
C THR F 139 -10.94 -33.08 -10.99
N GLY F 140 -10.71 -31.90 -11.57
CA GLY F 140 -10.12 -31.84 -12.89
C GLY F 140 -10.32 -30.49 -13.55
N GLU F 141 -9.26 -29.91 -14.09
CA GLU F 141 -9.37 -28.67 -14.84
C GLU F 141 -9.95 -28.96 -16.21
N VAL F 142 -10.82 -28.08 -16.69
CA VAL F 142 -11.44 -28.25 -18.01
C VAL F 142 -10.90 -27.16 -18.93
N SER F 143 -10.48 -27.55 -20.13
CA SER F 143 -10.11 -26.59 -21.16
C SER F 143 -11.36 -26.14 -21.92
N LEU F 144 -11.19 -25.11 -22.76
CA LEU F 144 -12.32 -24.56 -23.51
C LEU F 144 -12.96 -25.59 -24.44
N THR F 145 -12.19 -26.57 -24.92
CA THR F 145 -12.74 -27.61 -25.79
C THR F 145 -13.11 -28.87 -25.02
N GLY F 146 -13.07 -28.85 -23.69
CA GLY F 146 -13.49 -30.01 -22.92
C GLY F 146 -12.40 -30.98 -22.54
N LYS F 147 -11.13 -30.68 -22.85
CA LYS F 147 -10.03 -31.52 -22.37
C LYS F 147 -9.96 -31.43 -20.85
N ILE F 148 -9.64 -32.55 -20.21
CA ILE F 148 -9.51 -32.58 -18.76
C ILE F 148 -8.02 -32.54 -18.45
N LEU F 149 -7.58 -31.51 -17.69
CA LEU F 149 -6.18 -31.31 -17.41
C LEU F 149 -5.85 -31.71 -15.97
N PRO F 150 -4.59 -32.10 -15.72
CA PRO F 150 -4.22 -32.60 -14.40
C PRO F 150 -4.25 -31.51 -13.33
N VAL F 151 -4.38 -31.97 -12.07
CA VAL F 151 -4.56 -31.09 -10.93
C VAL F 151 -3.60 -31.51 -9.81
N GLY F 152 -3.52 -30.68 -8.78
CA GLY F 152 -2.71 -30.99 -7.63
C GLY F 152 -3.52 -31.62 -6.49
N GLY F 153 -2.78 -32.07 -5.48
CA GLY F 153 -3.44 -32.53 -4.27
C GLY F 153 -4.21 -33.82 -4.38
N ILE F 154 -3.88 -34.66 -5.37
CA ILE F 154 -4.64 -35.90 -5.57
C ILE F 154 -4.62 -36.78 -4.32
N LYS F 155 -3.46 -36.94 -3.68
CA LYS F 155 -3.41 -37.80 -2.50
C LYS F 155 -4.33 -37.27 -1.40
N GLU F 156 -4.23 -35.97 -1.09
CA GLU F 156 -5.06 -35.39 -0.04
C GLU F 156 -6.54 -35.44 -0.40
N LYS F 157 -6.88 -35.14 -1.66
CA LYS F 157 -8.28 -35.14 -2.09
C LYS F 157 -8.88 -36.54 -2.03
N THR F 158 -8.12 -37.56 -2.44
CA THR F 158 -8.62 -38.93 -2.43
C THR F 158 -8.89 -39.42 -1.00
N ILE F 159 -7.97 -39.11 -0.08
CA ILE F 159 -8.18 -39.47 1.32
C ILE F 159 -9.42 -38.79 1.87
N ALA F 160 -9.60 -37.49 1.57
CA ALA F 160 -10.80 -36.81 2.05
C ALA F 160 -12.06 -37.40 1.42
N ALA F 161 -12.01 -37.73 0.13
CA ALA F 161 -13.16 -38.34 -0.52
C ALA F 161 -13.52 -39.66 0.17
N LYS F 162 -12.52 -40.51 0.38
CA LYS F 162 -12.76 -41.80 1.02
C LYS F 162 -13.39 -41.61 2.40
N ARG F 163 -12.86 -40.66 3.18
CA ARG F 163 -13.41 -40.42 4.51
C ARG F 163 -14.85 -39.91 4.44
N ALA F 164 -15.23 -39.22 3.37
CA ALA F 164 -16.58 -38.70 3.24
C ALA F 164 -17.56 -39.70 2.65
N GLY F 165 -17.16 -40.97 2.49
CA GLY F 165 -18.04 -41.98 1.94
C GLY F 165 -18.17 -41.99 0.43
N VAL F 166 -17.28 -41.30 -0.29
CA VAL F 166 -17.27 -41.38 -1.75
C VAL F 166 -16.87 -42.79 -2.17
N THR F 167 -17.62 -43.37 -3.11
CA THR F 167 -17.27 -44.68 -3.63
C THR F 167 -16.92 -44.67 -5.11
N CYS F 168 -17.09 -43.54 -5.79
CA CYS F 168 -16.74 -43.42 -7.20
C CYS F 168 -16.08 -42.06 -7.37
N ILE F 169 -14.84 -42.05 -7.85
CA ILE F 169 -14.06 -40.83 -7.92
C ILE F 169 -13.52 -40.69 -9.34
N VAL F 170 -13.65 -39.49 -9.91
CA VAL F 170 -13.28 -39.19 -11.28
C VAL F 170 -12.09 -38.24 -11.25
N LEU F 171 -11.01 -38.62 -11.92
CA LEU F 171 -9.72 -37.93 -11.86
C LEU F 171 -9.13 -37.79 -13.25
N PRO F 172 -8.30 -36.77 -13.48
CA PRO F 172 -7.59 -36.64 -14.75
C PRO F 172 -6.63 -37.81 -14.97
N ALA F 173 -6.55 -38.29 -16.22
CA ALA F 173 -5.69 -39.43 -16.52
C ALA F 173 -4.23 -39.15 -16.16
N GLU F 174 -3.78 -37.90 -16.34
CA GLU F 174 -2.38 -37.64 -16.02
C GLU F 174 -2.12 -37.62 -14.53
N ASN F 175 -3.14 -37.77 -13.68
CA ASN F 175 -2.92 -37.92 -12.25
C ASN F 175 -2.99 -39.39 -11.80
N LYS F 176 -2.99 -40.35 -12.75
CA LYS F 176 -3.11 -41.75 -12.35
C LYS F 176 -1.98 -42.17 -11.43
N LYS F 177 -0.75 -41.79 -11.75
CA LYS F 177 0.35 -42.19 -10.89
C LYS F 177 0.24 -41.56 -9.50
N ASP F 178 -0.28 -40.33 -9.40
CA ASP F 178 -0.47 -39.71 -8.09
C ASP F 178 -1.41 -40.53 -7.24
N PHE F 179 -2.51 -41.00 -7.83
CA PHE F 179 -3.47 -41.80 -7.11
C PHE F 179 -2.83 -43.09 -6.58
N TYR F 180 -2.00 -43.72 -7.41
CA TYR F 180 -1.40 -45.00 -7.02
C TYR F 180 -0.15 -44.85 -6.16
N ASP F 181 0.21 -43.62 -5.80
CA ASP F 181 1.16 -43.39 -4.72
C ASP F 181 0.54 -43.61 -3.34
N LEU F 182 -0.78 -43.83 -3.27
CA LEU F 182 -1.46 -44.05 -1.99
C LEU F 182 -1.38 -45.51 -1.58
N ALA F 183 -1.48 -45.74 -0.27
CA ALA F 183 -1.52 -47.11 0.24
C ALA F 183 -2.70 -47.88 -0.37
N ALA F 184 -2.49 -49.18 -0.55
CA ALA F 184 -3.54 -50.01 -1.14
C ALA F 184 -4.81 -49.99 -0.29
N PHE F 185 -4.68 -49.92 1.04
CA PHE F 185 -5.89 -49.93 1.86
C PHE F 185 -6.72 -48.68 1.66
N ILE F 186 -6.13 -47.60 1.14
CA ILE F 186 -6.88 -46.40 0.81
C ILE F 186 -7.57 -46.56 -0.53
N THR F 187 -6.87 -47.10 -1.52
CA THR F 187 -7.40 -47.24 -2.90
C THR F 187 -8.50 -48.31 -2.97
N GLU F 188 -8.42 -49.30 -2.07
CA GLU F 188 -9.44 -50.37 -1.92
C GLU F 188 -10.84 -49.74 -1.78
N GLY F 189 -11.78 -50.25 -2.56
CA GLY F 189 -13.20 -49.89 -2.43
C GLY F 189 -13.54 -48.58 -3.12
N LEU F 190 -12.56 -47.98 -3.80
CA LEU F 190 -12.86 -46.82 -4.62
C LEU F 190 -13.00 -47.25 -6.07
N GLU F 191 -14.16 -47.00 -6.67
CA GLU F 191 -14.29 -47.09 -8.12
C GLU F 191 -13.71 -45.81 -8.70
N VAL F 192 -12.54 -45.92 -9.35
CA VAL F 192 -11.79 -44.77 -9.84
C VAL F 192 -11.86 -44.78 -11.35
N HIS F 193 -12.03 -43.60 -11.94
CA HIS F 193 -12.06 -43.39 -13.38
C HIS F 193 -11.05 -42.32 -13.76
N PHE F 194 -10.17 -42.62 -14.71
CA PHE F 194 -9.16 -41.70 -15.20
C PHE F 194 -9.56 -41.20 -16.59
N VAL F 195 -9.75 -39.89 -16.75
CA VAL F 195 -10.40 -39.36 -17.94
C VAL F 195 -9.53 -38.33 -18.64
N GLU F 196 -9.77 -38.16 -19.95
CA GLU F 196 -9.10 -37.15 -20.75
C GLU F 196 -10.02 -36.11 -21.37
N HIS F 197 -11.32 -36.38 -21.45
CA HIS F 197 -12.29 -35.49 -22.08
C HIS F 197 -13.54 -35.43 -21.22
N TYR F 198 -14.24 -34.29 -21.26
CA TYR F 198 -15.42 -34.16 -20.41
C TYR F 198 -16.48 -35.21 -20.73
N ARG F 199 -16.64 -35.56 -22.01
CA ARG F 199 -17.68 -36.54 -22.37
C ARG F 199 -17.55 -37.83 -21.55
N GLU F 200 -16.32 -38.27 -21.25
CA GLU F 200 -16.15 -39.43 -20.37
C GLU F 200 -16.73 -39.18 -18.98
N ILE F 201 -16.57 -37.95 -18.46
CA ILE F 201 -17.16 -37.64 -17.16
C ILE F 201 -18.68 -37.70 -17.26
N PHE F 202 -19.24 -37.10 -18.32
CA PHE F 202 -20.68 -37.08 -18.50
C PHE F 202 -21.27 -38.48 -18.37
N ASP F 203 -20.64 -39.47 -19.03
CA ASP F 203 -21.14 -40.84 -19.03
C ASP F 203 -21.06 -41.48 -17.65
N ILE F 204 -20.06 -41.11 -16.84
CA ILE F 204 -20.00 -41.64 -15.48
C ILE F 204 -21.04 -40.97 -14.60
N ALA F 205 -21.19 -39.65 -14.71
CA ALA F 205 -22.07 -38.92 -13.81
C ALA F 205 -23.54 -39.15 -14.13
N PHE F 206 -23.86 -39.38 -15.39
CA PHE F 206 -25.24 -39.55 -15.85
C PHE F 206 -25.37 -40.86 -16.62
N PRO F 207 -25.26 -42.00 -15.91
CA PRO F 207 -25.29 -43.37 -16.45
C PRO F 207 -26.63 -43.87 -17.00
N ARG G 14 -2.31 -32.84 24.60
CA ARG G 14 -1.53 -31.62 24.68
C ARG G 14 -0.03 -31.90 24.54
N MET G 15 0.75 -30.84 24.31
CA MET G 15 2.16 -30.98 23.96
C MET G 15 3.01 -31.52 25.11
N TYR G 16 2.75 -31.06 26.35
CA TYR G 16 3.44 -31.55 27.54
C TYR G 16 2.45 -32.26 28.45
N ASP G 17 2.78 -33.47 28.86
CA ASP G 17 2.00 -34.08 29.91
C ASP G 17 2.46 -33.59 31.29
N VAL G 18 3.76 -33.63 31.54
CA VAL G 18 4.34 -33.07 32.75
C VAL G 18 5.27 -31.93 32.34
N THR G 19 5.06 -30.76 32.94
CA THR G 19 5.86 -29.61 32.53
C THR G 19 7.15 -29.55 33.32
N PRO G 20 8.30 -29.34 32.68
CA PRO G 20 9.54 -29.10 33.41
C PRO G 20 9.62 -27.65 33.86
N PRO G 21 10.67 -27.27 34.58
CA PRO G 21 10.80 -25.86 34.98
C PRO G 21 10.84 -24.95 33.76
N GLY G 22 10.20 -23.77 33.87
CA GLY G 22 10.19 -22.81 32.78
C GLY G 22 9.11 -23.01 31.72
N VAL G 23 8.22 -23.99 31.90
CA VAL G 23 7.14 -24.28 30.95
C VAL G 23 5.81 -24.17 31.70
N VAL G 24 4.88 -23.40 31.13
CA VAL G 24 3.59 -23.13 31.75
C VAL G 24 2.52 -23.21 30.67
N MET G 25 1.38 -23.80 31.00
CA MET G 25 0.26 -23.93 30.07
C MET G 25 -0.59 -22.66 30.08
N GLY G 26 -0.75 -22.04 28.92
CA GLY G 26 -1.68 -20.95 28.74
C GLY G 26 -2.86 -21.37 27.88
N LEU G 27 -3.72 -20.40 27.59
CA LEU G 27 -4.99 -20.65 26.91
C LEU G 27 -5.21 -19.57 25.87
N ALA G 28 -5.66 -19.96 24.68
CA ALA G 28 -5.89 -19.02 23.60
C ALA G 28 -7.25 -19.31 22.96
N TRP G 29 -7.73 -18.37 22.14
CA TRP G 29 -8.96 -18.64 21.41
C TRP G 29 -8.98 -17.89 20.08
N THR G 30 -9.85 -18.37 19.19
CA THR G 30 -10.21 -17.70 17.95
C THR G 30 -11.73 -17.79 17.83
N ALA G 31 -12.26 -17.26 16.72
CA ALA G 31 -13.68 -17.43 16.39
C ALA G 31 -14.06 -18.90 16.29
N MET G 32 -13.09 -19.81 16.13
CA MET G 32 -13.40 -21.23 15.96
C MET G 32 -13.43 -21.98 17.30
N GLY G 33 -12.92 -21.38 18.37
CA GLY G 33 -12.97 -22.05 19.66
C GLY G 33 -11.69 -21.81 20.43
N GLY G 34 -11.54 -22.43 21.60
CA GLY G 34 -10.34 -22.25 22.39
C GLY G 34 -9.30 -23.32 22.15
N SER G 35 -8.10 -23.09 22.68
CA SER G 35 -7.06 -24.10 22.61
C SER G 35 -6.08 -23.83 23.74
N THR G 36 -5.29 -24.85 24.06
CA THR G 36 -4.20 -24.68 24.99
C THR G 36 -2.91 -24.45 24.21
N LEU G 37 -1.93 -23.86 24.88
CA LEU G 37 -0.60 -23.77 24.34
C LEU G 37 0.37 -23.64 25.50
N PHE G 38 1.66 -23.76 25.21
CA PHE G 38 2.67 -23.75 26.25
C PHE G 38 3.66 -22.63 26.01
N VAL G 39 3.95 -21.89 27.05
CA VAL G 39 5.06 -20.97 27.05
C VAL G 39 6.31 -21.74 27.48
N GLU G 40 7.36 -21.66 26.67
CA GLU G 40 8.64 -22.29 26.98
C GLU G 40 9.69 -21.21 27.25
N THR G 41 10.56 -21.46 28.23
CA THR G 41 11.70 -20.58 28.50
C THR G 41 12.94 -21.42 28.74
N SER G 42 14.10 -20.82 28.46
CA SER G 42 15.39 -21.45 28.74
C SER G 42 16.41 -20.34 28.88
N LEU G 43 17.55 -20.66 29.51
CA LEU G 43 18.56 -19.60 29.82
C LEU G 43 20.02 -20.05 29.75
N ARG G 44 20.92 -19.09 29.55
CA ARG G 44 22.39 -19.33 29.54
C ARG G 44 23.06 -18.24 30.39
N ARG G 45 24.02 -18.61 31.23
CA ARG G 45 24.74 -17.64 32.10
C ARG G 45 25.80 -16.88 31.29
N ASP G 56 24.01 -7.38 32.85
CA ASP G 56 22.61 -7.21 32.50
C ASP G 56 22.10 -8.39 31.66
N GLY G 57 21.01 -9.01 32.10
CA GLY G 57 20.43 -10.08 31.33
C GLY G 57 19.70 -9.57 30.11
N SER G 58 19.06 -10.50 29.41
CA SER G 58 18.29 -10.17 28.23
C SER G 58 17.22 -11.22 28.06
N LEU G 59 16.19 -10.85 27.30
CA LEU G 59 15.08 -11.74 26.96
C LEU G 59 14.87 -11.70 25.46
N GLU G 60 15.03 -12.85 24.81
CA GLU G 60 14.74 -13.01 23.39
C GLU G 60 13.45 -13.83 23.25
N VAL G 61 12.52 -13.39 22.40
CA VAL G 61 11.22 -14.04 22.29
C VAL G 61 10.99 -14.46 20.84
N THR G 62 10.42 -15.66 20.67
CA THR G 62 10.05 -16.20 19.37
C THR G 62 8.68 -16.85 19.48
N GLY G 63 8.10 -17.18 18.33
CA GLY G 63 6.79 -17.81 18.26
C GLY G 63 5.77 -17.06 17.44
N GLN G 64 6.23 -16.18 16.55
CA GLN G 64 5.34 -15.35 15.72
C GLN G 64 4.37 -14.54 16.60
N LEU G 65 4.95 -13.85 17.58
CA LEU G 65 4.17 -13.04 18.51
C LEU G 65 3.91 -11.66 17.91
N GLY G 66 2.65 -11.20 18.01
CA GLY G 66 2.32 -9.86 17.59
C GLY G 66 2.83 -8.84 18.59
N GLU G 67 2.68 -7.57 18.23
CA GLU G 67 3.27 -6.49 19.04
C GLU G 67 2.68 -6.45 20.45
N VAL G 68 1.36 -6.62 20.58
CA VAL G 68 0.77 -6.55 21.91
C VAL G 68 1.33 -7.66 22.80
N MET G 69 1.45 -8.87 22.25
CA MET G 69 2.00 -9.97 23.05
C MET G 69 3.49 -9.76 23.35
N LYS G 70 4.25 -9.18 22.42
CA LYS G 70 5.64 -8.87 22.74
C LYS G 70 5.75 -7.87 23.88
N GLU G 71 4.90 -6.84 23.88
CA GLU G 71 4.90 -5.90 24.99
C GLU G 71 4.53 -6.59 26.29
N SER G 72 3.58 -7.53 26.24
CA SER G 72 3.22 -8.23 27.47
C SER G 72 4.39 -9.05 28.00
N ALA G 73 5.23 -9.59 27.10
CA ALA G 73 6.44 -10.28 27.53
C ALA G 73 7.41 -9.33 28.23
N ARG G 74 7.57 -8.12 27.69
CA ARG G 74 8.45 -7.13 28.32
CA ARG G 74 8.45 -7.15 28.33
C ARG G 74 7.93 -6.73 29.71
N ILE G 75 6.63 -6.48 29.81
CA ILE G 75 6.02 -6.16 31.10
C ILE G 75 6.23 -7.31 32.08
N ALA G 76 5.99 -8.54 31.62
CA ALA G 76 6.14 -9.72 32.46
C ALA G 76 7.57 -9.89 32.95
N TYR G 77 8.54 -9.62 32.06
CA TYR G 77 9.95 -9.72 32.41
C TYR G 77 10.30 -8.69 33.47
N THR G 78 9.87 -7.45 33.27
CA THR G 78 10.13 -6.41 34.26
C THR G 78 9.52 -6.78 35.60
N PHE G 79 8.25 -7.22 35.59
CA PHE G 79 7.61 -7.53 36.86
C PHE G 79 8.23 -8.76 37.52
N ALA G 80 8.52 -9.81 36.74
CA ALA G 80 9.12 -11.00 37.33
C ALA G 80 10.47 -10.69 38.00
N ARG G 81 11.30 -9.84 37.37
CA ARG G 81 12.54 -9.45 38.01
C ARG G 81 12.27 -8.82 39.37
N ALA G 82 11.29 -7.91 39.42
CA ALA G 82 10.98 -7.24 40.69
C ALA G 82 10.37 -8.22 41.68
N PHE G 83 9.50 -9.13 41.21
CA PHE G 83 8.89 -10.09 42.12
C PHE G 83 9.94 -11.02 42.71
N LEU G 84 10.85 -11.53 41.88
CA LEU G 84 11.89 -12.42 42.38
C LEU G 84 12.83 -11.70 43.33
N MET G 85 13.09 -10.40 43.08
CA MET G 85 13.93 -9.62 43.98
C MET G 85 13.32 -9.53 45.37
N GLN G 86 12.00 -9.35 45.44
CA GLN G 86 11.34 -9.32 46.75
C GLN G 86 11.25 -10.71 47.36
N HIS G 87 11.06 -11.76 46.55
CA HIS G 87 10.82 -13.07 47.12
C HIS G 87 12.10 -13.87 47.37
N ALA G 88 13.13 -13.67 46.55
CA ALA G 88 14.39 -14.40 46.67
C ALA G 88 15.53 -13.48 46.29
N PRO G 89 15.87 -12.53 47.17
CA PRO G 89 16.86 -11.51 46.80
C PRO G 89 18.21 -12.08 46.41
N ALA G 90 18.58 -13.28 46.86
CA ALA G 90 19.86 -13.86 46.48
C ALA G 90 19.85 -14.49 45.09
N ASN G 91 18.68 -14.65 44.46
CA ASN G 91 18.58 -15.30 43.16
C ASN G 91 18.69 -14.24 42.07
N ASP G 92 19.81 -14.26 41.34
CA ASP G 92 20.09 -13.26 40.32
C ASP G 92 19.85 -13.79 38.91
N TYR G 93 19.15 -14.92 38.76
CA TYR G 93 19.03 -15.53 37.44
C TYR G 93 18.32 -14.60 36.48
N LEU G 94 17.30 -13.88 36.93
CA LEU G 94 16.55 -13.05 36.01
C LEU G 94 17.24 -11.74 35.68
N VAL G 95 18.25 -11.32 36.44
CA VAL G 95 18.93 -10.07 36.14
C VAL G 95 20.19 -10.31 35.32
N THR G 96 20.78 -11.51 35.43
CA THR G 96 22.06 -11.79 34.79
C THR G 96 22.01 -12.72 33.58
N SER G 97 20.95 -13.50 33.39
CA SER G 97 20.96 -14.53 32.35
C SER G 97 20.43 -14.02 31.01
N HIS G 98 20.88 -14.68 29.95
CA HIS G 98 20.33 -14.47 28.63
C HIS G 98 19.21 -15.48 28.48
N ILE G 99 17.97 -15.00 28.44
CA ILE G 99 16.79 -15.86 28.50
C ILE G 99 16.14 -15.89 27.13
N HIS G 100 15.61 -17.04 26.77
CA HIS G 100 14.86 -17.21 25.53
CA HIS G 100 14.86 -17.21 25.53
C HIS G 100 13.46 -17.68 25.89
N LEU G 101 12.46 -17.04 25.29
CA LEU G 101 11.06 -17.38 25.48
C LEU G 101 10.48 -17.78 24.14
N HIS G 102 9.76 -18.90 24.11
CA HIS G 102 9.21 -19.39 22.85
C HIS G 102 7.79 -19.88 23.11
N VAL G 103 6.88 -19.62 22.17
CA VAL G 103 5.54 -20.15 22.22
C VAL G 103 5.27 -20.95 20.95
N PRO G 104 5.43 -22.28 20.99
CA PRO G 104 5.04 -23.11 19.86
C PRO G 104 3.53 -23.16 19.75
N GLU G 105 3.03 -23.60 18.60
CA GLU G 105 3.82 -24.02 17.44
C GLU G 105 4.43 -22.83 16.69
N GLY G 106 5.59 -23.04 16.06
CA GLY G 106 6.39 -21.93 15.55
C GLY G 106 5.77 -21.14 14.42
N ALA G 107 5.00 -21.80 13.53
CA ALA G 107 4.41 -21.11 12.39
C ALA G 107 3.10 -20.40 12.71
N THR G 108 2.50 -20.62 13.87
CA THR G 108 1.17 -20.10 14.15
C THR G 108 1.25 -18.68 14.67
N PRO G 109 0.61 -17.69 14.02
CA PRO G 109 0.60 -16.33 14.55
C PRO G 109 -0.13 -16.27 15.90
N LYS G 110 0.39 -15.47 16.82
CA LYS G 110 -0.18 -15.33 18.14
C LYS G 110 -0.15 -13.86 18.55
N ASP G 111 -1.13 -13.44 19.34
CA ASP G 111 -1.14 -12.06 19.80
C ASP G 111 -2.06 -11.94 21.01
N GLY G 112 -2.00 -10.77 21.65
CA GLY G 112 -2.89 -10.49 22.76
C GLY G 112 -2.12 -10.43 24.05
N PRO G 113 -2.72 -9.83 25.09
CA PRO G 113 -2.03 -9.63 26.36
C PRO G 113 -2.28 -10.70 27.42
N SER G 114 -3.14 -11.68 27.15
CA SER G 114 -3.69 -12.54 28.18
C SER G 114 -2.75 -13.65 28.63
N ALA G 115 -1.57 -13.78 28.03
CA ALA G 115 -0.58 -14.70 28.54
C ALA G 115 0.42 -14.01 29.48
N GLY G 116 0.14 -12.77 29.87
CA GLY G 116 1.03 -12.09 30.80
C GLY G 116 1.37 -12.86 32.06
N CYS G 117 0.36 -13.21 32.86
CA CYS G 117 0.59 -14.09 34.02
C CYS G 117 1.36 -15.35 33.64
N THR G 118 0.99 -15.96 32.51
CA THR G 118 1.66 -17.19 32.07
C THR G 118 3.17 -16.98 31.92
N ILE G 119 3.55 -15.86 31.31
CA ILE G 119 4.97 -15.58 31.09
C ILE G 119 5.69 -15.26 32.41
N VAL G 120 5.07 -14.46 33.28
CA VAL G 120 5.67 -14.24 34.60
C VAL G 120 5.94 -15.56 35.28
N THR G 121 4.94 -16.45 35.28
CA THR G 121 5.07 -17.73 35.96
C THR G 121 6.18 -18.57 35.33
N ALA G 122 6.27 -18.58 33.99
CA ALA G 122 7.33 -19.34 33.33
C ALA G 122 8.71 -18.79 33.68
N LEU G 123 8.87 -17.46 33.69
CA LEU G 123 10.17 -16.89 34.04
C LEU G 123 10.56 -17.22 35.48
N LEU G 124 9.61 -17.13 36.41
CA LEU G 124 9.91 -17.47 37.81
C LEU G 124 10.20 -18.96 37.96
N SER G 125 9.39 -19.81 37.31
CA SER G 125 9.62 -21.24 37.32
C SER G 125 11.04 -21.57 36.86
N LEU G 126 11.46 -20.98 35.75
CA LEU G 126 12.81 -21.20 35.25
C LEU G 126 13.85 -20.72 36.25
N ALA G 127 13.67 -19.50 36.76
CA ALA G 127 14.66 -18.91 37.67
C ALA G 127 14.76 -19.70 38.98
N MET G 128 13.67 -20.28 39.45
CA MET G 128 13.71 -21.05 40.68
C MET G 128 14.07 -22.52 40.44
N GLY G 129 14.14 -22.96 39.19
CA GLY G 129 14.36 -24.37 38.92
C GLY G 129 13.25 -25.25 39.44
N ARG G 130 12.02 -24.74 39.48
CA ARG G 130 10.91 -25.44 40.09
C ARG G 130 9.76 -25.54 39.11
N PRO G 131 9.25 -26.73 38.84
CA PRO G 131 8.10 -26.86 37.95
C PRO G 131 6.86 -26.27 38.59
N VAL G 132 5.94 -25.83 37.72
CA VAL G 132 4.62 -25.39 38.16
C VAL G 132 3.78 -26.61 38.52
N ARG G 133 2.77 -26.40 39.36
CA ARG G 133 1.79 -27.44 39.64
C ARG G 133 1.31 -28.07 38.34
N GLN G 134 1.23 -29.40 38.32
CA GLN G 134 0.85 -30.11 37.10
C GLN G 134 -0.65 -29.99 36.85
N ASN G 135 -1.03 -30.05 35.57
CA ASN G 135 -2.42 -29.95 35.13
C ASN G 135 -3.02 -28.59 35.49
N LEU G 136 -2.20 -27.56 35.46
CA LEU G 136 -2.60 -26.19 35.73
C LEU G 136 -2.57 -25.39 34.43
N ALA G 137 -3.59 -24.55 34.24
CA ALA G 137 -3.57 -23.57 33.17
C ALA G 137 -4.02 -22.23 33.73
N MET G 138 -3.62 -21.17 33.04
CA MET G 138 -3.94 -19.82 33.49
C MET G 138 -4.09 -18.89 32.29
N THR G 139 -4.86 -17.84 32.50
CA THR G 139 -4.98 -16.76 31.53
C THR G 139 -5.27 -15.52 32.34
N GLY G 140 -4.71 -14.40 31.92
CA GLY G 140 -4.82 -13.16 32.66
C GLY G 140 -3.79 -12.15 32.21
N GLU G 141 -4.23 -10.93 31.93
CA GLU G 141 -3.30 -9.87 31.61
C GLU G 141 -2.66 -9.36 32.90
N VAL G 142 -1.37 -9.04 32.83
CA VAL G 142 -0.63 -8.54 33.98
C VAL G 142 -0.31 -7.07 33.76
N SER G 143 -0.55 -6.24 34.77
CA SER G 143 -0.07 -4.86 34.73
C SER G 143 1.36 -4.76 35.27
N LEU G 144 1.97 -3.58 35.11
CA LEU G 144 3.36 -3.41 35.51
C LEU G 144 3.57 -3.62 37.01
N THR G 145 2.56 -3.39 37.83
CA THR G 145 2.65 -3.61 39.27
C THR G 145 2.11 -4.96 39.69
N GLY G 146 1.78 -5.84 38.73
CA GLY G 146 1.31 -7.17 39.05
C GLY G 146 -0.19 -7.34 39.17
N LYS G 147 -1.00 -6.31 38.89
CA LYS G 147 -2.44 -6.51 38.88
C LYS G 147 -2.83 -7.43 37.73
N ILE G 148 -3.82 -8.28 37.98
CA ILE G 148 -4.32 -9.21 36.98
C ILE G 148 -5.60 -8.61 36.40
N LEU G 149 -5.62 -8.42 35.06
CA LEU G 149 -6.72 -7.75 34.41
C LEU G 149 -7.57 -8.74 33.60
N PRO G 150 -8.87 -8.46 33.43
CA PRO G 150 -9.75 -9.43 32.77
C PRO G 150 -9.37 -9.59 31.30
N VAL G 151 -9.79 -10.72 30.74
CA VAL G 151 -9.45 -11.14 29.38
C VAL G 151 -10.71 -11.63 28.68
N GLY G 152 -10.61 -11.83 27.36
CA GLY G 152 -11.72 -12.36 26.58
C GLY G 152 -11.62 -13.87 26.42
N GLY G 153 -12.68 -14.44 25.85
CA GLY G 153 -12.68 -15.85 25.50
C GLY G 153 -12.69 -16.84 26.65
N ILE G 154 -13.16 -16.42 27.84
CA ILE G 154 -13.12 -17.28 29.02
C ILE G 154 -13.89 -18.57 28.78
N LYS G 155 -15.07 -18.46 28.17
CA LYS G 155 -15.89 -19.64 27.93
C LYS G 155 -15.15 -20.63 27.04
N GLU G 156 -14.61 -20.13 25.92
CA GLU G 156 -13.90 -20.97 24.97
C GLU G 156 -12.62 -21.56 25.58
N LYS G 157 -11.86 -20.73 26.31
CA LYS G 157 -10.62 -21.20 26.94
C LYS G 157 -10.89 -22.27 27.99
N THR G 158 -11.95 -22.10 28.79
CA THR G 158 -12.26 -23.08 29.82
C THR G 158 -12.65 -24.43 29.19
N ILE G 159 -13.45 -24.39 28.13
CA ILE G 159 -13.80 -25.63 27.43
C ILE G 159 -12.55 -26.31 26.90
N ALA G 160 -11.64 -25.54 26.32
CA ALA G 160 -10.39 -26.12 25.81
C ALA G 160 -9.55 -26.69 26.95
N ALA G 161 -9.47 -25.97 28.07
CA ALA G 161 -8.72 -26.47 29.22
C ALA G 161 -9.29 -27.80 29.70
N LYS G 162 -10.61 -27.87 29.85
CA LYS G 162 -11.25 -29.11 30.31
C LYS G 162 -10.93 -30.27 29.37
N ARG G 163 -11.02 -30.01 28.05
CA ARG G 163 -10.75 -31.07 27.07
C ARG G 163 -9.30 -31.54 27.14
N ALA G 164 -8.37 -30.68 27.54
CA ALA G 164 -6.95 -31.03 27.64
C ALA G 164 -6.56 -31.66 28.98
N GLY G 165 -7.52 -31.97 29.84
CA GLY G 165 -7.19 -32.57 31.12
C GLY G 165 -6.74 -31.60 32.20
N VAL G 166 -6.94 -30.30 32.03
CA VAL G 166 -6.66 -29.36 33.09
C VAL G 166 -7.61 -29.61 34.25
N THR G 167 -7.08 -29.63 35.47
CA THR G 167 -7.89 -29.78 36.68
C THR G 167 -7.82 -28.57 37.60
N CYS G 168 -6.94 -27.62 37.31
CA CYS G 168 -6.80 -26.39 38.08
C CYS G 168 -6.64 -25.24 37.11
N ILE G 169 -7.54 -24.24 37.18
CA ILE G 169 -7.54 -23.16 36.22
C ILE G 169 -7.55 -21.83 36.99
N VAL G 170 -6.69 -20.91 36.58
CA VAL G 170 -6.54 -19.61 37.25
C VAL G 170 -7.00 -18.52 36.28
N LEU G 171 -7.93 -17.69 36.73
CA LEU G 171 -8.61 -16.72 35.89
C LEU G 171 -8.70 -15.38 36.62
N PRO G 172 -8.82 -14.29 35.87
CA PRO G 172 -9.03 -12.98 36.51
C PRO G 172 -10.36 -12.92 37.24
N ALA G 173 -10.34 -12.27 38.42
CA ALA G 173 -11.55 -12.18 39.22
C ALA G 173 -12.72 -11.54 38.47
N GLU G 174 -12.45 -10.57 37.60
CA GLU G 174 -13.56 -9.94 36.88
C GLU G 174 -14.12 -10.81 35.77
N ASN G 175 -13.55 -11.98 35.51
CA ASN G 175 -14.13 -12.91 34.56
C ASN G 175 -14.97 -13.99 35.24
N LYS G 176 -15.31 -13.83 36.51
CA LYS G 176 -16.08 -14.87 37.26
C LYS G 176 -17.43 -15.14 36.59
N LYS G 177 -18.13 -14.08 36.19
CA LYS G 177 -19.45 -14.21 35.53
C LYS G 177 -19.35 -14.99 34.22
N ASP G 178 -18.30 -14.76 33.44
CA ASP G 178 -18.09 -15.52 32.18
C ASP G 178 -17.96 -17.01 32.50
N PHE G 179 -17.17 -17.33 33.53
CA PHE G 179 -16.98 -18.72 33.90
C PHE G 179 -18.30 -19.40 34.28
N TYR G 180 -19.14 -18.71 35.06
CA TYR G 180 -20.37 -19.33 35.51
C TYR G 180 -21.50 -19.21 34.48
N ASP G 181 -21.23 -18.64 33.30
CA ASP G 181 -22.14 -18.77 32.17
C ASP G 181 -22.04 -20.14 31.49
N LEU G 182 -21.09 -20.98 31.89
CA LEU G 182 -20.90 -22.31 31.32
C LEU G 182 -21.80 -23.33 32.00
N ALA G 183 -22.18 -24.36 31.23
CA ALA G 183 -22.95 -25.47 31.78
C ALA G 183 -22.20 -26.15 32.92
N ALA G 184 -22.97 -26.68 33.87
CA ALA G 184 -22.40 -27.30 35.07
C ALA G 184 -21.48 -28.47 34.74
N PHE G 185 -21.81 -29.26 33.71
CA PHE G 185 -20.96 -30.41 33.40
C PHE G 185 -19.57 -29.98 32.95
N ILE G 186 -19.40 -28.73 32.50
CA ILE G 186 -18.09 -28.25 32.10
C ILE G 186 -17.27 -27.80 33.31
N THR G 187 -17.87 -27.01 34.20
CA THR G 187 -17.10 -26.46 35.31
C THR G 187 -16.92 -27.45 36.45
N GLU G 188 -17.77 -28.47 36.53
CA GLU G 188 -17.61 -29.51 37.53
C GLU G 188 -16.25 -30.18 37.37
N GLY G 189 -15.64 -30.56 38.50
CA GLY G 189 -14.30 -31.11 38.52
C GLY G 189 -13.18 -30.17 38.14
N LEU G 190 -13.47 -28.90 37.86
CA LEU G 190 -12.43 -27.89 37.73
C LEU G 190 -12.23 -27.18 39.07
N GLU G 191 -11.01 -27.21 39.59
CA GLU G 191 -10.62 -26.33 40.68
C GLU G 191 -10.32 -24.95 40.10
N VAL G 192 -11.15 -23.96 40.39
CA VAL G 192 -11.05 -22.65 39.78
C VAL G 192 -10.59 -21.63 40.82
N HIS G 193 -9.66 -20.75 40.42
CA HIS G 193 -9.16 -19.68 41.28
C HIS G 193 -9.33 -18.36 40.56
N PHE G 194 -9.97 -17.40 41.23
CA PHE G 194 -10.19 -16.06 40.71
C PHE G 194 -9.26 -15.11 41.43
N VAL G 195 -8.40 -14.42 40.68
CA VAL G 195 -7.28 -13.68 41.27
C VAL G 195 -7.31 -12.24 40.81
N GLU G 196 -6.74 -11.36 41.63
CA GLU G 196 -6.58 -9.95 41.30
C GLU G 196 -5.14 -9.48 41.26
N HIS G 197 -4.20 -10.22 41.84
CA HIS G 197 -2.79 -9.84 41.92
C HIS G 197 -1.93 -11.06 41.61
N TYR G 198 -0.77 -10.82 41.00
CA TYR G 198 0.05 -11.97 40.61
C TYR G 198 0.46 -12.82 41.82
N ARG G 199 0.69 -12.21 42.98
CA ARG G 199 1.12 -13.00 44.14
C ARG G 199 0.13 -14.14 44.45
N GLU G 200 -1.15 -13.95 44.18
CA GLU G 200 -2.11 -15.06 44.34
C GLU G 200 -1.82 -16.18 43.36
N ILE G 201 -1.48 -15.84 42.12
CA ILE G 201 -1.14 -16.89 41.15
C ILE G 201 0.11 -17.62 41.61
N PHE G 202 1.14 -16.87 42.03
CA PHE G 202 2.38 -17.49 42.50
C PHE G 202 2.09 -18.56 43.55
N ASP G 203 1.21 -18.26 44.51
CA ASP G 203 0.90 -19.21 45.57
C ASP G 203 0.19 -20.45 45.03
N ILE G 204 -0.60 -20.31 43.98
CA ILE G 204 -1.26 -21.47 43.40
C ILE G 204 -0.27 -22.30 42.58
N ALA G 205 0.59 -21.63 41.79
CA ALA G 205 1.48 -22.34 40.89
C ALA G 205 2.62 -23.03 41.63
N PHE G 206 3.06 -22.46 42.75
CA PHE G 206 4.21 -22.98 43.50
C PHE G 206 3.84 -23.22 44.96
N PRO G 207 2.98 -24.21 45.23
CA PRO G 207 2.57 -24.51 46.61
C PRO G 207 3.71 -25.07 47.45
N ARG H 14 0.39 34.53 -21.38
CA ARG H 14 -0.68 33.58 -21.14
C ARG H 14 -1.13 32.88 -22.44
N MET H 15 -1.87 31.78 -22.27
CA MET H 15 -2.17 30.88 -23.39
C MET H 15 -3.10 31.53 -24.43
N TYR H 16 -4.11 32.28 -23.98
CA TYR H 16 -5.04 32.98 -24.86
C TYR H 16 -4.86 34.49 -24.70
N ASP H 17 -4.73 35.20 -25.81
CA ASP H 17 -4.80 36.66 -25.71
C ASP H 17 -6.25 37.14 -25.71
N VAL H 18 -7.05 36.65 -26.65
CA VAL H 18 -8.49 36.92 -26.72
C VAL H 18 -9.23 35.60 -26.54
N THR H 19 -10.17 35.56 -25.59
CA THR H 19 -10.84 34.29 -25.34
C THR H 19 -12.06 34.14 -26.24
N PRO H 20 -12.23 33.00 -26.90
CA PRO H 20 -13.47 32.75 -27.66
C PRO H 20 -14.58 32.25 -26.73
N PRO H 21 -15.78 32.03 -27.26
CA PRO H 21 -16.85 31.52 -26.39
C PRO H 21 -16.44 30.19 -25.75
N GLY H 22 -16.79 30.03 -24.48
CA GLY H 22 -16.49 28.80 -23.76
C GLY H 22 -15.13 28.71 -23.11
N VAL H 23 -14.33 29.77 -23.14
CA VAL H 23 -12.98 29.80 -22.58
C VAL H 23 -12.93 30.92 -21.56
N VAL H 24 -12.47 30.62 -20.34
CA VAL H 24 -12.45 31.59 -19.25
C VAL H 24 -11.14 31.46 -18.49
N MET H 25 -10.56 32.59 -18.07
CA MET H 25 -9.31 32.56 -17.32
C MET H 25 -9.58 32.34 -15.83
N GLY H 26 -8.98 31.30 -15.27
CA GLY H 26 -8.97 31.08 -13.85
C GLY H 26 -7.57 31.28 -13.27
N LEU H 27 -7.48 31.02 -11.96
CA LEU H 27 -6.28 31.31 -11.19
C LEU H 27 -6.00 30.17 -10.23
N ALA H 28 -4.73 29.77 -10.13
CA ALA H 28 -4.33 28.67 -9.29
C ALA H 28 -3.09 29.06 -8.49
N TRP H 29 -2.74 28.25 -7.48
CA TRP H 29 -1.48 28.50 -6.78
C TRP H 29 -0.91 27.21 -6.23
N THR H 30 0.38 27.27 -5.91
CA THR H 30 1.14 26.27 -5.18
C THR H 30 1.96 26.98 -4.11
N ALA H 31 2.80 26.23 -3.40
CA ALA H 31 3.72 26.81 -2.40
C ALA H 31 4.75 27.74 -3.06
N MET H 32 4.96 27.62 -4.37
CA MET H 32 5.94 28.46 -5.12
C MET H 32 5.34 29.73 -5.72
N GLY H 33 4.01 29.87 -5.74
CA GLY H 33 3.37 31.08 -6.26
C GLY H 33 2.08 30.85 -7.05
N GLY H 34 1.55 31.91 -7.65
CA GLY H 34 0.31 31.81 -8.37
C GLY H 34 0.55 31.57 -9.83
N SER H 35 -0.52 31.21 -10.52
CA SER H 35 -0.44 31.09 -11.96
C SER H 35 -1.85 31.26 -12.50
N THR H 36 -1.93 31.61 -13.78
CA THR H 36 -3.19 31.66 -14.48
C THR H 36 -3.37 30.36 -15.24
N LEU H 37 -4.61 30.06 -15.55
CA LEU H 37 -4.89 28.96 -16.47
C LEU H 37 -6.24 29.22 -17.11
N PHE H 38 -6.56 28.42 -18.10
CA PHE H 38 -7.77 28.61 -18.86
C PHE H 38 -8.61 27.35 -18.75
N VAL H 39 -9.89 27.55 -18.49
CA VAL H 39 -10.89 26.49 -18.63
C VAL H 39 -11.41 26.55 -20.05
N GLU H 40 -11.35 25.41 -20.76
CA GLU H 40 -11.88 25.29 -22.11
C GLU H 40 -13.11 24.37 -22.11
N THR H 41 -14.11 24.73 -22.90
CA THR H 41 -15.25 23.84 -23.12
C THR H 41 -15.58 23.82 -24.60
N SER H 42 -16.22 22.73 -25.05
CA SER H 42 -16.70 22.60 -26.43
C SER H 42 -17.86 21.60 -26.44
N LEU H 43 -18.65 21.65 -27.51
CA LEU H 43 -19.88 20.81 -27.50
C LEU H 43 -20.24 20.28 -28.88
N ARG H 44 -20.92 19.13 -28.88
CA ARG H 44 -21.44 18.55 -30.13
C ARG H 44 -22.95 18.38 -29.88
N ARG H 45 -23.76 19.01 -30.73
CA ARG H 45 -25.24 18.93 -30.57
C ARG H 45 -25.72 17.67 -31.30
N PRO H 46 -26.50 16.74 -30.69
CA PRO H 46 -26.92 15.55 -31.45
C PRO H 46 -27.71 15.90 -32.70
N GLY H 57 -28.13 15.48 -22.23
CA GLY H 57 -26.74 15.85 -22.46
C GLY H 57 -25.78 15.17 -21.51
N SER H 58 -24.50 15.54 -21.61
CA SER H 58 -23.47 14.95 -20.78
C SER H 58 -22.30 15.92 -20.70
N LEU H 59 -21.47 15.72 -19.67
CA LEU H 59 -20.27 16.51 -19.48
C LEU H 59 -19.10 15.56 -19.27
N GLU H 60 -18.12 15.63 -20.17
CA GLU H 60 -16.88 14.88 -20.04
C GLU H 60 -15.80 15.87 -19.67
N VAL H 61 -15.02 15.53 -18.64
CA VAL H 61 -13.98 16.45 -18.11
C VAL H 61 -12.59 15.83 -18.19
N THR H 62 -11.62 16.62 -18.62
CA THR H 62 -10.23 16.17 -18.68
C THR H 62 -9.31 17.26 -18.14
N GLY H 63 -8.04 16.91 -17.93
CA GLY H 63 -7.05 17.83 -17.44
C GLY H 63 -6.36 17.37 -16.16
N GLN H 64 -6.38 16.07 -15.88
CA GLN H 64 -5.78 15.54 -14.66
C GLN H 64 -6.36 16.22 -13.43
N LEU H 65 -7.69 16.26 -13.35
CA LEU H 65 -8.37 16.91 -12.24
C LEU H 65 -8.54 15.96 -11.06
N GLY H 66 -8.24 16.44 -9.86
CA GLY H 66 -8.48 15.65 -8.67
C GLY H 66 -9.97 15.56 -8.34
N GLU H 67 -10.28 14.74 -7.34
CA GLU H 67 -11.69 14.46 -7.03
C GLU H 67 -12.46 15.72 -6.65
N VAL H 68 -11.86 16.59 -5.81
CA VAL H 68 -12.58 17.80 -5.41
C VAL H 68 -12.91 18.65 -6.62
N MET H 69 -11.96 18.78 -7.55
CA MET H 69 -12.21 19.59 -8.74
C MET H 69 -13.25 18.96 -9.64
N LYS H 70 -13.24 17.62 -9.76
CA LYS H 70 -14.27 16.96 -10.56
C LYS H 70 -15.66 17.20 -9.98
N GLU H 71 -15.80 17.14 -8.65
CA GLU H 71 -17.09 17.42 -8.03
C GLU H 71 -17.51 18.86 -8.28
N SER H 72 -16.55 19.78 -8.25
CA SER H 72 -16.88 21.18 -8.49
C SER H 72 -17.38 21.40 -9.92
N ALA H 73 -16.84 20.64 -10.88
CA ALA H 73 -17.37 20.67 -12.25
C ALA H 73 -18.81 20.15 -12.31
N ARG H 74 -19.12 19.07 -11.58
CA ARG H 74 -20.49 18.57 -11.55
CA ARG H 74 -20.49 18.57 -11.55
C ARG H 74 -21.44 19.58 -10.92
N ILE H 75 -21.02 20.21 -9.81
CA ILE H 75 -21.82 21.27 -9.20
C ILE H 75 -22.03 22.42 -10.18
N ALA H 76 -20.95 22.86 -10.83
CA ALA H 76 -21.04 23.96 -11.77
C ALA H 76 -21.95 23.62 -12.96
N TYR H 77 -21.89 22.37 -13.42
CA TYR H 77 -22.74 21.94 -14.53
C TYR H 77 -24.21 21.97 -14.12
N THR H 78 -24.52 21.46 -12.94
CA THR H 78 -25.88 21.51 -12.42
C THR H 78 -26.38 22.95 -12.28
N PHE H 79 -25.56 23.82 -11.67
CA PHE H 79 -26.01 25.19 -11.45
C PHE H 79 -26.12 25.95 -12.77
N ALA H 80 -25.15 25.78 -13.67
CA ALA H 80 -25.23 26.48 -14.94
C ALA H 80 -26.51 26.12 -15.68
N ARG H 81 -26.88 24.84 -15.68
CA ARG H 81 -28.13 24.41 -16.30
C ARG H 81 -29.31 25.12 -15.68
N ALA H 82 -29.35 25.21 -14.35
CA ALA H 82 -30.46 25.88 -13.68
C ALA H 82 -30.44 27.38 -13.96
N PHE H 83 -29.26 27.98 -13.96
CA PHE H 83 -29.14 29.41 -14.22
C PHE H 83 -29.59 29.72 -15.65
N LEU H 84 -29.14 28.94 -16.63
CA LEU H 84 -29.53 29.22 -18.00
C LEU H 84 -31.03 29.02 -18.18
N MET H 85 -31.60 28.03 -17.50
CA MET H 85 -33.03 27.81 -17.60
C MET H 85 -33.82 29.03 -17.12
N GLN H 86 -33.34 29.69 -16.08
CA GLN H 86 -34.02 30.90 -15.60
C GLN H 86 -33.80 32.07 -16.55
N HIS H 87 -32.56 32.25 -17.05
CA HIS H 87 -32.21 33.43 -17.83
C HIS H 87 -32.56 33.30 -19.31
N ALA H 88 -32.52 32.09 -19.87
CA ALA H 88 -32.82 31.86 -21.29
C ALA H 88 -33.52 30.52 -21.43
N PRO H 89 -34.80 30.45 -21.03
CA PRO H 89 -35.49 29.16 -21.02
C PRO H 89 -35.57 28.48 -22.37
N ALA H 90 -35.48 29.23 -23.48
CA ALA H 90 -35.54 28.61 -24.79
C ALA H 90 -34.22 27.97 -25.21
N ASN H 91 -33.14 28.23 -24.48
CA ASN H 91 -31.83 27.73 -24.85
C ASN H 91 -31.64 26.38 -24.17
N ASP H 92 -31.62 25.31 -24.97
CA ASP H 92 -31.47 23.96 -24.45
C ASP H 92 -30.06 23.40 -24.61
N TYR H 93 -29.07 24.25 -24.90
CA TYR H 93 -27.74 23.73 -25.21
C TYR H 93 -27.13 22.97 -24.04
N LEU H 94 -27.33 23.45 -22.82
CA LEU H 94 -26.72 22.77 -21.69
C LEU H 94 -27.47 21.51 -21.30
N VAL H 95 -28.70 21.33 -21.79
CA VAL H 95 -29.48 20.14 -21.43
C VAL H 95 -29.33 19.02 -22.45
N THR H 96 -29.11 19.35 -23.73
CA THR H 96 -29.10 18.34 -24.78
C THR H 96 -27.72 18.05 -25.37
N SER H 97 -26.74 18.91 -25.17
CA SER H 97 -25.48 18.75 -25.87
C SER H 97 -24.51 17.85 -25.10
N HIS H 98 -23.62 17.21 -25.85
CA HIS H 98 -22.49 16.49 -25.29
C HIS H 98 -21.34 17.49 -25.17
N ILE H 99 -21.01 17.85 -23.94
CA ILE H 99 -20.06 18.92 -23.67
C ILE H 99 -18.76 18.31 -23.15
N HIS H 100 -17.64 18.88 -23.59
CA HIS H 100 -16.33 18.51 -23.10
CA HIS H 100 -16.33 18.51 -23.10
C HIS H 100 -15.69 19.72 -22.43
N LEU H 101 -15.13 19.51 -21.26
CA LEU H 101 -14.45 20.53 -20.48
C LEU H 101 -13.02 20.08 -20.28
N HIS H 102 -12.06 20.97 -20.54
CA HIS H 102 -10.66 20.62 -20.43
C HIS H 102 -9.93 21.77 -19.75
N VAL H 103 -8.96 21.43 -18.91
CA VAL H 103 -8.11 22.44 -18.27
C VAL H 103 -6.66 22.12 -18.61
N PRO H 104 -6.08 22.73 -19.64
CA PRO H 104 -4.66 22.55 -19.91
C PRO H 104 -3.83 23.27 -18.85
N GLU H 105 -2.54 22.93 -18.76
CA GLU H 105 -1.84 21.92 -19.55
C GLU H 105 -2.18 20.50 -19.12
N GLY H 106 -2.16 19.58 -20.08
CA GLY H 106 -2.73 18.25 -19.86
C GLY H 106 -2.01 17.41 -18.83
N ALA H 107 -0.69 17.55 -18.71
CA ALA H 107 0.09 16.70 -17.81
C ALA H 107 0.12 17.21 -16.36
N THR H 108 -0.33 18.44 -16.10
CA THR H 108 -0.18 19.06 -14.77
C THR H 108 -1.35 18.67 -13.87
N PRO H 109 -1.11 18.02 -12.74
CA PRO H 109 -2.23 17.70 -11.83
C PRO H 109 -2.87 18.97 -11.29
N LYS H 110 -4.19 18.95 -11.15
CA LYS H 110 -4.93 20.09 -10.64
C LYS H 110 -6.00 19.61 -9.68
N ASP H 111 -6.32 20.43 -8.69
CA ASP H 111 -7.36 20.06 -7.73
C ASP H 111 -7.86 21.32 -7.02
N GLY H 112 -8.93 21.14 -6.26
CA GLY H 112 -9.47 22.24 -5.50
C GLY H 112 -10.81 22.69 -6.06
N PRO H 113 -11.56 23.43 -5.25
CA PRO H 113 -12.92 23.86 -5.63
C PRO H 113 -13.01 25.26 -6.22
N SER H 114 -11.91 26.00 -6.32
CA SER H 114 -11.95 27.44 -6.53
C SER H 114 -12.16 27.83 -7.99
N ALA H 115 -12.23 26.87 -8.92
CA ALA H 115 -12.58 27.17 -10.30
C ALA H 115 -14.06 26.96 -10.56
N GLY H 116 -14.85 26.73 -9.52
CA GLY H 116 -16.28 26.56 -9.68
C GLY H 116 -16.95 27.67 -10.50
N CYS H 117 -16.82 28.93 -10.07
CA CYS H 117 -17.38 30.04 -10.88
C CYS H 117 -16.79 30.06 -12.28
N THR H 118 -15.47 29.84 -12.39
CA THR H 118 -14.84 29.83 -13.70
C THR H 118 -15.52 28.82 -14.62
N ILE H 119 -15.86 27.64 -14.07
CA ILE H 119 -16.49 26.60 -14.88
C ILE H 119 -17.93 26.97 -15.22
N VAL H 120 -18.70 27.50 -14.26
CA VAL H 120 -20.04 28.00 -14.57
C VAL H 120 -19.98 29.00 -15.72
N THR H 121 -19.04 29.93 -15.65
CA THR H 121 -18.95 30.96 -16.69
C THR H 121 -18.63 30.36 -18.05
N ALA H 122 -17.67 29.41 -18.09
CA ALA H 122 -17.32 28.82 -19.37
C ALA H 122 -18.50 28.09 -20.01
N LEU H 123 -19.26 27.33 -19.21
CA LEU H 123 -20.43 26.64 -19.75
C LEU H 123 -21.48 27.62 -20.25
N LEU H 124 -21.74 28.70 -19.50
CA LEU H 124 -22.71 29.68 -19.96
C LEU H 124 -22.21 30.43 -21.19
N SER H 125 -20.93 30.80 -21.19
CA SER H 125 -20.32 31.40 -22.37
C SER H 125 -20.53 30.52 -23.61
N LEU H 126 -20.23 29.24 -23.48
CA LEU H 126 -20.38 28.32 -24.59
C LEU H 126 -21.84 28.24 -25.02
N ALA H 127 -22.76 28.07 -24.06
CA ALA H 127 -24.16 27.87 -24.40
C ALA H 127 -24.76 29.10 -25.07
N MET H 128 -24.30 30.30 -24.70
CA MET H 128 -24.80 31.53 -25.30
C MET H 128 -24.04 31.95 -26.55
N GLY H 129 -22.93 31.29 -26.86
CA GLY H 129 -22.11 31.73 -27.98
C GLY H 129 -21.51 33.11 -27.79
N ARG H 130 -21.22 33.50 -26.56
CA ARG H 130 -20.75 34.85 -26.27
C ARG H 130 -19.47 34.76 -25.44
N PRO H 131 -18.37 35.35 -25.89
CA PRO H 131 -17.15 35.33 -25.09
C PRO H 131 -17.31 36.20 -23.85
N VAL H 132 -16.56 35.86 -22.80
CA VAL H 132 -16.54 36.71 -21.62
C VAL H 132 -15.69 37.94 -21.89
N ARG H 133 -15.92 38.98 -21.09
CA ARG H 133 -15.08 40.18 -21.10
C ARG H 133 -13.59 39.82 -21.15
N GLN H 134 -12.83 40.54 -21.97
CA GLN H 134 -11.41 40.26 -22.16
C GLN H 134 -10.57 40.75 -20.99
N ASN H 135 -9.45 40.08 -20.74
CA ASN H 135 -8.53 40.45 -19.65
C ASN H 135 -9.23 40.35 -18.29
N LEU H 136 -10.16 39.41 -18.18
CA LEU H 136 -10.87 39.12 -16.94
C LEU H 136 -10.37 37.80 -16.37
N ALA H 137 -10.22 37.74 -15.06
CA ALA H 137 -9.93 36.47 -14.38
C ALA H 137 -10.80 36.36 -13.14
N MET H 138 -11.05 35.14 -12.70
CA MET H 138 -11.91 34.95 -11.55
C MET H 138 -11.46 33.73 -10.76
N THR H 139 -11.79 33.74 -9.47
CA THR H 139 -11.58 32.59 -8.61
C THR H 139 -12.66 32.63 -7.56
N GLY H 140 -13.16 31.45 -7.20
CA GLY H 140 -14.24 31.39 -6.24
C GLY H 140 -14.96 30.05 -6.28
N GLU H 141 -15.18 29.45 -5.12
CA GLU H 141 -15.95 28.22 -5.02
C GLU H 141 -17.44 28.55 -5.19
N VAL H 142 -18.17 27.70 -5.91
CA VAL H 142 -19.60 27.90 -6.10
C VAL H 142 -20.35 26.82 -5.33
N SER H 143 -21.38 27.23 -4.59
CA SER H 143 -22.28 26.26 -3.95
C SER H 143 -23.35 25.83 -4.94
N LEU H 144 -24.12 24.80 -4.56
CA LEU H 144 -25.15 24.29 -5.47
C LEU H 144 -26.23 25.35 -5.77
N THR H 145 -26.44 26.32 -4.88
CA THR H 145 -27.43 27.36 -5.12
C THR H 145 -26.82 28.63 -5.73
N GLY H 146 -25.54 28.60 -6.11
CA GLY H 146 -24.91 29.76 -6.71
C GLY H 146 -24.22 30.70 -5.74
N LYS H 147 -24.18 30.39 -4.44
CA LYS H 147 -23.40 31.19 -3.49
C LYS H 147 -21.91 31.08 -3.81
N ILE H 148 -21.17 32.18 -3.66
CA ILE H 148 -19.74 32.17 -3.94
C ILE H 148 -19.00 32.10 -2.62
N LEU H 149 -18.18 31.07 -2.44
CA LEU H 149 -17.54 30.88 -1.17
C LEU H 149 -16.05 31.24 -1.24
N PRO H 150 -15.45 31.64 -0.12
CA PRO H 150 -14.06 32.11 -0.13
C PRO H 150 -13.09 31.01 -0.49
N VAL H 151 -11.91 31.42 -0.96
CA VAL H 151 -10.88 30.52 -1.48
C VAL H 151 -9.52 30.89 -0.88
N GLY H 152 -8.54 30.02 -1.10
CA GLY H 152 -7.19 30.28 -0.65
C GLY H 152 -6.33 30.90 -1.74
N GLY H 153 -5.14 31.35 -1.35
CA GLY H 153 -4.16 31.84 -2.30
C GLY H 153 -4.48 33.16 -2.97
N ILE H 154 -5.34 33.98 -2.37
CA ILE H 154 -5.76 35.22 -3.04
C ILE H 154 -4.56 36.09 -3.38
N LYS H 155 -3.61 36.23 -2.45
CA LYS H 155 -2.45 37.08 -2.72
C LYS H 155 -1.63 36.55 -3.89
N GLU H 156 -1.29 35.26 -3.88
CA GLU H 156 -0.51 34.68 -4.96
C GLU H 156 -1.27 34.73 -6.29
N LYS H 157 -2.57 34.44 -6.27
CA LYS H 157 -3.38 34.46 -7.49
C LYS H 157 -3.48 35.87 -8.08
N THR H 158 -3.67 36.87 -7.23
CA THR H 158 -3.77 38.25 -7.72
C THR H 158 -2.48 38.71 -8.36
N ILE H 159 -1.34 38.38 -7.73
CA ILE H 159 -0.05 38.72 -8.28
C ILE H 159 0.12 38.07 -9.65
N ALA H 160 -0.26 36.80 -9.77
CA ALA H 160 -0.16 36.12 -11.06
C ALA H 160 -1.11 36.76 -12.08
N ALA H 161 -2.32 37.11 -11.65
CA ALA H 161 -3.26 37.78 -12.56
C ALA H 161 -2.66 39.08 -13.06
N LYS H 162 -2.12 39.90 -12.14
CA LYS H 162 -1.52 41.16 -12.56
C LYS H 162 -0.38 40.93 -13.54
N ARG H 163 0.48 39.95 -13.26
CA ARG H 163 1.60 39.70 -14.16
C ARG H 163 1.14 39.26 -15.54
N ALA H 164 -0.01 38.61 -15.64
CA ALA H 164 -0.52 38.15 -16.94
C ALA H 164 -1.34 39.21 -17.69
N GLY H 165 -1.36 40.47 -17.22
CA GLY H 165 -2.11 41.51 -17.91
C GLY H 165 -3.60 41.55 -17.62
N VAL H 166 -4.06 40.88 -16.56
CA VAL H 166 -5.45 40.99 -16.15
C VAL H 166 -5.71 42.39 -15.62
N THR H 167 -6.85 42.98 -16.06
CA THR H 167 -7.28 44.30 -15.60
C THR H 167 -8.60 44.27 -14.83
N CYS H 168 -9.29 43.13 -14.82
CA CYS H 168 -10.55 42.92 -14.12
C CYS H 168 -10.48 41.58 -13.43
N ILE H 169 -10.65 41.57 -12.11
CA ILE H 169 -10.51 40.37 -11.32
C ILE H 169 -11.72 40.25 -10.41
N VAL H 170 -12.30 39.04 -10.35
CA VAL H 170 -13.52 38.74 -9.60
C VAL H 170 -13.17 37.77 -8.48
N LEU H 171 -13.52 38.14 -7.26
CA LEU H 171 -13.10 37.42 -6.06
C LEU H 171 -14.26 37.29 -5.10
N PRO H 172 -14.24 36.27 -4.24
CA PRO H 172 -15.28 36.18 -3.19
C PRO H 172 -15.19 37.34 -2.22
N ALA H 173 -16.37 37.84 -1.82
CA ALA H 173 -16.41 38.96 -0.89
C ALA H 173 -15.68 38.66 0.41
N GLU H 174 -15.72 37.42 0.87
CA GLU H 174 -15.03 37.15 2.14
C GLU H 174 -13.52 37.11 1.99
N ASN H 175 -12.99 37.24 0.79
CA ASN H 175 -11.54 37.35 0.60
C ASN H 175 -11.11 38.79 0.43
N LYS H 176 -11.99 39.75 0.71
CA LYS H 176 -11.63 41.16 0.54
C LYS H 176 -10.40 41.52 1.37
N LYS H 177 -10.34 41.04 2.61
CA LYS H 177 -9.20 41.38 3.48
C LYS H 177 -7.90 40.86 2.88
N ASP H 178 -7.93 39.66 2.28
CA ASP H 178 -6.74 39.09 1.67
C ASP H 178 -6.22 39.98 0.54
N PHE H 179 -7.13 40.48 -0.29
CA PHE H 179 -6.74 41.36 -1.40
C PHE H 179 -6.04 42.61 -0.88
N TYR H 180 -6.58 43.23 0.16
CA TYR H 180 -5.98 44.47 0.63
C TYR H 180 -4.78 44.22 1.56
N ASP H 181 -4.36 42.97 1.72
CA ASP H 181 -3.06 42.68 2.31
C ASP H 181 -1.91 42.86 1.31
N LEU H 182 -2.22 43.15 0.05
CA LEU H 182 -1.23 43.34 -1.01
C LEU H 182 -0.74 44.79 -1.07
N ALA H 183 0.51 44.93 -1.54
CA ALA H 183 1.10 46.24 -1.76
C ALA H 183 0.30 47.05 -2.78
N ALA H 184 0.36 48.38 -2.64
CA ALA H 184 -0.41 49.28 -3.50
C ALA H 184 -0.04 49.13 -4.98
N PHE H 185 1.25 48.89 -5.30
CA PHE H 185 1.60 48.80 -6.71
C PHE H 185 0.99 47.56 -7.37
N ILE H 186 0.58 46.57 -6.58
CA ILE H 186 -0.10 45.40 -7.14
C ILE H 186 -1.57 45.69 -7.37
N THR H 187 -2.26 46.29 -6.40
CA THR H 187 -3.70 46.49 -6.54
C THR H 187 -4.02 47.63 -7.49
N GLU H 188 -3.05 48.52 -7.71
CA GLU H 188 -3.18 49.62 -8.66
C GLU H 188 -3.52 49.12 -10.06
N GLY H 189 -4.46 49.81 -10.70
CA GLY H 189 -4.95 49.45 -12.03
C GLY H 189 -5.73 48.15 -12.18
N LEU H 190 -6.03 47.46 -11.09
CA LEU H 190 -6.95 46.32 -11.14
C LEU H 190 -8.37 46.76 -10.82
N GLU H 191 -9.29 46.53 -11.74
CA GLU H 191 -10.72 46.62 -11.44
C GLU H 191 -11.11 45.35 -10.69
N VAL H 192 -11.40 45.48 -9.40
CA VAL H 192 -11.67 44.33 -8.54
C VAL H 192 -13.16 44.32 -8.18
N HIS H 193 -13.76 43.14 -8.22
CA HIS H 193 -15.15 42.94 -7.84
C HIS H 193 -15.21 41.85 -6.79
N PHE H 194 -15.87 42.15 -5.67
CA PHE H 194 -16.07 41.20 -4.57
C PHE H 194 -17.52 40.73 -4.62
N VAL H 195 -17.74 39.42 -4.75
CA VAL H 195 -19.07 38.91 -5.06
C VAL H 195 -19.48 37.89 -4.02
N GLU H 196 -20.80 37.76 -3.86
CA GLU H 196 -21.38 36.77 -2.97
C GLU H 196 -22.28 35.76 -3.68
N HIS H 197 -22.74 36.04 -4.89
CA HIS H 197 -23.65 35.18 -5.64
C HIS H 197 -23.19 35.11 -7.08
N TYR H 198 -23.42 33.96 -7.72
CA TYR H 198 -22.94 33.81 -9.08
C TYR H 198 -23.54 34.88 -10.00
N ARG H 199 -24.79 35.31 -9.75
CA ARG H 199 -25.41 36.26 -10.66
C ARG H 199 -24.62 37.57 -10.77
N GLU H 200 -23.88 37.94 -9.72
CA GLU H 200 -23.02 39.13 -9.82
C GLU H 200 -21.88 38.90 -10.80
N ILE H 201 -21.31 37.69 -10.79
CA ILE H 201 -20.25 37.35 -11.74
C ILE H 201 -20.79 37.39 -13.16
N PHE H 202 -21.97 36.81 -13.37
CA PHE H 202 -22.60 36.82 -14.70
C PHE H 202 -22.67 38.23 -15.25
N ASP H 203 -23.10 39.19 -14.43
CA ASP H 203 -23.23 40.57 -14.89
C ASP H 203 -21.90 41.19 -15.25
N ILE H 204 -20.82 40.80 -14.55
CA ILE H 204 -19.48 41.30 -14.86
C ILE H 204 -18.92 40.64 -16.11
N ALA H 205 -19.08 39.32 -16.21
CA ALA H 205 -18.49 38.58 -17.33
C ALA H 205 -19.22 38.84 -18.64
N PHE H 206 -20.53 39.11 -18.56
CA PHE H 206 -21.38 39.30 -19.74
C PHE H 206 -22.17 40.60 -19.58
N PRO H 207 -21.52 41.74 -19.69
CA PRO H 207 -22.23 43.00 -19.42
C PRO H 207 -23.35 43.22 -20.42
N ASP H 208 -24.53 43.56 -19.91
CA ASP H 208 -25.76 43.88 -20.66
C ASP H 208 -26.51 42.64 -21.13
N GLU H 209 -26.06 41.42 -20.77
CA GLU H 209 -26.75 40.21 -21.21
C GLU H 209 -28.15 40.12 -20.61
N GLN H 210 -28.26 40.19 -19.28
CA GLN H 210 -29.57 40.08 -18.65
C GLN H 210 -30.47 41.24 -19.06
N ALA H 211 -29.90 42.42 -19.31
CA ALA H 211 -30.71 43.56 -19.74
C ALA H 211 -31.30 43.35 -21.12
N GLU H 212 -30.56 42.69 -22.02
CA GLU H 212 -31.10 42.43 -23.36
C GLU H 212 -32.08 41.27 -23.35
N ALA H 213 -31.83 40.27 -22.50
CA ALA H 213 -32.72 39.10 -22.44
C ALA H 213 -34.09 39.46 -21.88
N LEU H 214 -34.16 40.46 -21.00
CA LEU H 214 -35.48 40.95 -20.53
C LEU H 214 -36.15 41.79 -21.62
N ALA H 215 -35.38 42.60 -22.35
CA ALA H 215 -35.93 43.51 -23.37
C ALA H 215 -36.63 42.72 -24.48
N VAL H 216 -36.03 41.60 -24.90
CA VAL H 216 -36.65 40.76 -25.97
C VAL H 216 -37.63 39.78 -25.31
N GLU I 13 35.00 -3.09 -25.94
CA GLU I 13 33.54 -2.94 -25.71
C GLU I 13 33.22 -3.35 -24.27
N ARG I 14 33.95 -2.76 -23.33
CA ARG I 14 33.80 -3.11 -21.90
C ARG I 14 34.43 -2.00 -21.05
N MET I 15 34.12 -1.99 -19.77
CA MET I 15 34.55 -0.92 -18.86
C MET I 15 36.03 -0.99 -18.55
N TYR I 16 36.57 -2.20 -18.37
CA TYR I 16 38.01 -2.40 -18.15
C TYR I 16 38.62 -3.16 -19.32
N ASP I 17 39.72 -2.64 -19.86
CA ASP I 17 40.50 -3.44 -20.81
C ASP I 17 41.43 -4.40 -20.09
N VAL I 18 42.20 -3.90 -19.13
CA VAL I 18 43.05 -4.71 -18.26
C VAL I 18 42.56 -4.54 -16.83
N THR I 19 42.28 -5.67 -16.15
CA THR I 19 41.73 -5.55 -14.79
C THR I 19 42.87 -5.47 -13.78
N PRO I 20 42.84 -4.54 -12.85
CA PRO I 20 43.83 -4.53 -11.77
C PRO I 20 43.41 -5.51 -10.68
N PRO I 21 44.21 -5.65 -9.63
CA PRO I 21 43.81 -6.54 -8.54
C PRO I 21 42.47 -6.13 -7.95
N GLY I 22 41.65 -7.13 -7.62
CA GLY I 22 40.35 -6.88 -7.02
C GLY I 22 39.20 -6.61 -7.98
N VAL I 23 39.44 -6.68 -9.29
CA VAL I 23 38.41 -6.43 -10.30
C VAL I 23 38.25 -7.68 -11.14
N VAL I 24 37.01 -8.14 -11.31
CA VAL I 24 36.73 -9.37 -12.04
C VAL I 24 35.51 -9.16 -12.93
N MET I 25 35.55 -9.70 -14.15
CA MET I 25 34.44 -9.58 -15.09
C MET I 25 33.40 -10.65 -14.82
N GLY I 26 32.16 -10.21 -14.59
CA GLY I 26 31.02 -11.10 -14.52
C GLY I 26 30.08 -10.93 -15.70
N LEU I 27 28.99 -11.68 -15.65
CA LEU I 27 28.07 -11.75 -16.78
C LEU I 27 26.65 -11.72 -16.25
N ALA I 28 25.80 -10.93 -16.89
CA ALA I 28 24.41 -10.76 -16.46
C ALA I 28 23.48 -10.86 -17.65
N TRP I 29 22.18 -10.97 -17.38
CA TRP I 29 21.23 -10.95 -18.47
C TRP I 29 19.88 -10.41 -18.02
N THR I 30 19.10 -9.99 -19.01
CA THR I 30 17.71 -9.59 -18.88
C THR I 30 16.95 -10.27 -20.02
N ALA I 31 15.63 -10.02 -20.07
CA ALA I 31 14.84 -10.50 -21.21
C ALA I 31 15.35 -9.97 -22.54
N MET I 32 16.14 -8.90 -22.54
CA MET I 32 16.59 -8.30 -23.78
C MET I 32 17.94 -8.83 -24.25
N GLY I 33 18.67 -9.56 -23.41
CA GLY I 33 19.92 -10.16 -23.82
C GLY I 33 20.95 -10.13 -22.71
N GLY I 34 22.17 -10.56 -23.01
CA GLY I 34 23.20 -10.60 -22.00
C GLY I 34 24.05 -9.34 -21.99
N SER I 35 24.85 -9.21 -20.94
CA SER I 35 25.79 -8.11 -20.84
C SER I 35 26.93 -8.50 -19.89
N THR I 36 28.05 -7.78 -20.01
CA THR I 36 29.14 -7.94 -19.07
C THR I 36 29.06 -6.86 -17.99
N LEU I 37 29.67 -7.15 -16.85
CA LEU I 37 29.88 -6.15 -15.82
C LEU I 37 31.10 -6.55 -15.00
N PHE I 38 31.56 -5.62 -14.17
CA PHE I 38 32.76 -5.83 -13.37
C PHE I 38 32.43 -5.68 -11.90
N VAL I 39 32.90 -6.62 -11.10
CA VAL I 39 32.90 -6.49 -9.65
C VAL I 39 34.19 -5.78 -9.25
N GLU I 40 34.07 -4.68 -8.52
CA GLU I 40 35.21 -3.92 -8.02
C GLU I 40 35.32 -4.09 -6.51
N THR I 41 36.55 -4.19 -6.01
CA THR I 41 36.77 -4.20 -4.57
C THR I 41 37.95 -3.32 -4.22
N SER I 42 37.95 -2.81 -3.00
CA SER I 42 39.09 -2.05 -2.47
C SER I 42 39.07 -2.20 -0.96
N LEU I 43 40.22 -1.95 -0.33
CA LEU I 43 40.30 -2.24 1.10
C LEU I 43 41.22 -1.25 1.80
N ARG I 44 41.00 -1.11 3.11
CA ARG I 44 41.83 -0.30 3.99
C ARG I 44 42.14 -1.12 5.25
N ARG I 45 43.43 -1.32 5.53
CA ARG I 45 43.90 -1.96 6.76
C ARG I 45 43.40 -1.23 8.02
N ASP I 56 39.17 -7.62 13.31
CA ASP I 56 37.76 -7.62 12.93
C ASP I 56 37.51 -6.81 11.65
N GLY I 57 37.63 -7.45 10.49
CA GLY I 57 37.37 -6.77 9.23
C GLY I 57 35.88 -6.65 8.95
N SER I 58 35.57 -6.10 7.78
CA SER I 58 34.17 -5.92 7.41
C SER I 58 34.06 -5.80 5.89
N LEU I 59 32.85 -6.02 5.39
CA LEU I 59 32.52 -5.89 3.98
C LEU I 59 31.32 -4.98 3.80
N GLU I 60 31.51 -3.91 3.05
CA GLU I 60 30.43 -3.00 2.66
C GLU I 60 30.21 -3.15 1.14
N VAL I 61 28.96 -3.26 0.71
CA VAL I 61 28.65 -3.50 -0.71
C VAL I 61 27.74 -2.39 -1.22
N THR I 62 27.98 -1.97 -2.46
CA THR I 62 27.13 -0.98 -3.15
C THR I 62 26.92 -1.44 -4.59
N GLY I 63 26.01 -0.75 -5.27
CA GLY I 63 25.72 -1.08 -6.65
C GLY I 63 24.25 -1.40 -6.89
N GLN I 64 23.38 -0.93 -5.98
CA GLN I 64 21.94 -1.20 -6.06
C GLN I 64 21.68 -2.71 -6.14
N LEU I 65 22.29 -3.45 -5.22
CA LEU I 65 22.20 -4.90 -5.23
C LEU I 65 20.92 -5.34 -4.52
N GLY I 66 20.21 -6.30 -5.12
CA GLY I 66 19.04 -6.87 -4.48
C GLY I 66 19.43 -7.83 -3.36
N GLU I 67 18.41 -8.26 -2.61
CA GLU I 67 18.67 -9.03 -1.40
C GLU I 67 19.39 -10.34 -1.70
N VAL I 68 18.98 -11.04 -2.76
CA VAL I 68 19.62 -12.32 -3.09
C VAL I 68 21.09 -12.10 -3.41
N MET I 69 21.40 -11.02 -4.14
CA MET I 69 22.79 -10.75 -4.47
C MET I 69 23.61 -10.33 -3.25
N LYS I 70 22.99 -9.57 -2.32
CA LYS I 70 23.70 -9.23 -1.08
C LYS I 70 24.03 -10.49 -0.28
N GLU I 71 23.08 -11.42 -0.19
CA GLU I 71 23.37 -12.69 0.50
C GLU I 71 24.49 -13.42 -0.19
N SER I 72 24.52 -13.34 -1.52
CA SER I 72 25.56 -13.97 -2.30
C SER I 72 26.93 -13.39 -1.96
N ALA I 73 27.00 -12.07 -1.74
CA ALA I 73 28.26 -11.46 -1.31
C ALA I 73 28.65 -11.91 0.08
N ARG I 74 27.70 -12.01 1.01
CA ARG I 74 28.01 -12.49 2.36
C ARG I 74 28.58 -13.90 2.31
N ILE I 75 28.00 -14.77 1.48
CA ILE I 75 28.46 -16.14 1.37
C ILE I 75 29.86 -16.18 0.77
N ALA I 76 30.07 -15.42 -0.31
CA ALA I 76 31.36 -15.35 -0.96
C ALA I 76 32.43 -14.83 0.00
N TYR I 77 32.07 -13.85 0.83
CA TYR I 77 32.99 -13.29 1.81
C TYR I 77 33.41 -14.35 2.83
N THR I 78 32.44 -15.08 3.38
CA THR I 78 32.75 -16.13 4.35
C THR I 78 33.64 -17.20 3.73
N PHE I 79 33.29 -17.66 2.53
CA PHE I 79 34.06 -18.71 1.88
C PHE I 79 35.45 -18.21 1.50
N ALA I 80 35.54 -16.98 0.97
CA ALA I 80 36.83 -16.43 0.58
C ALA I 80 37.79 -16.38 1.76
N ARG I 81 37.29 -15.97 2.93
CA ARG I 81 38.13 -15.96 4.13
C ARG I 81 38.66 -17.35 4.44
N ALA I 82 37.78 -18.37 4.41
CA ALA I 82 38.22 -19.73 4.71
C ALA I 82 39.15 -20.25 3.64
N PHE I 83 38.88 -19.93 2.38
CA PHE I 83 39.73 -20.42 1.30
C PHE I 83 41.14 -19.84 1.42
N LEU I 84 41.25 -18.54 1.66
CA LEU I 84 42.55 -17.90 1.77
C LEU I 84 43.29 -18.38 3.02
N MET I 85 42.56 -18.73 4.08
CA MET I 85 43.22 -19.25 5.26
C MET I 85 43.93 -20.56 4.95
N GLN I 86 43.33 -21.39 4.10
CA GLN I 86 43.96 -22.64 3.69
C GLN I 86 45.07 -22.42 2.68
N HIS I 87 44.85 -21.53 1.71
CA HIS I 87 45.80 -21.35 0.62
C HIS I 87 46.99 -20.48 1.01
N ALA I 88 46.78 -19.46 1.84
CA ALA I 88 47.84 -18.53 2.24
C ALA I 88 47.62 -18.10 3.68
N PRO I 89 47.90 -18.99 4.64
CA PRO I 89 47.63 -18.67 6.04
C PRO I 89 48.34 -17.43 6.54
N ALA I 90 49.44 -17.03 5.91
CA ALA I 90 50.13 -15.82 6.37
C ALA I 90 49.42 -14.54 5.94
N ASN I 91 48.45 -14.63 5.02
CA ASN I 91 47.77 -13.45 4.50
C ASN I 91 46.52 -13.16 5.35
N ASP I 92 46.57 -12.07 6.12
CA ASP I 92 45.48 -11.71 7.01
C ASP I 92 44.58 -10.61 6.45
N TYR I 93 44.68 -10.29 5.15
CA TYR I 93 43.97 -9.14 4.62
C TYR I 93 42.45 -9.29 4.74
N LEU I 94 41.91 -10.49 4.49
CA LEU I 94 40.45 -10.63 4.50
C LEU I 94 39.87 -10.73 5.91
N VAL I 95 40.68 -10.99 6.93
CA VAL I 95 40.16 -11.04 8.28
C VAL I 95 40.30 -9.70 9.00
N THR I 96 41.24 -8.85 8.59
CA THR I 96 41.48 -7.59 9.30
C THR I 96 41.05 -6.33 8.55
N SER I 97 40.87 -6.39 7.25
CA SER I 97 40.65 -5.14 6.52
C SER I 97 39.17 -4.78 6.41
N HIS I 98 38.93 -3.49 6.24
CA HIS I 98 37.61 -2.97 5.89
C HIS I 98 37.54 -2.95 4.36
N ILE I 99 36.69 -3.81 3.81
CA ILE I 99 36.63 -4.03 2.36
C ILE I 99 35.35 -3.41 1.82
N HIS I 100 35.46 -2.78 0.67
CA HIS I 100 34.31 -2.21 -0.04
CA HIS I 100 34.31 -2.22 -0.03
C HIS I 100 34.19 -2.94 -1.37
N LEU I 101 32.97 -3.35 -1.69
CA LEU I 101 32.69 -4.04 -2.95
C LEU I 101 31.63 -3.25 -3.68
N HIS I 102 31.85 -3.02 -4.97
CA HIS I 102 30.94 -2.21 -5.77
C HIS I 102 30.76 -2.86 -7.14
N VAL I 103 29.54 -2.81 -7.66
CA VAL I 103 29.24 -3.28 -9.00
C VAL I 103 28.65 -2.11 -9.78
N PRO I 104 29.47 -1.41 -10.56
CA PRO I 104 28.91 -0.37 -11.44
C PRO I 104 28.15 -1.01 -12.59
N GLU I 105 27.33 -0.21 -13.28
CA GLU I 105 27.10 1.19 -13.04
C GLU I 105 26.18 1.41 -11.82
N GLY I 106 26.38 2.53 -11.13
CA GLY I 106 25.79 2.71 -9.81
C GLY I 106 24.27 2.76 -9.77
N ALA I 107 23.63 3.31 -10.82
CA ALA I 107 22.17 3.46 -10.79
C ALA I 107 21.41 2.21 -11.23
N THR I 108 22.06 1.19 -11.79
CA THR I 108 21.37 0.06 -12.39
C THR I 108 21.04 -1.01 -11.35
N PRO I 109 19.78 -1.37 -11.15
CA PRO I 109 19.46 -2.45 -10.20
C PRO I 109 20.05 -3.77 -10.67
N LYS I 110 20.54 -4.56 -9.71
CA LYS I 110 21.14 -5.85 -10.01
C LYS I 110 20.69 -6.84 -8.97
N ASP I 111 20.56 -8.10 -9.36
CA ASP I 111 20.16 -9.11 -8.40
C ASP I 111 20.54 -10.48 -8.91
N GLY I 112 20.41 -11.48 -8.04
CA GLY I 112 20.67 -12.85 -8.42
C GLY I 112 21.92 -13.39 -7.74
N PRO I 113 22.04 -14.72 -7.70
CA PRO I 113 23.18 -15.36 -7.03
C PRO I 113 24.34 -15.75 -7.92
N SER I 114 24.26 -15.48 -9.22
CA SER I 114 25.21 -16.07 -10.16
C SER I 114 26.56 -15.34 -10.20
N ALA I 115 26.71 -14.26 -9.45
CA ALA I 115 28.01 -13.60 -9.33
C ALA I 115 28.80 -14.07 -8.11
N GLY I 116 28.33 -15.12 -7.42
CA GLY I 116 29.05 -15.67 -6.28
C GLY I 116 30.51 -16.00 -6.51
N CYS I 117 30.82 -16.85 -7.49
CA CYS I 117 32.22 -17.10 -7.84
C CYS I 117 32.97 -15.80 -8.17
N THR I 118 32.35 -14.91 -8.93
CA THR I 118 32.97 -13.64 -9.32
C THR I 118 33.38 -12.83 -8.07
N ILE I 119 32.50 -12.79 -7.07
CA ILE I 119 32.79 -12.03 -5.86
C ILE I 119 33.91 -12.70 -5.07
N VAL I 120 33.85 -14.03 -4.92
CA VAL I 120 34.96 -14.76 -4.28
C VAL I 120 36.27 -14.41 -4.98
N THR I 121 36.29 -14.47 -6.31
CA THR I 121 37.52 -14.23 -7.07
C THR I 121 38.02 -12.81 -6.85
N ALA I 122 37.11 -11.83 -6.86
CA ALA I 122 37.49 -10.44 -6.68
C ALA I 122 38.12 -10.22 -5.30
N LEU I 123 37.51 -10.81 -4.26
CA LEU I 123 38.05 -10.68 -2.91
C LEU I 123 39.43 -11.33 -2.80
N LEU I 124 39.59 -12.52 -3.38
CA LEU I 124 40.90 -13.17 -3.33
C LEU I 124 41.92 -12.40 -4.14
N SER I 125 41.53 -11.95 -5.33
CA SER I 125 42.40 -11.10 -6.13
C SER I 125 42.89 -9.91 -5.33
N LEU I 126 41.97 -9.21 -4.67
CA LEU I 126 42.32 -8.05 -3.87
C LEU I 126 43.26 -8.44 -2.74
N ALA I 127 42.89 -9.48 -1.98
CA ALA I 127 43.70 -9.86 -0.82
C ALA I 127 45.09 -10.31 -1.23
N MET I 128 45.23 -10.95 -2.39
CA MET I 128 46.55 -11.38 -2.82
C MET I 128 47.32 -10.32 -3.59
N GLY I 129 46.70 -9.18 -3.91
CA GLY I 129 47.40 -8.20 -4.74
C GLY I 129 47.74 -8.76 -6.11
N ARG I 130 46.88 -9.63 -6.63
CA ARG I 130 47.15 -10.36 -7.86
C ARG I 130 45.97 -10.20 -8.82
N PRO I 131 46.17 -9.67 -10.03
CA PRO I 131 45.07 -9.59 -10.98
C PRO I 131 44.68 -10.97 -11.48
N VAL I 132 43.42 -11.10 -11.90
CA VAL I 132 42.99 -12.33 -12.55
C VAL I 132 43.47 -12.35 -14.00
N ARG I 133 43.51 -13.55 -14.57
CA ARG I 133 43.77 -13.70 -15.99
C ARG I 133 42.93 -12.71 -16.81
N GLN I 134 43.56 -12.09 -17.81
CA GLN I 134 42.89 -11.08 -18.62
C GLN I 134 41.95 -11.74 -19.63
N ASN I 135 40.91 -10.98 -20.01
CA ASN I 135 39.92 -11.46 -20.97
C ASN I 135 39.20 -12.72 -20.46
N LEU I 136 39.06 -12.81 -19.15
CA LEU I 136 38.37 -13.90 -18.49
C LEU I 136 37.04 -13.39 -17.95
N ALA I 137 35.98 -14.20 -18.10
CA ALA I 137 34.70 -13.93 -17.47
C ALA I 137 34.16 -15.20 -16.84
N MET I 138 33.30 -15.03 -15.84
CA MET I 138 32.75 -16.18 -15.13
C MET I 138 31.33 -15.87 -14.66
N THR I 139 30.57 -16.94 -14.46
CA THR I 139 29.26 -16.90 -13.84
C THR I 139 29.09 -18.23 -13.14
N GLY I 140 28.46 -18.19 -11.97
CA GLY I 140 28.27 -19.38 -11.15
C GLY I 140 27.87 -19.04 -9.74
N GLU I 141 26.82 -19.66 -9.23
CA GLU I 141 26.42 -19.47 -7.84
C GLU I 141 27.36 -20.28 -6.96
N VAL I 142 27.74 -19.72 -5.82
CA VAL I 142 28.63 -20.42 -4.89
C VAL I 142 27.85 -20.78 -3.63
N SER I 143 28.01 -22.03 -3.18
CA SER I 143 27.50 -22.48 -1.89
C SER I 143 28.49 -22.17 -0.77
N LEU I 144 28.04 -22.35 0.47
CA LEU I 144 28.87 -22.01 1.61
C LEU I 144 30.16 -22.82 1.67
N THR I 145 30.17 -24.04 1.12
CA THR I 145 31.37 -24.87 1.10
C THR I 145 32.15 -24.76 -0.22
N GLY I 146 31.77 -23.85 -1.11
CA GLY I 146 32.50 -23.66 -2.34
C GLY I 146 32.00 -24.45 -3.53
N LYS I 147 30.91 -25.21 -3.41
CA LYS I 147 30.33 -25.87 -4.57
C LYS I 147 29.81 -24.82 -5.55
N ILE I 148 29.96 -25.09 -6.84
CA ILE I 148 29.50 -24.18 -7.86
C ILE I 148 28.18 -24.70 -8.43
N LEU I 149 27.13 -23.88 -8.35
CA LEU I 149 25.80 -24.31 -8.76
C LEU I 149 25.39 -23.66 -10.08
N PRO I 150 24.52 -24.32 -10.83
CA PRO I 150 24.14 -23.83 -12.16
C PRO I 150 23.34 -22.53 -12.09
N VAL I 151 23.35 -21.80 -13.20
CA VAL I 151 22.76 -20.47 -13.31
C VAL I 151 21.94 -20.41 -14.59
N GLY I 152 21.15 -19.34 -14.74
CA GLY I 152 20.38 -19.12 -15.95
C GLY I 152 21.09 -18.22 -16.95
N GLY I 153 20.50 -18.12 -18.15
CA GLY I 153 20.97 -17.17 -19.14
C GLY I 153 22.30 -17.51 -19.78
N ILE I 154 22.71 -18.78 -19.75
CA ILE I 154 24.03 -19.14 -20.25
C ILE I 154 24.20 -18.73 -21.71
N LYS I 155 23.19 -18.98 -22.54
CA LYS I 155 23.32 -18.62 -23.95
C LYS I 155 23.53 -17.12 -24.11
N GLU I 156 22.67 -16.32 -23.47
CA GLU I 156 22.76 -14.87 -23.60
C GLU I 156 24.08 -14.35 -23.02
N LYS I 157 24.50 -14.88 -21.86
CA LYS I 157 25.76 -14.43 -21.25
C LYS I 157 26.95 -14.78 -22.12
N THR I 158 26.93 -15.97 -22.72
CA THR I 158 28.07 -16.38 -23.55
C THR I 158 28.18 -15.48 -24.77
N ILE I 159 27.05 -15.16 -25.41
CA ILE I 159 27.07 -14.26 -26.55
C ILE I 159 27.61 -12.91 -26.14
N ALA I 160 27.18 -12.39 -24.99
CA ALA I 160 27.69 -11.10 -24.54
C ALA I 160 29.18 -11.18 -24.21
N ALA I 161 29.63 -12.28 -23.60
CA ALA I 161 31.06 -12.44 -23.31
C ALA I 161 31.88 -12.39 -24.60
N LYS I 162 31.45 -13.15 -25.61
CA LYS I 162 32.16 -13.17 -26.88
C LYS I 162 32.22 -11.79 -27.52
N ARG I 163 31.11 -11.05 -27.50
CA ARG I 163 31.10 -9.71 -28.09
C ARG I 163 32.06 -8.77 -27.35
N ALA I 164 32.28 -8.99 -26.07
CA ALA I 164 33.17 -8.12 -25.30
C ALA I 164 34.63 -8.54 -25.36
N GLY I 165 34.98 -9.48 -26.24
CA GLY I 165 36.36 -9.91 -26.35
C GLY I 165 36.83 -10.89 -25.30
N VAL I 166 35.92 -11.52 -24.57
CA VAL I 166 36.32 -12.58 -23.64
C VAL I 166 36.86 -13.75 -24.42
N THR I 167 38.01 -14.29 -24.00
CA THR I 167 38.55 -15.48 -24.64
C THR I 167 38.59 -16.68 -23.71
N CYS I 168 38.27 -16.51 -22.43
CA CYS I 168 38.24 -17.63 -21.49
C CYS I 168 37.01 -17.44 -20.61
N ILE I 169 36.12 -18.42 -20.59
CA ILE I 169 34.86 -18.28 -19.88
C ILE I 169 34.69 -19.48 -18.96
N VAL I 170 34.29 -19.21 -17.71
CA VAL I 170 34.15 -20.23 -16.68
C VAL I 170 32.67 -20.38 -16.34
N LEU I 171 32.16 -21.60 -16.42
CA LEU I 171 30.74 -21.88 -16.27
C LEU I 171 30.53 -23.09 -15.37
N PRO I 172 29.37 -23.18 -14.71
CA PRO I 172 29.06 -24.37 -13.93
C PRO I 172 28.92 -25.59 -14.84
N ALA I 173 29.43 -26.74 -14.36
CA ALA I 173 29.38 -27.97 -15.14
C ALA I 173 27.96 -28.33 -15.54
N GLU I 174 26.96 -28.02 -14.70
CA GLU I 174 25.59 -28.39 -15.06
C GLU I 174 24.99 -27.50 -16.14
N ASN I 175 25.68 -26.44 -16.57
CA ASN I 175 25.22 -25.61 -17.67
C ASN I 175 25.90 -25.97 -19.00
N LYS I 176 26.60 -27.10 -19.08
CA LYS I 176 27.36 -27.48 -20.31
C LYS I 176 26.42 -27.62 -21.52
N LYS I 177 25.28 -28.27 -21.34
CA LYS I 177 24.31 -28.46 -22.43
C LYS I 177 23.81 -27.12 -22.95
N ASP I 178 23.56 -26.16 -22.05
CA ASP I 178 23.16 -24.80 -22.48
C ASP I 178 24.23 -24.19 -23.38
N PHE I 179 25.50 -24.30 -22.99
CA PHE I 179 26.58 -23.72 -23.79
C PHE I 179 26.61 -24.31 -25.20
N TYR I 180 26.47 -25.62 -25.32
CA TYR I 180 26.57 -26.28 -26.62
C TYR I 180 25.26 -26.23 -27.40
N ASP I 181 24.23 -25.56 -26.88
CA ASP I 181 23.08 -25.19 -27.69
C ASP I 181 23.36 -24.00 -28.60
N LEU I 182 24.52 -23.38 -28.47
CA LEU I 182 24.88 -22.24 -29.30
C LEU I 182 25.50 -22.69 -30.61
N ALA I 183 25.34 -21.86 -31.65
CA ALA I 183 25.97 -22.14 -32.94
C ALA I 183 27.49 -22.21 -32.81
N ALA I 184 28.10 -23.02 -33.67
CA ALA I 184 29.55 -23.25 -33.60
C ALA I 184 30.36 -21.96 -33.75
N PHE I 185 29.90 -21.04 -34.61
CA PHE I 185 30.69 -19.83 -34.81
C PHE I 185 30.75 -18.97 -33.56
N ILE I 186 29.84 -19.17 -32.61
CA ILE I 186 29.88 -18.42 -31.35
C ILE I 186 30.88 -19.03 -30.39
N THR I 187 30.83 -20.36 -30.21
CA THR I 187 31.68 -21.01 -29.21
C THR I 187 33.11 -21.19 -29.70
N GLU I 188 33.33 -21.14 -31.00
CA GLU I 188 34.68 -21.27 -31.56
C GLU I 188 35.59 -20.14 -31.07
N GLY I 189 36.76 -20.52 -30.58
CA GLY I 189 37.71 -19.56 -30.04
C GLY I 189 37.47 -19.14 -28.62
N LEU I 190 36.47 -19.70 -27.94
CA LEU I 190 36.32 -19.54 -26.51
C LEU I 190 37.00 -20.72 -25.81
N GLU I 191 37.97 -20.43 -24.95
CA GLU I 191 38.43 -21.44 -24.02
C GLU I 191 37.40 -21.54 -22.89
N VAL I 192 36.67 -22.66 -22.83
CA VAL I 192 35.55 -22.82 -21.90
C VAL I 192 35.97 -23.83 -20.83
N HIS I 193 35.63 -23.53 -19.58
CA HIS I 193 35.89 -24.40 -18.44
C HIS I 193 34.60 -24.65 -17.69
N PHE I 194 34.27 -25.92 -17.47
CA PHE I 194 33.08 -26.34 -16.73
C PHE I 194 33.53 -26.83 -15.36
N VAL I 195 33.01 -26.23 -14.30
CA VAL I 195 33.55 -26.44 -12.97
C VAL I 195 32.46 -26.86 -12.01
N GLU I 196 32.87 -27.60 -10.97
CA GLU I 196 31.97 -27.97 -9.89
C GLU I 196 32.37 -27.41 -8.52
N HIS I 197 33.59 -26.93 -8.34
CA HIS I 197 34.07 -26.44 -7.06
C HIS I 197 34.87 -25.16 -7.27
N TYR I 198 34.82 -24.27 -6.28
CA TYR I 198 35.50 -23.00 -6.48
C TYR I 198 37.00 -23.20 -6.74
N ARG I 199 37.61 -24.22 -6.14
CA ARG I 199 39.04 -24.42 -6.32
C ARG I 199 39.43 -24.52 -7.80
N GLU I 200 38.57 -25.10 -8.63
CA GLU I 200 38.85 -25.18 -10.06
C GLU I 200 38.91 -23.79 -10.68
N ILE I 201 38.01 -22.90 -10.26
CA ILE I 201 38.01 -21.52 -10.76
C ILE I 201 39.30 -20.81 -10.33
N PHE I 202 39.68 -20.95 -9.06
CA PHE I 202 40.90 -20.33 -8.57
C PHE I 202 42.08 -20.67 -9.47
N ASP I 203 42.22 -21.95 -9.84
CA ASP I 203 43.35 -22.37 -10.65
C ASP I 203 43.30 -21.78 -12.05
N ILE I 204 42.09 -21.51 -12.56
CA ILE I 204 41.98 -20.87 -13.87
C ILE I 204 42.29 -19.38 -13.77
N ALA I 205 41.77 -18.72 -12.72
CA ALA I 205 41.89 -17.27 -12.63
C ALA I 205 43.30 -16.84 -12.23
N PHE I 206 44.02 -17.66 -11.46
CA PHE I 206 45.35 -17.32 -10.96
C PHE I 206 46.33 -18.42 -11.35
N PRO I 207 46.63 -18.55 -12.64
CA PRO I 207 47.53 -19.63 -13.09
C PRO I 207 48.95 -19.46 -12.58
N ASP I 208 49.65 -20.59 -12.49
CA ASP I 208 51.07 -20.60 -12.12
C ASP I 208 51.87 -19.62 -12.98
N GLU J 13 20.63 -37.71 -7.45
CA GLU J 13 19.68 -36.63 -7.73
C GLU J 13 19.55 -35.67 -6.55
N ARG J 14 20.70 -35.12 -6.12
CA ARG J 14 20.77 -34.20 -5.00
C ARG J 14 22.14 -33.51 -5.01
N MET J 15 22.23 -32.42 -4.24
CA MET J 15 23.40 -31.55 -4.30
C MET J 15 24.67 -32.17 -3.71
N TYR J 16 24.54 -32.93 -2.62
CA TYR J 16 25.67 -33.59 -1.97
C TYR J 16 25.53 -35.10 -2.09
N ASP J 17 26.58 -35.76 -2.56
CA ASP J 17 26.60 -37.22 -2.51
C ASP J 17 27.02 -37.71 -1.14
N VAL J 18 28.13 -37.19 -0.63
CA VAL J 18 28.60 -37.45 0.74
C VAL J 18 28.62 -36.12 1.47
N THR J 19 27.98 -36.07 2.65
CA THR J 19 27.95 -34.79 3.37
C THR J 19 29.17 -34.66 4.28
N PRO J 20 29.87 -33.52 4.26
CA PRO J 20 30.95 -33.28 5.22
C PRO J 20 30.37 -32.79 6.55
N PRO J 21 31.21 -32.54 7.55
CA PRO J 21 30.69 -32.03 8.81
C PRO J 21 29.96 -30.71 8.62
N GLY J 22 28.85 -30.54 9.34
CA GLY J 22 28.08 -29.32 9.25
C GLY J 22 27.06 -29.26 8.13
N VAL J 23 26.86 -30.34 7.36
CA VAL J 23 25.93 -30.38 6.25
C VAL J 23 24.92 -31.50 6.51
N VAL J 24 23.64 -31.18 6.39
CA VAL J 24 22.56 -32.13 6.69
C VAL J 24 21.48 -31.98 5.63
N MET J 25 20.91 -33.11 5.20
CA MET J 25 19.83 -33.08 4.22
C MET J 25 18.48 -32.86 4.90
N GLY J 26 17.76 -31.84 4.45
CA GLY J 26 16.38 -31.59 4.84
C GLY J 26 15.41 -31.85 3.69
N LEU J 27 14.14 -31.60 3.97
CA LEU J 27 13.04 -31.94 3.08
C LEU J 27 12.04 -30.79 3.03
N ALA J 28 11.56 -30.44 1.84
CA ALA J 28 10.66 -29.31 1.67
C ALA J 28 9.51 -29.72 0.76
N TRP J 29 8.48 -28.89 0.68
CA TRP J 29 7.44 -29.14 -0.30
C TRP J 29 6.74 -27.85 -0.70
N THR J 30 6.07 -27.94 -1.85
CA THR J 30 5.14 -26.96 -2.39
C THR J 30 3.91 -27.71 -2.90
N ALA J 31 2.99 -26.97 -3.50
CA ALA J 31 1.78 -27.57 -4.11
C ALA J 31 2.17 -28.49 -5.27
N MET J 32 3.37 -28.33 -5.83
CA MET J 32 3.84 -29.15 -6.97
C MET J 32 4.51 -30.46 -6.54
N GLY J 33 4.83 -30.61 -5.25
CA GLY J 33 5.52 -31.81 -4.78
C GLY J 33 6.66 -31.54 -3.81
N GLY J 34 7.36 -32.60 -3.42
CA GLY J 34 8.42 -32.45 -2.46
C GLY J 34 9.77 -32.29 -3.14
N SER J 35 10.75 -31.90 -2.33
CA SER J 35 12.12 -31.79 -2.80
C SER J 35 13.06 -31.94 -1.61
N THR J 36 14.31 -32.29 -1.91
CA THR J 36 15.35 -32.31 -0.89
C THR J 36 16.14 -31.01 -0.95
N LEU J 37 16.77 -30.67 0.17
CA LEU J 37 17.72 -29.56 0.18
C LEU J 37 18.73 -29.82 1.28
N PHE J 38 19.78 -29.01 1.30
CA PHE J 38 20.85 -29.18 2.26
C PHE J 38 21.01 -27.90 3.08
N VAL J 39 21.11 -28.08 4.38
CA VAL J 39 21.54 -27.02 5.28
C VAL J 39 23.07 -27.08 5.34
N GLU J 40 23.73 -25.96 5.04
CA GLU J 40 25.18 -25.84 5.13
C GLU J 40 25.53 -24.93 6.29
N THR J 41 26.60 -25.27 7.01
CA THR J 41 27.12 -24.41 8.05
C THR J 41 28.64 -24.41 7.97
N SER J 42 29.22 -23.30 8.41
CA SER J 42 30.67 -23.15 8.50
C SER J 42 30.95 -22.14 9.60
N LEU J 43 32.17 -22.16 10.12
CA LEU J 43 32.46 -21.33 11.28
C LEU J 43 33.90 -20.85 11.22
N ARG J 44 34.16 -19.75 11.92
CA ARG J 44 35.50 -19.15 11.97
C ARG J 44 35.89 -18.91 13.43
N ARG J 45 37.01 -19.49 13.83
CA ARG J 45 37.65 -19.25 15.13
C ARG J 45 37.98 -17.76 15.30
N ASP J 56 31.44 -14.17 23.06
CA ASP J 56 30.16 -14.81 22.72
C ASP J 56 30.00 -14.96 21.21
N GLY J 57 29.51 -16.13 20.80
CA GLY J 57 29.41 -16.44 19.39
C GLY J 57 28.27 -15.69 18.72
N SER J 58 28.05 -16.06 17.45
CA SER J 58 26.97 -15.49 16.67
C SER J 58 26.58 -16.47 15.57
N LEU J 59 25.36 -16.30 15.06
CA LEU J 59 24.83 -17.08 13.96
C LEU J 59 24.32 -16.11 12.91
N GLU J 60 24.88 -16.20 11.70
CA GLU J 60 24.40 -15.44 10.55
C GLU J 60 23.73 -16.44 9.60
N VAL J 61 22.55 -16.11 9.08
CA VAL J 61 21.80 -17.05 8.23
C VAL J 61 21.51 -16.41 6.88
N THR J 62 21.63 -17.20 5.82
CA THR J 62 21.29 -16.77 4.48
C THR J 62 20.54 -17.90 3.77
N GLY J 63 19.96 -17.55 2.62
CA GLY J 63 19.23 -18.51 1.82
C GLY J 63 17.79 -18.10 1.54
N GLN J 64 17.51 -16.79 1.66
CA GLN J 64 16.17 -16.25 1.44
C GLN J 64 15.13 -16.92 2.35
N LEU J 65 15.45 -16.97 3.63
CA LEU J 65 14.61 -17.61 4.64
C LEU J 65 13.55 -16.63 5.13
N GLY J 66 12.30 -17.09 5.23
CA GLY J 66 11.26 -16.28 5.80
C GLY J 66 11.37 -16.18 7.32
N GLU J 67 10.51 -15.34 7.88
CA GLU J 67 10.57 -15.02 9.30
C GLU J 67 10.38 -16.25 10.18
N VAL J 68 9.41 -17.11 9.83
CA VAL J 68 9.20 -18.31 10.64
C VAL J 68 10.45 -19.19 10.62
N MET J 69 11.09 -19.32 9.45
CA MET J 69 12.30 -20.12 9.37
C MET J 69 13.47 -19.47 10.11
N LYS J 70 13.57 -18.13 10.06
CA LYS J 70 14.63 -17.49 10.83
C LYS J 70 14.46 -17.74 12.32
N GLU J 71 13.21 -17.70 12.81
CA GLU J 71 12.96 -17.98 14.22
C GLU J 71 13.33 -19.41 14.55
N SER J 72 13.03 -20.35 13.65
CA SER J 72 13.38 -21.74 13.90
C SER J 72 14.89 -21.91 13.99
N ALA J 73 15.65 -21.15 13.19
CA ALA J 73 17.11 -21.20 13.28
C ALA J 73 17.58 -20.68 14.64
N ARG J 74 16.94 -19.62 15.15
CA ARG J 74 17.33 -19.08 16.46
CA ARG J 74 17.33 -19.08 16.46
C ARG J 74 16.97 -20.06 17.58
N ILE J 75 15.81 -20.71 17.48
CA ILE J 75 15.47 -21.74 18.44
C ILE J 75 16.46 -22.90 18.34
N ALA J 76 16.77 -23.32 17.11
CA ALA J 76 17.71 -24.43 16.93
C ALA J 76 19.07 -24.09 17.53
N TYR J 77 19.51 -22.84 17.34
CA TYR J 77 20.80 -22.39 17.85
C TYR J 77 20.84 -22.42 19.38
N THR J 78 19.80 -21.87 20.02
CA THR J 78 19.71 -21.89 21.48
C THR J 78 19.72 -23.31 22.03
N PHE J 79 18.92 -24.20 21.42
CA PHE J 79 18.84 -25.56 21.94
C PHE J 79 20.14 -26.31 21.70
N ALA J 80 20.75 -26.13 20.51
CA ALA J 80 22.00 -26.81 20.21
C ALA J 80 23.09 -26.42 21.19
N ARG J 81 23.18 -25.12 21.53
CA ARG J 81 24.13 -24.71 22.55
C ARG J 81 23.88 -25.44 23.86
N ALA J 82 22.61 -25.51 24.29
CA ALA J 82 22.30 -26.17 25.55
C ALA J 82 22.54 -27.67 25.45
N PHE J 83 22.17 -28.28 24.33
CA PHE J 83 22.37 -29.72 24.16
C PHE J 83 23.87 -30.06 24.18
N LEU J 84 24.67 -29.29 23.45
CA LEU J 84 26.10 -29.58 23.41
C LEU J 84 26.75 -29.37 24.76
N MET J 85 26.25 -28.40 25.53
CA MET J 85 26.80 -28.16 26.86
C MET J 85 26.59 -29.38 27.76
N GLN J 86 25.45 -30.08 27.62
CA GLN J 86 25.23 -31.30 28.40
C GLN J 86 26.07 -32.46 27.87
N HIS J 87 26.12 -32.63 26.55
CA HIS J 87 26.75 -33.81 25.97
C HIS J 87 28.28 -33.68 25.92
N ALA J 88 28.80 -32.48 25.71
CA ALA J 88 30.24 -32.27 25.55
C ALA J 88 30.62 -30.93 26.16
N PRO J 89 30.61 -30.83 27.49
CA PRO J 89 30.84 -29.53 28.14
C PRO J 89 32.17 -28.89 27.77
N ALA J 90 33.16 -29.66 27.35
CA ALA J 90 34.44 -29.09 26.97
C ALA J 90 34.42 -28.47 25.58
N ASN J 91 33.36 -28.69 24.81
CA ASN J 91 33.29 -28.19 23.44
C ASN J 91 32.65 -26.81 23.46
N ASP J 92 33.43 -25.79 23.18
CA ASP J 92 32.95 -24.41 23.22
C ASP J 92 32.67 -23.83 21.83
N TYR J 93 32.62 -24.67 20.79
CA TYR J 93 32.53 -24.13 19.43
C TYR J 93 31.26 -23.34 19.23
N LEU J 94 30.14 -23.79 19.80
CA LEU J 94 28.83 -23.10 19.54
C LEU J 94 28.69 -21.81 20.38
N VAL J 95 29.55 -21.60 21.37
CA VAL J 95 29.39 -20.41 22.27
C VAL J 95 30.43 -19.35 21.92
N THR J 96 31.47 -19.70 21.17
CA THR J 96 32.56 -18.74 20.91
C THR J 96 32.72 -18.45 19.42
N SER J 97 32.20 -19.31 18.55
CA SER J 97 32.49 -19.16 17.13
C SER J 97 31.46 -18.27 16.46
N HIS J 98 31.90 -17.63 15.37
CA HIS J 98 31.00 -16.92 14.48
C HIS J 98 30.59 -17.91 13.40
N ILE J 99 29.33 -18.32 13.44
CA ILE J 99 28.86 -19.41 12.59
C ILE J 99 27.99 -18.82 11.48
N HIS J 100 28.14 -19.37 10.28
CA HIS J 100 27.28 -19.02 9.15
CA HIS J 100 27.28 -19.01 9.16
C HIS J 100 26.47 -20.25 8.76
N LEU J 101 25.17 -20.05 8.58
CA LEU J 101 24.26 -21.08 8.11
C LEU J 101 23.65 -20.60 6.80
N HIS J 102 23.64 -21.47 5.80
CA HIS J 102 23.14 -21.13 4.49
C HIS J 102 22.31 -22.29 3.97
N VAL J 103 21.21 -22.00 3.28
CA VAL J 103 20.39 -23.03 2.66
C VAL J 103 20.29 -22.74 1.16
N PRO J 104 21.13 -23.36 0.34
CA PRO J 104 20.99 -23.21 -1.11
C PRO J 104 19.75 -23.94 -1.61
N GLU J 105 19.30 -23.61 -2.81
CA GLU J 105 19.89 -22.60 -3.71
C GLU J 105 19.55 -21.17 -3.28
N GLY J 106 20.47 -20.24 -3.59
CA GLY J 106 20.42 -18.91 -2.99
C GLY J 106 19.21 -18.08 -3.36
N ALA J 107 18.71 -18.24 -4.59
CA ALA J 107 17.61 -17.41 -5.08
C ALA J 107 16.21 -17.92 -4.68
N THR J 108 16.11 -19.15 -4.15
CA THR J 108 14.79 -19.75 -3.90
C THR J 108 14.25 -19.37 -2.53
N PRO J 109 13.07 -18.74 -2.45
CA PRO J 109 12.49 -18.41 -1.14
C PRO J 109 12.16 -19.68 -0.36
N LYS J 110 12.39 -19.63 0.96
CA LYS J 110 12.15 -20.76 1.84
C LYS J 110 11.52 -20.26 3.12
N ASP J 111 10.65 -21.08 3.73
CA ASP J 111 10.01 -20.68 4.98
C ASP J 111 9.48 -21.94 5.66
N GLY J 112 9.03 -21.76 6.92
CA GLY J 112 8.47 -22.85 7.67
C GLY J 112 9.38 -23.30 8.81
N PRO J 113 8.82 -24.00 9.79
CA PRO J 113 9.59 -24.43 10.97
C PRO J 113 10.16 -25.85 10.90
N SER J 114 9.92 -26.58 9.82
CA SER J 114 10.16 -28.03 9.81
C SER J 114 11.62 -28.41 9.61
N ALA J 115 12.51 -27.44 9.42
CA ALA J 115 13.95 -27.72 9.36
C ALA J 115 14.63 -27.48 10.71
N GLY J 116 13.87 -27.26 11.76
CA GLY J 116 14.46 -27.09 13.08
C GLY J 116 15.41 -28.20 13.50
N CYS J 117 14.94 -29.46 13.53
CA CYS J 117 15.84 -30.59 13.77
C CYS J 117 17.05 -30.58 12.84
N THR J 118 16.83 -30.34 11.55
CA THR J 118 17.92 -30.30 10.58
C THR J 118 19.00 -29.28 10.97
N ILE J 119 18.57 -28.10 11.42
CA ILE J 119 19.52 -27.03 11.78
C ILE J 119 20.27 -27.38 13.06
N VAL J 120 19.56 -27.91 14.08
CA VAL J 120 20.24 -28.40 15.28
C VAL J 120 21.31 -29.41 14.88
N THR J 121 20.95 -30.36 14.03
CA THR J 121 21.88 -31.42 13.66
C THR J 121 23.09 -30.84 12.93
N ALA J 122 22.85 -29.89 12.01
CA ALA J 122 23.97 -29.30 11.29
C ALA J 122 24.93 -28.57 12.22
N LEU J 123 24.39 -27.82 13.18
CA LEU J 123 25.25 -27.09 14.12
C LEU J 123 26.06 -28.05 14.99
N LEU J 124 25.43 -29.11 15.49
CA LEU J 124 26.17 -30.07 16.29
C LEU J 124 27.21 -30.81 15.45
N SER J 125 26.82 -31.22 14.24
CA SER J 125 27.77 -31.85 13.33
C SER J 125 29.00 -30.97 13.11
N LEU J 126 28.79 -29.69 12.82
CA LEU J 126 29.90 -28.76 12.64
C LEU J 126 30.72 -28.64 13.92
N ALA J 127 30.07 -28.48 15.05
CA ALA J 127 30.79 -28.27 16.33
C ALA J 127 31.64 -29.50 16.70
N MET J 128 31.16 -30.70 16.38
CA MET J 128 31.86 -31.95 16.77
C MET J 128 32.81 -32.41 15.66
N GLY J 129 32.87 -31.68 14.55
CA GLY J 129 33.71 -32.05 13.40
C GLY J 129 33.35 -33.42 12.88
N ARG J 130 32.11 -33.83 13.06
CA ARG J 130 31.72 -35.21 12.68
C ARG J 130 30.56 -35.17 11.69
N PRO J 131 30.68 -35.86 10.54
CA PRO J 131 29.59 -35.93 9.61
C PRO J 131 28.40 -36.75 10.10
N VAL J 132 27.20 -36.38 9.64
CA VAL J 132 26.01 -37.16 9.87
C VAL J 132 26.03 -38.44 9.04
N ARG J 133 25.29 -39.44 9.50
CA ARG J 133 25.07 -40.66 8.73
C ARG J 133 24.73 -40.33 7.28
N GLN J 134 25.33 -41.06 6.35
CA GLN J 134 25.11 -40.78 4.93
C GLN J 134 23.75 -41.29 4.48
N ASN J 135 23.19 -40.64 3.46
CA ASN J 135 21.89 -41.03 2.90
C ASN J 135 20.78 -40.90 3.93
N LEU J 136 20.91 -39.94 4.83
CA LEU J 136 19.91 -39.65 5.84
C LEU J 136 19.23 -38.32 5.54
N ALA J 137 17.92 -38.26 5.75
CA ALA J 137 17.18 -37.01 5.68
C ALA J 137 16.24 -36.94 6.87
N MET J 138 15.86 -35.71 7.22
CA MET J 138 15.00 -35.52 8.38
C MET J 138 14.13 -34.29 8.13
N THR J 139 12.99 -34.27 8.83
CA THR J 139 12.10 -33.14 8.89
C THR J 139 11.40 -33.19 10.24
N GLY J 140 11.23 -32.04 10.87
CA GLY J 140 10.62 -32.02 12.21
C GLY J 140 10.89 -30.70 12.92
N GLU J 141 9.82 -30.00 13.29
CA GLU J 141 9.96 -28.71 14.01
C GLU J 141 10.59 -28.99 15.38
N VAL J 142 11.52 -28.12 15.82
CA VAL J 142 12.20 -28.32 17.13
C VAL J 142 11.67 -27.27 18.13
N SER J 143 11.26 -27.71 19.32
CA SER J 143 10.82 -26.77 20.37
C SER J 143 12.04 -26.21 21.09
N LEU J 144 11.84 -25.22 21.97
CA LEU J 144 12.98 -24.66 22.75
C LEU J 144 13.56 -25.78 23.62
N THR J 145 12.71 -26.66 24.15
CA THR J 145 13.18 -27.79 24.98
C THR J 145 13.58 -28.97 24.09
N GLY J 146 13.44 -28.84 22.77
CA GLY J 146 13.88 -29.89 21.84
C GLY J 146 12.81 -30.93 21.52
N LYS J 147 11.58 -30.73 22.01
CA LYS J 147 10.48 -31.66 21.64
C LYS J 147 10.24 -31.55 20.13
N ILE J 148 10.00 -32.68 19.46
CA ILE J 148 9.77 -32.68 17.99
C ILE J 148 8.28 -32.58 17.73
N LEU J 149 7.86 -31.64 16.88
CA LEU J 149 6.40 -31.40 16.66
C LEU J 149 6.02 -31.82 15.24
N PRO J 150 4.78 -32.32 15.00
CA PRO J 150 4.38 -32.81 13.68
C PRO J 150 4.41 -31.73 12.59
N VAL J 151 4.83 -32.10 11.37
CA VAL J 151 4.96 -31.12 10.26
C VAL J 151 4.03 -31.52 9.12
N GLY J 152 3.92 -30.67 8.08
CA GLY J 152 3.09 -30.98 6.94
C GLY J 152 3.90 -31.58 5.79
N GLY J 153 3.18 -32.04 4.76
CA GLY J 153 3.82 -32.50 3.54
C GLY J 153 4.59 -33.80 3.66
N ILE J 154 4.29 -34.64 4.66
CA ILE J 154 5.07 -35.85 4.91
C ILE J 154 5.05 -36.76 3.68
N LYS J 155 3.88 -36.92 3.04
CA LYS J 155 3.81 -37.78 1.87
C LYS J 155 4.73 -37.27 0.76
N GLU J 156 4.64 -35.97 0.45
CA GLU J 156 5.45 -35.40 -0.63
C GLU J 156 6.94 -35.43 -0.29
N LYS J 157 7.30 -35.09 0.96
CA LYS J 157 8.70 -35.11 1.38
C LYS J 157 9.27 -36.52 1.33
N THR J 158 8.48 -37.51 1.74
CA THR J 158 8.99 -38.89 1.74
C THR J 158 9.26 -39.36 0.32
N ILE J 159 8.36 -39.04 -0.61
CA ILE J 159 8.57 -39.40 -2.01
C ILE J 159 9.85 -38.75 -2.53
N ALA J 160 10.06 -37.48 -2.20
CA ALA J 160 11.28 -36.80 -2.65
C ALA J 160 12.51 -37.43 -2.04
N ALA J 161 12.46 -37.77 -0.75
CA ALA J 161 13.59 -38.44 -0.13
C ALA J 161 13.90 -39.76 -0.84
N LYS J 162 12.87 -40.59 -1.07
CA LYS J 162 13.09 -41.87 -1.75
C LYS J 162 13.68 -41.66 -3.14
N ARG J 163 13.14 -40.70 -3.88
CA ARG J 163 13.63 -40.44 -5.23
C ARG J 163 15.10 -40.01 -5.21
N ALA J 164 15.56 -39.35 -4.15
CA ALA J 164 16.93 -38.89 -4.04
C ALA J 164 17.89 -39.94 -3.45
N GLY J 165 17.43 -41.17 -3.24
CA GLY J 165 18.29 -42.21 -2.69
C GLY J 165 18.46 -42.20 -1.18
N VAL J 166 17.59 -41.50 -0.45
CA VAL J 166 17.62 -41.59 1.01
C VAL J 166 17.24 -43.00 1.45
N THR J 167 18.01 -43.56 2.39
CA THR J 167 17.71 -44.86 2.94
C THR J 167 17.33 -44.81 4.42
N CYS J 168 17.50 -43.67 5.08
CA CYS J 168 17.10 -43.53 6.47
C CYS J 168 16.43 -42.18 6.64
N ILE J 169 15.20 -42.18 7.15
CA ILE J 169 14.40 -40.95 7.24
C ILE J 169 13.86 -40.83 8.66
N VAL J 170 13.98 -39.63 9.22
CA VAL J 170 13.61 -39.31 10.60
C VAL J 170 12.43 -38.36 10.57
N LEU J 171 11.35 -38.73 11.25
CA LEU J 171 10.09 -38.01 11.16
C LEU J 171 9.49 -37.84 12.54
N PRO J 172 8.68 -36.81 12.73
CA PRO J 172 7.98 -36.69 14.01
C PRO J 172 7.03 -37.87 14.22
N ALA J 173 6.97 -38.36 15.46
CA ALA J 173 6.10 -39.49 15.77
C ALA J 173 4.64 -39.22 15.40
N GLU J 174 4.17 -37.98 15.53
CA GLU J 174 2.77 -37.73 15.21
C GLU J 174 2.47 -37.72 13.71
N ASN J 175 3.48 -37.85 12.85
CA ASN J 175 3.27 -37.97 11.41
C ASN J 175 3.30 -39.43 10.95
N LYS J 176 3.25 -40.38 11.89
CA LYS J 176 3.32 -41.79 11.52
C LYS J 176 2.20 -42.17 10.57
N LYS J 177 0.98 -41.70 10.85
CA LYS J 177 -0.15 -42.06 10.00
C LYS J 177 0.03 -41.55 8.58
N ASP J 178 0.58 -40.33 8.42
CA ASP J 178 0.82 -39.79 7.06
C ASP J 178 1.79 -40.66 6.28
N PHE J 179 2.87 -41.10 6.93
CA PHE J 179 3.87 -41.93 6.27
C PHE J 179 3.24 -43.22 5.75
N TYR J 180 2.40 -43.87 6.54
CA TYR J 180 1.82 -45.12 6.10
C TYR J 180 0.58 -44.93 5.25
N ASP J 181 0.21 -43.70 4.92
CA ASP J 181 -0.76 -43.47 3.85
C ASP J 181 -0.13 -43.64 2.47
N LEU J 182 1.18 -43.82 2.38
CA LEU J 182 1.89 -44.01 1.12
C LEU J 182 1.87 -45.49 0.70
N ALA J 183 1.96 -45.71 -0.62
CA ALA J 183 2.04 -47.07 -1.16
C ALA J 183 3.27 -47.81 -0.64
N ALA J 184 3.15 -49.13 -0.54
CA ALA J 184 4.23 -49.96 -0.01
C ALA J 184 5.50 -49.82 -0.85
N PHE J 185 5.38 -49.68 -2.17
CA PHE J 185 6.61 -49.60 -2.96
C PHE J 185 7.40 -48.34 -2.65
N ILE J 186 6.76 -47.32 -2.08
CA ILE J 186 7.49 -46.12 -1.70
C ILE J 186 8.18 -46.30 -0.34
N THR J 187 7.44 -46.81 0.66
CA THR J 187 8.01 -46.88 2.01
C THR J 187 8.93 -48.07 2.21
N GLU J 188 8.78 -49.13 1.42
CA GLU J 188 9.68 -50.28 1.53
C GLU J 188 11.12 -49.90 1.19
N GLY J 189 12.05 -50.36 2.00
CA GLY J 189 13.46 -50.02 1.86
C GLY J 189 13.87 -48.72 2.51
N LEU J 190 12.95 -48.01 3.16
CA LEU J 190 13.29 -46.88 4.01
C LEU J 190 13.36 -47.32 5.47
N GLU J 191 14.52 -47.14 6.08
CA GLU J 191 14.61 -47.24 7.53
C GLU J 191 14.04 -45.95 8.11
N VAL J 192 12.88 -46.02 8.74
CA VAL J 192 12.16 -44.84 9.20
C VAL J 192 12.19 -44.81 10.72
N HIS J 193 12.41 -43.62 11.27
CA HIS J 193 12.43 -43.42 12.71
C HIS J 193 11.43 -42.33 13.07
N PHE J 194 10.52 -42.64 13.98
CA PHE J 194 9.54 -41.69 14.46
C PHE J 194 9.98 -41.23 15.84
N VAL J 195 10.20 -39.92 15.99
CA VAL J 195 10.85 -39.41 17.18
C VAL J 195 9.96 -38.37 17.84
N GLU J 196 10.16 -38.22 19.14
CA GLU J 196 9.48 -37.19 19.94
C GLU J 196 10.44 -36.19 20.56
N HIS J 197 11.73 -36.49 20.66
CA HIS J 197 12.70 -35.61 21.30
C HIS J 197 13.96 -35.56 20.46
N TYR J 198 14.65 -34.41 20.47
CA TYR J 198 15.84 -34.28 19.64
C TYR J 198 16.88 -35.32 19.99
N ARG J 199 16.97 -35.71 21.26
CA ARG J 199 18.00 -36.67 21.64
C ARG J 199 17.89 -37.95 20.84
N GLU J 200 16.67 -38.38 20.50
CA GLU J 200 16.51 -39.55 19.64
C GLU J 200 17.10 -39.30 18.25
N ILE J 201 16.92 -38.08 17.71
CA ILE J 201 17.49 -37.77 16.41
C ILE J 201 19.01 -37.81 16.48
N PHE J 202 19.58 -37.19 17.52
CA PHE J 202 21.03 -37.20 17.72
C PHE J 202 21.59 -38.62 17.64
N ASP J 203 20.92 -39.57 18.31
CA ASP J 203 21.42 -40.95 18.33
C ASP J 203 21.36 -41.60 16.95
N ILE J 204 20.39 -41.20 16.14
CA ILE J 204 20.30 -41.72 14.77
C ILE J 204 21.33 -41.08 13.86
N ALA J 205 21.52 -39.75 13.97
CA ALA J 205 22.40 -39.04 13.04
C ALA J 205 23.87 -39.30 13.31
N PHE J 206 24.25 -39.54 14.57
CA PHE J 206 25.64 -39.74 14.98
C PHE J 206 25.74 -41.06 15.73
N PRO J 207 25.60 -42.19 15.04
CA PRO J 207 25.64 -43.47 15.73
C PRO J 207 27.03 -43.73 16.30
N ASP J 208 27.05 -44.39 17.46
CA ASP J 208 28.31 -44.77 18.13
C ASP J 208 29.26 -43.58 18.28
N GLU K 13 15.19 3.37 -40.76
CA GLU K 13 15.42 2.80 -39.42
C GLU K 13 14.20 3.07 -38.53
N ARG K 14 13.07 2.49 -38.92
CA ARG K 14 11.80 2.74 -38.25
C ARG K 14 10.79 1.71 -38.73
N MET K 15 9.65 1.66 -38.01
CA MET K 15 8.68 0.59 -38.22
C MET K 15 7.98 0.70 -39.58
N TYR K 16 7.65 1.91 -40.02
CA TYR K 16 7.02 2.13 -41.32
C TYR K 16 7.98 2.90 -42.22
N ASP K 17 8.21 2.39 -43.42
CA ASP K 17 8.91 3.21 -44.40
C ASP K 17 7.95 4.17 -45.08
N VAL K 18 6.81 3.66 -45.54
CA VAL K 18 5.74 4.46 -46.12
C VAL K 18 4.52 4.33 -45.22
N THR K 19 3.96 5.49 -44.78
CA THR K 19 2.82 5.35 -43.88
C THR K 19 1.53 5.26 -44.70
N PRO K 20 0.65 4.32 -44.40
CA PRO K 20 -0.67 4.29 -45.04
C PRO K 20 -1.62 5.26 -44.36
N PRO K 21 -2.86 5.36 -44.83
CA PRO K 21 -3.83 6.24 -44.14
C PRO K 21 -4.01 5.81 -42.68
N GLY K 22 -4.12 6.80 -41.80
CA GLY K 22 -4.33 6.52 -40.38
C GLY K 22 -3.08 6.27 -39.55
N VAL K 23 -1.88 6.39 -40.12
CA VAL K 23 -0.62 6.12 -39.44
C VAL K 23 0.24 7.39 -39.50
N VAL K 24 0.74 7.83 -38.35
CA VAL K 24 1.51 9.07 -38.27
C VAL K 24 2.69 8.86 -37.33
N MET K 25 3.85 9.40 -37.70
CA MET K 25 5.04 9.26 -36.87
C MET K 25 5.07 10.34 -35.80
N GLY K 26 5.16 9.93 -34.54
CA GLY K 26 5.40 10.82 -33.43
C GLY K 26 6.79 10.59 -32.82
N LEU K 27 7.03 11.31 -31.73
CA LEU K 27 8.34 11.38 -31.10
C LEU K 27 8.18 11.30 -29.60
N ALA K 28 9.08 10.55 -28.96
CA ALA K 28 9.06 10.31 -27.53
C ALA K 28 10.47 10.47 -26.98
N TRP K 29 10.58 10.55 -25.65
CA TRP K 29 11.90 10.56 -25.04
C TRP K 29 11.85 9.96 -23.64
N THR K 30 13.02 9.57 -23.18
CA THR K 30 13.31 9.18 -21.80
C THR K 30 14.61 9.84 -21.39
N ALA K 31 15.03 9.57 -20.16
CA ALA K 31 16.34 10.03 -19.70
C ALA K 31 17.48 9.50 -20.58
N MET K 32 17.25 8.44 -21.35
CA MET K 32 18.32 7.87 -22.15
C MET K 32 18.37 8.44 -23.57
N GLY K 33 17.34 9.16 -24.01
CA GLY K 33 17.38 9.77 -25.32
C GLY K 33 16.01 9.71 -25.96
N GLY K 34 15.96 10.14 -27.22
CA GLY K 34 14.70 10.17 -27.94
C GLY K 34 14.48 8.93 -28.76
N SER K 35 13.25 8.78 -29.24
CA SER K 35 12.91 7.69 -30.15
C SER K 35 11.72 8.14 -30.99
N THR K 36 11.54 7.45 -32.11
CA THR K 36 10.34 7.64 -32.92
C THR K 36 9.36 6.53 -32.59
N LEU K 37 8.09 6.81 -32.86
CA LEU K 37 7.07 5.77 -32.78
C LEU K 37 5.94 6.16 -33.72
N PHE K 38 5.02 5.23 -33.94
CA PHE K 38 3.94 5.43 -34.88
C PHE K 38 2.62 5.28 -34.15
N VAL K 39 1.72 6.21 -34.39
CA VAL K 39 0.33 6.04 -33.98
C VAL K 39 -0.41 5.34 -35.13
N GLU K 40 -1.06 4.22 -34.81
CA GLU K 40 -1.88 3.48 -35.77
C GLU K 40 -3.36 3.65 -35.45
N THR K 41 -4.19 3.77 -36.48
CA THR K 41 -5.64 3.77 -36.28
C THR K 41 -6.30 2.90 -37.37
N SER K 42 -7.47 2.36 -37.05
CA SER K 42 -8.26 1.59 -38.02
C SER K 42 -9.72 1.62 -37.57
N LEU K 43 -10.61 1.39 -38.53
CA LEU K 43 -12.04 1.57 -38.24
C LEU K 43 -12.95 0.56 -38.93
N ARG K 44 -14.12 0.36 -38.33
CA ARG K 44 -15.16 -0.50 -38.93
C ARG K 44 -16.44 0.32 -38.94
N ARG K 45 -17.17 0.32 -40.05
CA ARG K 45 -18.46 1.06 -40.16
C ARG K 45 -19.61 0.20 -39.66
N ASP K 56 -23.85 6.61 -32.90
CA ASP K 56 -22.68 7.10 -32.19
C ASP K 56 -21.47 6.21 -32.46
N GLY K 57 -20.30 6.83 -32.54
CA GLY K 57 -19.05 6.13 -32.72
C GLY K 57 -18.32 5.91 -31.42
N SER K 58 -17.11 5.38 -31.52
CA SER K 58 -16.32 5.16 -30.32
C SER K 58 -14.85 5.13 -30.68
N LEU K 59 -14.02 5.29 -29.65
CA LEU K 59 -12.57 5.21 -29.77
C LEU K 59 -12.06 4.26 -28.70
N GLU K 60 -11.41 3.20 -29.12
CA GLU K 60 -10.73 2.29 -28.22
C GLU K 60 -9.23 2.49 -28.43
N VAL K 61 -8.46 2.59 -27.34
CA VAL K 61 -7.03 2.87 -27.41
C VAL K 61 -6.27 1.76 -26.72
N THR K 62 -5.14 1.34 -27.32
CA THR K 62 -4.26 0.35 -26.72
C THR K 62 -2.82 0.81 -26.90
N GLY K 63 -1.90 0.12 -26.23
CA GLY K 63 -0.50 0.47 -26.31
C GLY K 63 0.15 0.79 -24.98
N GLN K 64 -0.46 0.34 -23.88
CA GLN K 64 0.04 0.61 -22.53
C GLN K 64 0.17 2.11 -22.27
N LEU K 65 -0.91 2.84 -22.56
CA LEU K 65 -0.93 4.29 -22.42
C LEU K 65 -1.29 4.68 -20.99
N GLY K 66 -0.55 5.65 -20.44
CA GLY K 66 -0.89 6.20 -19.14
C GLY K 66 -2.09 7.13 -19.22
N GLU K 67 -2.54 7.58 -18.04
CA GLU K 67 -3.78 8.37 -17.96
C GLU K 67 -3.67 9.68 -18.72
N VAL K 68 -2.54 10.38 -18.59
CA VAL K 68 -2.41 11.66 -19.29
C VAL K 68 -2.49 11.45 -20.79
N MET K 69 -1.88 10.38 -21.28
CA MET K 69 -1.96 10.08 -22.72
C MET K 69 -3.36 9.65 -23.14
N LYS K 70 -4.07 8.87 -22.29
CA LYS K 70 -5.46 8.53 -22.60
C LYS K 70 -6.34 9.79 -22.68
N GLU K 71 -6.13 10.74 -21.77
CA GLU K 71 -6.89 11.99 -21.84
C GLU K 71 -6.56 12.76 -23.11
N SER K 72 -5.28 12.77 -23.49
CA SER K 72 -4.94 13.48 -24.71
C SER K 72 -5.58 12.82 -25.93
N ALA K 73 -5.72 11.49 -25.91
CA ALA K 73 -6.45 10.81 -26.99
C ALA K 73 -7.91 11.24 -27.02
N ARG K 74 -8.54 11.41 -25.85
CA ARG K 74 -9.93 11.84 -25.82
CA ARG K 74 -9.93 11.83 -25.84
C ARG K 74 -10.07 13.26 -26.32
N ILE K 75 -9.15 14.14 -25.92
CA ILE K 75 -9.15 15.51 -26.39
C ILE K 75 -8.96 15.55 -27.90
N ALA K 76 -7.98 14.80 -28.42
CA ALA K 76 -7.71 14.79 -29.86
C ALA K 76 -8.91 14.29 -30.63
N TYR K 77 -9.61 13.28 -30.10
CA TYR K 77 -10.77 12.72 -30.76
C TYR K 77 -11.91 13.73 -30.84
N THR K 78 -12.18 14.42 -29.73
CA THR K 78 -13.21 15.46 -29.71
C THR K 78 -12.87 16.57 -30.68
N PHE K 79 -11.60 17.02 -30.67
CA PHE K 79 -11.21 18.11 -31.57
C PHE K 79 -11.22 17.65 -33.03
N ALA K 80 -10.73 16.44 -33.31
CA ALA K 80 -10.72 15.97 -34.68
C ALA K 80 -12.15 15.91 -35.24
N ARG K 81 -13.10 15.46 -34.41
CA ARG K 81 -14.51 15.42 -34.81
C ARG K 81 -15.00 16.81 -35.19
N ALA K 82 -14.69 17.82 -34.35
CA ALA K 82 -15.11 19.18 -34.64
C ALA K 82 -14.40 19.74 -35.88
N PHE K 83 -13.10 19.44 -36.02
CA PHE K 83 -12.34 19.97 -37.15
C PHE K 83 -12.86 19.42 -38.47
N LEU K 84 -13.11 18.11 -38.52
CA LEU K 84 -13.63 17.52 -39.75
C LEU K 84 -15.03 17.99 -40.04
N MET K 85 -15.84 18.23 -39.00
CA MET K 85 -17.17 18.76 -39.22
C MET K 85 -17.12 20.14 -39.87
N GLN K 86 -16.13 20.95 -39.47
CA GLN K 86 -15.99 22.28 -40.05
C GLN K 86 -15.50 22.20 -41.48
N HIS K 87 -14.54 21.33 -41.77
CA HIS K 87 -13.89 21.34 -43.08
C HIS K 87 -14.47 20.35 -44.07
N ALA K 88 -15.19 19.32 -43.61
CA ALA K 88 -15.78 18.32 -44.49
C ALA K 88 -17.06 17.80 -43.84
N PRO K 89 -18.10 18.63 -43.79
CA PRO K 89 -19.32 18.25 -43.05
C PRO K 89 -19.97 16.99 -43.56
N ALA K 90 -19.78 16.64 -44.83
CA ALA K 90 -20.41 15.43 -45.34
C ALA K 90 -19.70 14.16 -44.88
N ASN K 91 -18.51 14.25 -44.29
CA ASN K 91 -17.74 13.07 -43.91
C ASN K 91 -18.13 12.69 -42.48
N ASP K 92 -18.81 11.55 -42.33
CA ASP K 92 -19.31 11.11 -41.03
C ASP K 92 -18.45 10.02 -40.38
N TYR K 93 -17.23 9.80 -40.86
CA TYR K 93 -16.44 8.67 -40.37
C TYR K 93 -16.10 8.81 -38.88
N LEU K 94 -15.79 10.02 -38.41
CA LEU K 94 -15.39 10.14 -37.02
C LEU K 94 -16.56 10.19 -36.05
N VAL K 95 -17.78 10.41 -36.52
CA VAL K 95 -18.91 10.45 -35.59
C VAL K 95 -19.60 9.09 -35.53
N THR K 96 -19.52 8.30 -36.61
CA THR K 96 -20.29 7.06 -36.66
C THR K 96 -19.46 5.78 -36.51
N SER K 97 -18.14 5.83 -36.72
CA SER K 97 -17.36 4.61 -36.82
C SER K 97 -16.82 4.17 -35.45
N HIS K 98 -16.58 2.87 -35.33
CA HIS K 98 -15.88 2.32 -34.17
C HIS K 98 -14.40 2.30 -34.52
N ILE K 99 -13.63 3.16 -33.87
CA ILE K 99 -12.24 3.39 -34.24
C ILE K 99 -11.33 2.78 -33.17
N HIS K 100 -10.21 2.22 -33.62
CA HIS K 100 -9.20 1.68 -32.71
CA HIS K 100 -9.21 1.66 -32.73
C HIS K 100 -7.91 2.42 -32.93
N LEU K 101 -7.30 2.86 -31.84
CA LEU K 101 -6.02 3.53 -31.90
C LEU K 101 -5.02 2.72 -31.09
N HIS K 102 -3.84 2.49 -31.67
CA HIS K 102 -2.81 1.67 -31.04
C HIS K 102 -1.46 2.33 -31.24
N VAL K 103 -0.61 2.25 -30.23
CA VAL K 103 0.76 2.75 -30.32
C VAL K 103 1.72 1.61 -29.99
N PRO K 104 2.23 0.90 -30.99
CA PRO K 104 3.26 -0.10 -30.71
C PRO K 104 4.56 0.59 -30.32
N GLU K 105 5.47 -0.17 -29.74
CA GLU K 105 5.36 -1.59 -29.43
C GLU K 105 4.43 -1.85 -28.23
N GLY K 106 3.76 -3.00 -28.26
CA GLY K 106 2.66 -3.24 -27.33
C GLY K 106 3.05 -3.31 -25.87
N ALA K 107 4.24 -3.82 -25.55
CA ALA K 107 4.65 -3.99 -24.17
C ALA K 107 5.26 -2.73 -23.54
N THR K 108 5.57 -1.70 -24.32
CA THR K 108 6.31 -0.54 -23.81
C THR K 108 5.35 0.47 -23.17
N PRO K 109 5.51 0.80 -21.88
CA PRO K 109 4.65 1.84 -21.29
C PRO K 109 4.89 3.19 -21.94
N LYS K 110 3.81 3.95 -22.13
CA LYS K 110 3.90 5.26 -22.73
C LYS K 110 3.00 6.22 -21.98
N ASP K 111 3.37 7.49 -21.95
CA ASP K 111 2.54 8.48 -21.29
C ASP K 111 2.91 9.85 -21.81
N GLY K 112 2.10 10.85 -21.41
CA GLY K 112 2.37 12.23 -21.75
C GLY K 112 1.40 12.80 -22.75
N PRO K 113 1.33 14.13 -22.84
CA PRO K 113 0.37 14.78 -23.73
C PRO K 113 0.87 15.15 -25.11
N SER K 114 2.15 14.90 -25.42
CA SER K 114 2.80 15.48 -26.59
C SER K 114 2.48 14.76 -27.89
N ALA K 115 1.71 13.68 -27.87
CA ALA K 115 1.23 13.06 -29.10
C ALA K 115 -0.16 13.54 -29.49
N GLY K 116 -0.67 14.57 -28.82
CA GLY K 116 -1.97 15.12 -29.19
C GLY K 116 -2.17 15.46 -30.66
N CYS K 117 -1.32 16.32 -31.24
CA CYS K 117 -1.40 16.57 -32.68
C CYS K 117 -1.31 15.28 -33.48
N THR K 118 -0.35 14.43 -33.11
CA THR K 118 -0.15 13.18 -33.83
C THR K 118 -1.43 12.37 -33.90
N ILE K 119 -2.18 12.33 -32.80
CA ILE K 119 -3.44 11.57 -32.75
C ILE K 119 -4.51 12.25 -33.60
N VAL K 120 -4.65 13.57 -33.50
CA VAL K 120 -5.58 14.29 -34.37
C VAL K 120 -5.29 13.96 -35.83
N THR K 121 -4.01 14.04 -36.21
CA THR K 121 -3.63 13.83 -37.61
C THR K 121 -3.95 12.41 -38.07
N ALA K 122 -3.66 11.42 -37.23
CA ALA K 122 -3.97 10.04 -37.62
C ALA K 122 -5.47 9.85 -37.81
N LEU K 123 -6.28 10.41 -36.92
CA LEU K 123 -7.73 10.24 -37.05
C LEU K 123 -8.24 10.90 -38.32
N LEU K 124 -7.78 12.12 -38.60
CA LEU K 124 -8.20 12.80 -39.82
C LEU K 124 -7.69 12.06 -41.03
N SER K 125 -6.43 11.63 -40.98
CA SER K 125 -5.87 10.84 -42.07
C SER K 125 -6.74 9.61 -42.34
N LEU K 126 -7.12 8.87 -41.29
CA LEU K 126 -7.95 7.68 -41.45
C LEU K 126 -9.31 8.05 -42.06
N ALA K 127 -9.96 9.07 -41.51
CA ALA K 127 -11.29 9.44 -41.96
C ALA K 127 -11.28 9.94 -43.41
N MET K 128 -10.21 10.61 -43.85
CA MET K 128 -10.16 11.08 -45.22
C MET K 128 -9.63 10.01 -46.16
N GLY K 129 -9.12 8.91 -45.63
CA GLY K 129 -8.48 7.89 -46.48
C GLY K 129 -7.25 8.44 -47.19
N ARG K 130 -6.66 9.46 -46.58
CA ARG K 130 -5.49 10.13 -47.21
C ARG K 130 -4.23 9.95 -46.33
N PRO K 131 -3.10 9.43 -46.86
CA PRO K 131 -1.88 9.36 -46.08
C PRO K 131 -1.25 10.73 -45.82
N VAL K 132 -0.60 10.89 -44.67
CA VAL K 132 0.16 12.12 -44.41
C VAL K 132 1.44 12.14 -45.24
N ARG K 133 1.98 13.35 -45.41
CA ARG K 133 3.27 13.53 -46.06
C ARG K 133 4.29 12.54 -45.51
N GLN K 134 5.08 11.97 -46.42
CA GLN K 134 6.06 10.96 -46.04
C GLN K 134 7.27 11.60 -45.37
N ASN K 135 7.92 10.84 -44.48
CA ASN K 135 9.10 11.32 -43.77
C ASN K 135 8.77 12.55 -42.91
N LEU K 136 7.54 12.61 -42.41
CA LEU K 136 7.11 13.68 -41.54
C LEU K 136 6.98 13.14 -40.12
N ALA K 137 7.40 13.94 -39.14
CA ALA K 137 7.15 13.61 -37.75
C ALA K 137 6.68 14.87 -37.03
N MET K 138 5.97 14.68 -35.93
CA MET K 138 5.44 15.83 -35.21
C MET K 138 5.39 15.52 -33.72
N THR K 139 5.42 16.58 -32.93
CA THR K 139 5.18 16.50 -31.49
C THR K 139 4.54 17.82 -31.09
N GLY K 140 3.59 17.75 -30.18
CA GLY K 140 2.85 18.92 -29.74
C GLY K 140 1.60 18.53 -28.98
N GLU K 141 1.39 19.14 -27.82
CA GLU K 141 0.16 18.92 -27.05
C GLU K 141 -0.96 19.71 -27.71
N VAL K 142 -2.16 19.14 -27.78
CA VAL K 142 -3.28 19.84 -28.38
C VAL K 142 -4.27 20.19 -27.28
N SER K 143 -4.73 21.45 -27.28
CA SER K 143 -5.81 21.86 -26.40
C SER K 143 -7.18 21.53 -27.03
N LEU K 144 -8.22 21.70 -26.22
CA LEU K 144 -9.56 21.36 -26.66
C LEU K 144 -10.01 22.20 -27.85
N THR K 145 -9.50 23.43 -27.99
CA THR K 145 -9.84 24.29 -29.13
C THR K 145 -8.82 24.20 -30.27
N GLY K 146 -7.85 23.29 -30.20
CA GLY K 146 -6.88 23.14 -31.26
C GLY K 146 -5.59 23.92 -31.09
N LYS K 147 -5.40 24.61 -29.98
CA LYS K 147 -4.11 25.27 -29.74
C LYS K 147 -3.02 24.21 -29.56
N ILE K 148 -1.82 24.52 -30.06
CA ILE K 148 -0.67 23.62 -29.94
C ILE K 148 0.21 24.15 -28.82
N LEU K 149 0.45 23.32 -27.79
CA LEU K 149 1.19 23.77 -26.62
C LEU K 149 2.59 23.16 -26.59
N PRO K 150 3.54 23.84 -25.96
CA PRO K 150 4.92 23.34 -25.94
C PRO K 150 5.08 22.05 -25.14
N VAL K 151 6.14 21.33 -25.47
CA VAL K 151 6.40 19.99 -24.94
C VAL K 151 7.86 19.92 -24.51
N GLY K 152 8.20 18.84 -23.81
CA GLY K 152 9.56 18.63 -23.39
C GLY K 152 10.33 17.75 -24.36
N GLY K 153 11.63 17.61 -24.11
CA GLY K 153 12.45 16.67 -24.86
C GLY K 153 12.68 17.03 -26.31
N ILE K 154 12.55 18.31 -26.67
CA ILE K 154 12.69 18.73 -28.06
C ILE K 154 14.05 18.37 -28.61
N LYS K 155 15.10 18.62 -27.84
CA LYS K 155 16.44 18.31 -28.34
C LYS K 155 16.57 16.81 -28.61
N GLU K 156 16.16 15.97 -27.66
CA GLU K 156 16.24 14.51 -27.83
C GLU K 156 15.34 14.02 -28.97
N LYS K 157 14.12 14.55 -29.08
CA LYS K 157 13.20 14.11 -30.13
C LYS K 157 13.70 14.47 -31.52
N THR K 158 14.27 15.66 -31.67
CA THR K 158 14.79 16.08 -32.98
C THR K 158 15.97 15.22 -33.40
N ILE K 159 16.87 14.91 -32.48
CA ILE K 159 17.98 14.02 -32.81
C ILE K 159 17.45 12.67 -33.27
N ALA K 160 16.45 12.13 -32.55
CA ALA K 160 15.88 10.84 -32.95
C ALA K 160 15.17 10.94 -34.30
N ALA K 161 14.43 12.02 -34.54
CA ALA K 161 13.79 12.19 -35.84
C ALA K 161 14.84 12.18 -36.96
N LYS K 162 15.92 12.93 -36.77
CA LYS K 162 16.99 12.99 -37.76
C LYS K 162 17.57 11.61 -38.03
N ARG K 163 17.83 10.83 -36.96
CA ARG K 163 18.41 9.51 -37.15
C ARG K 163 17.47 8.59 -37.91
N ALA K 164 16.17 8.78 -37.77
CA ALA K 164 15.17 7.95 -38.44
C ALA K 164 14.86 8.44 -39.85
N GLY K 165 15.63 9.39 -40.39
CA GLY K 165 15.36 9.84 -41.75
C GLY K 165 14.20 10.80 -41.91
N VAL K 166 13.74 11.40 -40.81
CA VAL K 166 12.73 12.43 -40.91
C VAL K 166 13.30 13.63 -41.66
N THR K 167 12.55 14.16 -42.62
CA THR K 167 12.99 15.37 -43.30
C THR K 167 12.08 16.56 -43.06
N CYS K 168 10.91 16.36 -42.45
CA CYS K 168 10.02 17.46 -42.15
C CYS K 168 9.50 17.27 -40.75
N ILE K 169 9.73 18.24 -39.87
CA ILE K 169 9.38 18.09 -38.46
C ILE K 169 8.53 19.29 -38.03
N VAL K 170 7.45 19.01 -37.30
CA VAL K 170 6.48 20.00 -36.86
C VAL K 170 6.54 20.09 -35.35
N LEU K 171 6.74 21.30 -34.83
CA LEU K 171 6.98 21.51 -33.41
C LEU K 171 6.14 22.68 -32.93
N PRO K 172 5.82 22.75 -31.63
CA PRO K 172 5.15 23.92 -31.09
C PRO K 172 6.02 25.16 -31.23
N ALA K 173 5.38 26.28 -31.56
CA ALA K 173 6.10 27.53 -31.74
C ALA K 173 6.88 27.91 -30.48
N GLU K 174 6.36 27.60 -29.29
CA GLU K 174 7.08 27.96 -28.08
C GLU K 174 8.28 27.09 -27.80
N ASN K 175 8.53 26.05 -28.59
CA ASN K 175 9.74 25.24 -28.45
C ASN K 175 10.81 25.66 -29.44
N LYS K 176 10.65 26.79 -30.12
CA LYS K 176 11.62 27.21 -31.11
C LYS K 176 13.02 27.37 -30.51
N LYS K 177 13.12 27.99 -29.34
CA LYS K 177 14.43 28.19 -28.72
C LYS K 177 15.10 26.85 -28.41
N ASP K 178 14.31 25.84 -27.99
CA ASP K 178 14.87 24.50 -27.74
C ASP K 178 15.47 23.91 -29.00
N PHE K 179 14.75 24.03 -30.13
CA PHE K 179 15.26 23.49 -31.39
C PHE K 179 16.58 24.15 -31.79
N TYR K 180 16.68 25.47 -31.63
CA TYR K 180 17.93 26.11 -32.05
C TYR K 180 19.01 26.06 -30.97
N ASP K 181 18.76 25.37 -29.85
CA ASP K 181 19.85 25.03 -28.95
C ASP K 181 20.67 23.84 -29.45
N LEU K 182 20.23 23.19 -30.54
CA LEU K 182 20.91 22.05 -31.12
C LEU K 182 22.00 22.50 -32.09
N ALA K 183 23.03 21.68 -32.24
CA ALA K 183 24.08 21.96 -33.20
C ALA K 183 23.51 22.09 -34.61
N ALA K 184 24.18 22.91 -35.44
CA ALA K 184 23.72 23.15 -36.80
C ALA K 184 23.71 21.86 -37.63
N PHE K 185 24.69 20.96 -37.41
CA PHE K 185 24.70 19.76 -38.23
C PHE K 185 23.46 18.90 -37.97
N ILE K 186 22.80 19.08 -36.83
CA ILE K 186 21.57 18.35 -36.56
C ILE K 186 20.37 19.01 -37.24
N THR K 187 20.22 20.34 -37.07
CA THR K 187 19.02 21.01 -37.57
C THR K 187 19.07 21.31 -39.06
N GLU K 188 20.25 21.39 -39.65
CA GLU K 188 20.34 21.60 -41.09
C GLU K 188 19.72 20.40 -41.82
N GLY K 189 19.16 20.68 -42.99
CA GLY K 189 18.42 19.69 -43.75
C GLY K 189 17.13 19.20 -43.14
N LEU K 190 16.71 19.71 -41.99
CA LEU K 190 15.34 19.51 -41.53
C LEU K 190 14.48 20.70 -41.97
N GLU K 191 13.42 20.42 -42.71
CA GLU K 191 12.37 21.43 -42.91
C GLU K 191 11.53 21.46 -41.63
N VAL K 192 11.66 22.53 -40.87
CA VAL K 192 11.03 22.64 -39.56
C VAL K 192 9.90 23.65 -39.66
N HIS K 193 8.79 23.33 -39.01
CA HIS K 193 7.62 24.21 -38.94
C HIS K 193 7.26 24.41 -37.48
N PHE K 194 7.14 25.66 -37.07
CA PHE K 194 6.74 26.00 -35.71
C PHE K 194 5.29 26.47 -35.76
N VAL K 195 4.42 25.78 -35.02
CA VAL K 195 2.99 25.97 -35.19
C VAL K 195 2.36 26.38 -33.87
N GLU K 196 1.25 27.10 -33.99
CA GLU K 196 0.46 27.49 -32.83
C GLU K 196 -0.96 26.93 -32.82
N HIS K 197 -1.47 26.47 -33.97
CA HIS K 197 -2.84 25.98 -34.09
C HIS K 197 -2.85 24.71 -34.92
N TYR K 198 -3.77 23.80 -34.62
CA TYR K 198 -3.75 22.53 -35.33
C TYR K 198 -3.90 22.73 -36.84
N ARG K 199 -4.68 23.73 -37.25
CA ARG K 199 -4.92 23.92 -38.68
C ARG K 199 -3.60 24.07 -39.44
N GLU K 200 -2.61 24.72 -38.83
CA GLU K 200 -1.30 24.81 -39.46
C GLU K 200 -0.70 23.43 -39.68
N ILE K 201 -0.88 22.53 -38.72
CA ILE K 201 -0.37 21.17 -38.89
C ILE K 201 -1.10 20.48 -40.04
N PHE K 202 -2.43 20.58 -40.07
CA PHE K 202 -3.21 19.99 -41.15
C PHE K 202 -2.67 20.39 -42.53
N ASP K 203 -2.36 21.69 -42.69
CA ASP K 203 -1.88 22.19 -43.97
C ASP K 203 -0.52 21.59 -44.35
N ILE K 204 0.32 21.31 -43.36
CA ILE K 204 1.62 20.69 -43.62
C ILE K 204 1.48 19.21 -43.90
N ALA K 205 0.62 18.52 -43.15
CA ALA K 205 0.53 17.06 -43.22
C ALA K 205 -0.16 16.59 -44.49
N PHE K 206 -1.08 17.39 -45.04
CA PHE K 206 -1.87 17.01 -46.21
C PHE K 206 -1.71 18.09 -47.27
N PRO K 207 -0.53 18.22 -47.86
CA PRO K 207 -0.32 19.27 -48.84
C PRO K 207 -1.12 19.02 -50.11
N ASP K 208 -1.24 20.08 -50.92
CA ASP K 208 -1.98 20.02 -52.18
C ASP K 208 -1.19 19.26 -53.25
N GLU L 13 -14.74 2.01 41.12
CA GLU L 13 -15.09 1.97 39.71
C GLU L 13 -13.88 2.33 38.84
N ARG L 14 -12.74 1.75 39.18
CA ARG L 14 -11.50 2.04 38.47
C ARG L 14 -10.44 1.02 38.87
N MET L 15 -9.35 1.01 38.11
CA MET L 15 -8.33 -0.02 38.24
C MET L 15 -7.59 0.05 39.58
N TYR L 16 -7.29 1.26 40.04
CA TYR L 16 -6.64 1.45 41.34
C TYR L 16 -7.61 2.20 42.26
N ASP L 17 -7.83 1.67 43.46
CA ASP L 17 -8.55 2.43 44.46
C ASP L 17 -7.62 3.43 45.13
N VAL L 18 -6.47 2.95 45.60
CA VAL L 18 -5.42 3.79 46.16
C VAL L 18 -4.18 3.60 45.31
N THR L 19 -3.60 4.71 44.84
CA THR L 19 -2.46 4.55 43.95
C THR L 19 -1.16 4.45 44.74
N PRO L 20 -0.29 3.50 44.42
CA PRO L 20 1.04 3.45 45.04
C PRO L 20 1.97 4.43 44.37
N PRO L 21 3.21 4.55 44.87
CA PRO L 21 4.18 5.45 44.21
C PRO L 21 4.38 5.04 42.75
N GLY L 22 4.50 6.04 41.88
CA GLY L 22 4.70 5.80 40.46
C GLY L 22 3.45 5.56 39.63
N VAL L 23 2.25 5.66 40.22
CA VAL L 23 1.01 5.41 39.51
C VAL L 23 0.16 6.67 39.60
N VAL L 24 -0.34 7.14 38.46
CA VAL L 24 -1.10 8.37 38.37
C VAL L 24 -2.28 8.17 37.43
N MET L 25 -3.44 8.74 37.81
CA MET L 25 -4.64 8.64 37.00
C MET L 25 -4.65 9.74 35.94
N GLY L 26 -4.74 9.35 34.68
CA GLY L 26 -4.95 10.26 33.58
C GLY L 26 -6.33 10.09 32.98
N LEU L 27 -6.58 10.84 31.90
CA LEU L 27 -7.90 10.94 31.30
C LEU L 27 -7.79 10.88 29.78
N ALA L 28 -8.68 10.12 29.15
CA ALA L 28 -8.66 9.91 27.72
C ALA L 28 -10.06 10.09 27.16
N TRP L 29 -10.17 10.22 25.84
CA TRP L 29 -11.48 10.24 25.23
C TRP L 29 -11.41 9.71 23.80
N THR L 30 -12.57 9.31 23.32
CA THR L 30 -12.83 8.94 21.95
C THR L 30 -14.13 9.60 21.56
N ALA L 31 -14.54 9.37 20.31
CA ALA L 31 -15.84 9.82 19.84
C ALA L 31 -16.99 9.28 20.69
N MET L 32 -16.78 8.22 21.47
CA MET L 32 -17.87 7.67 22.27
C MET L 32 -17.93 8.25 23.68
N GLY L 33 -16.89 8.97 24.12
CA GLY L 33 -16.93 9.60 25.43
C GLY L 33 -15.59 9.51 26.11
N GLY L 34 -15.50 9.96 27.36
CA GLY L 34 -14.24 9.94 28.07
C GLY L 34 -14.06 8.68 28.91
N SER L 35 -12.84 8.50 29.38
CA SER L 35 -12.55 7.40 30.29
C SER L 35 -11.33 7.79 31.11
N THR L 36 -11.16 7.09 32.22
CA THR L 36 -9.95 7.24 33.00
C THR L 36 -8.99 6.13 32.65
N LEU L 37 -7.71 6.37 32.92
CA LEU L 37 -6.70 5.32 32.82
C LEU L 37 -5.57 5.67 33.77
N PHE L 38 -4.67 4.72 33.95
CA PHE L 38 -3.56 4.85 34.89
C PHE L 38 -2.23 4.69 34.16
N VAL L 39 -1.33 5.62 34.41
CA VAL L 39 0.06 5.49 34.01
C VAL L 39 0.79 4.74 35.13
N GLU L 40 1.45 3.65 34.78
CA GLU L 40 2.25 2.87 35.72
C GLU L 40 3.72 3.02 35.40
N THR L 41 4.55 3.10 36.45
CA THR L 41 5.99 3.10 36.30
C THR L 41 6.61 2.19 37.35
N SER L 42 7.78 1.67 37.03
CA SER L 42 8.57 0.89 37.96
C SER L 42 10.03 1.06 37.56
N LEU L 43 10.93 0.78 38.49
CA LEU L 43 12.32 1.07 38.20
C LEU L 43 13.22 0.04 38.86
N ARG L 44 14.42 -0.09 38.32
CA ARG L 44 15.45 -0.98 38.84
C ARG L 44 16.78 -0.22 38.92
N ARG L 45 17.32 -0.13 40.14
CA ARG L 45 18.69 0.34 40.35
C ARG L 45 19.69 -0.64 39.73
N PRO L 46 20.60 -0.17 38.85
CA PRO L 46 21.63 -1.10 38.34
C PRO L 46 22.85 -1.17 39.27
N ASP L 56 24.33 5.75 32.96
CA ASP L 56 23.13 6.58 32.93
C ASP L 56 21.86 5.72 33.00
N GLY L 57 20.71 6.39 33.13
CA GLY L 57 19.44 5.70 33.21
C GLY L 57 18.84 5.47 31.83
N SER L 58 17.62 4.94 31.84
CA SER L 58 16.91 4.69 30.59
C SER L 58 15.42 4.63 30.89
N LEU L 59 14.63 4.80 29.83
CA LEU L 59 13.17 4.70 29.92
C LEU L 59 12.65 3.79 28.81
N GLU L 60 11.95 2.74 29.20
CA GLU L 60 11.24 1.85 28.28
C GLU L 60 9.74 2.06 28.49
N VAL L 61 8.97 2.18 27.40
CA VAL L 61 7.53 2.46 27.48
C VAL L 61 6.76 1.38 26.74
N THR L 62 5.64 0.96 27.31
CA THR L 62 4.74 -0.01 26.68
C THR L 62 3.30 0.45 26.86
N GLY L 63 2.38 -0.21 26.15
CA GLY L 63 0.97 0.11 26.25
C GLY L 63 0.35 0.48 24.91
N GLN L 64 0.98 0.05 23.81
CA GLN L 64 0.51 0.36 22.46
C GLN L 64 0.35 1.87 22.23
N LEU L 65 1.41 2.61 22.55
CA LEU L 65 1.38 4.06 22.44
C LEU L 65 1.73 4.48 21.01
N GLY L 66 0.95 5.42 20.45
CA GLY L 66 1.29 5.96 19.15
C GLY L 66 2.50 6.89 19.23
N GLU L 67 2.96 7.35 18.07
CA GLU L 67 4.20 8.12 18.00
C GLU L 67 4.12 9.42 18.80
N VAL L 68 3.00 10.14 18.69
CA VAL L 68 2.89 11.40 19.43
C VAL L 68 2.98 11.14 20.93
N MET L 69 2.33 10.07 21.40
CA MET L 69 2.39 9.77 22.82
C MET L 69 3.78 9.33 23.25
N LYS L 70 4.49 8.57 22.40
CA LYS L 70 5.87 8.19 22.71
C LYS L 70 6.75 9.43 22.84
N GLU L 71 6.59 10.40 21.94
CA GLU L 71 7.36 11.63 22.04
C GLU L 71 7.02 12.38 23.33
N SER L 72 5.75 12.39 23.72
CA SER L 72 5.41 13.05 24.97
C SER L 72 6.07 12.37 26.15
N ALA L 73 6.19 11.04 26.12
CA ALA L 73 6.92 10.35 27.17
C ALA L 73 8.39 10.75 27.20
N ARG L 74 9.01 10.91 26.02
CA ARG L 74 10.41 11.33 26.00
CA ARG L 74 10.41 11.33 25.98
C ARG L 74 10.57 12.75 26.53
N ILE L 75 9.65 13.64 26.16
CA ILE L 75 9.69 15.02 26.67
C ILE L 75 9.50 15.01 28.18
N ALA L 76 8.50 14.25 28.66
CA ALA L 76 8.22 14.20 30.09
C ALA L 76 9.42 13.68 30.86
N TYR L 77 10.10 12.67 30.31
CA TYR L 77 11.27 12.09 30.97
C TYR L 77 12.41 13.10 31.06
N THR L 78 12.69 13.78 29.95
CA THR L 78 13.73 14.81 29.96
C THR L 78 13.39 15.91 30.96
N PHE L 79 12.13 16.36 30.95
CA PHE L 79 11.73 17.42 31.86
C PHE L 79 11.73 16.94 33.32
N ALA L 80 11.22 15.74 33.57
CA ALA L 80 11.20 15.25 34.95
C ALA L 80 12.61 15.15 35.52
N ARG L 81 13.56 14.69 34.73
CA ARG L 81 14.96 14.63 35.18
C ARG L 81 15.46 16.00 35.58
N ALA L 82 15.20 17.00 34.75
CA ALA L 82 15.65 18.37 35.04
C ALA L 82 14.91 18.96 36.24
N PHE L 83 13.62 18.68 36.34
CA PHE L 83 12.81 19.22 37.44
C PHE L 83 13.28 18.65 38.78
N LEU L 84 13.50 17.33 38.83
CA LEU L 84 13.94 16.72 40.08
C LEU L 84 15.33 17.20 40.47
N MET L 85 16.19 17.45 39.49
CA MET L 85 17.53 17.96 39.81
C MET L 85 17.43 19.33 40.47
N GLN L 86 16.49 20.15 40.02
CA GLN L 86 16.29 21.46 40.62
C GLN L 86 15.56 21.37 41.96
N HIS L 87 14.52 20.54 42.05
CA HIS L 87 13.65 20.54 43.23
CA HIS L 87 13.65 20.54 43.23
C HIS L 87 14.09 19.58 44.32
N ALA L 88 14.88 18.54 44.00
CA ALA L 88 15.38 17.60 45.00
C ALA L 88 16.77 17.13 44.57
N PRO L 89 17.77 18.02 44.68
CA PRO L 89 19.10 17.72 44.12
C PRO L 89 19.77 16.47 44.68
N ALA L 90 19.38 16.01 45.87
CA ALA L 90 20.00 14.81 46.44
C ALA L 90 19.45 13.52 45.83
N ASN L 91 18.39 13.59 45.05
CA ASN L 91 17.72 12.40 44.54
C ASN L 91 18.28 12.04 43.17
N ASP L 92 18.99 10.92 43.08
CA ASP L 92 19.61 10.51 41.81
C ASP L 92 18.82 9.41 41.08
N TYR L 93 17.57 9.13 41.51
CA TYR L 93 16.85 7.98 40.96
C TYR L 93 16.58 8.11 39.46
N LEU L 94 16.28 9.34 38.98
CA LEU L 94 15.96 9.50 37.57
C LEU L 94 17.18 9.53 36.67
N VAL L 95 18.37 9.71 37.22
CA VAL L 95 19.57 9.71 36.41
C VAL L 95 20.23 8.35 36.36
N THR L 96 20.01 7.49 37.34
CA THR L 96 20.71 6.22 37.43
C THR L 96 19.85 5.00 37.11
N SER L 97 18.53 5.09 37.20
CA SER L 97 17.72 3.89 37.13
C SER L 97 17.26 3.57 35.72
N HIS L 98 16.98 2.28 35.50
CA HIS L 98 16.30 1.78 34.32
C HIS L 98 14.82 1.76 34.64
N ILE L 99 14.05 2.61 33.96
CA ILE L 99 12.65 2.84 34.30
C ILE L 99 11.77 2.23 33.21
N HIS L 100 10.66 1.61 33.64
CA HIS L 100 9.66 1.08 32.73
CA HIS L 100 9.67 1.09 32.73
C HIS L 100 8.36 1.82 32.96
N LEU L 101 7.77 2.31 31.88
CA LEU L 101 6.51 3.03 31.91
C LEU L 101 5.50 2.24 31.07
N HIS L 102 4.31 2.03 31.63
CA HIS L 102 3.25 1.24 31.00
C HIS L 102 1.90 1.91 31.20
N VAL L 103 1.06 1.86 30.18
CA VAL L 103 -0.31 2.35 30.25
C VAL L 103 -1.26 1.22 29.91
N PRO L 104 -1.78 0.51 30.91
CA PRO L 104 -2.80 -0.51 30.62
C PRO L 104 -4.10 0.17 30.21
N GLU L 105 -5.00 -0.59 29.60
CA GLU L 105 -4.88 -2.00 29.28
C GLU L 105 -3.97 -2.27 28.06
N GLY L 106 -3.28 -3.41 28.07
CA GLY L 106 -2.18 -3.59 27.13
C GLY L 106 -2.56 -3.60 25.66
N ALA L 107 -3.74 -4.13 25.32
CA ALA L 107 -4.13 -4.26 23.92
C ALA L 107 -4.77 -3.01 23.34
N THR L 108 -5.13 -2.03 24.16
CA THR L 108 -5.89 -0.88 23.67
C THR L 108 -4.95 0.16 23.07
N PRO L 109 -5.10 0.54 21.81
CA PRO L 109 -4.24 1.59 21.24
C PRO L 109 -4.48 2.92 21.94
N LYS L 110 -3.39 3.66 22.14
CA LYS L 110 -3.48 4.96 22.81
C LYS L 110 -2.59 5.94 22.07
N ASP L 111 -2.97 7.21 22.09
CA ASP L 111 -2.15 8.22 21.43
C ASP L 111 -2.50 9.60 21.99
N GLY L 112 -1.70 10.59 21.59
CA GLY L 112 -1.95 11.96 21.98
C GLY L 112 -0.93 12.49 22.96
N PRO L 113 -0.84 13.82 23.08
CA PRO L 113 0.15 14.44 23.98
C PRO L 113 -0.38 14.81 25.36
N SER L 114 -1.66 14.57 25.65
CA SER L 114 -2.29 15.15 26.82
C SER L 114 -1.98 14.42 28.12
N ALA L 115 -1.25 13.30 28.08
CA ALA L 115 -0.79 12.67 29.31
C ALA L 115 0.63 13.08 29.67
N GLY L 116 1.18 14.09 29.00
CA GLY L 116 2.48 14.59 29.38
C GLY L 116 2.65 14.91 30.87
N CYS L 117 1.80 15.77 31.45
CA CYS L 117 1.89 16.00 32.90
C CYS L 117 1.74 14.72 33.70
N THR L 118 0.77 13.87 33.30
CA THR L 118 0.56 12.62 34.01
C THR L 118 1.84 11.79 34.07
N ILE L 119 2.59 11.75 32.96
CA ILE L 119 3.82 10.98 32.91
C ILE L 119 4.91 11.63 33.77
N VAL L 120 5.07 12.97 33.68
CA VAL L 120 6.02 13.66 34.57
C VAL L 120 5.73 13.30 36.01
N THR L 121 4.44 13.36 36.39
CA THR L 121 4.06 13.14 37.79
C THR L 121 4.36 11.71 38.22
N ALA L 122 4.08 10.73 37.34
CA ALA L 122 4.34 9.33 37.68
C ALA L 122 5.82 9.08 37.90
N LEU L 123 6.68 9.64 37.04
CA LEU L 123 8.13 9.49 37.18
C LEU L 123 8.65 10.14 38.46
N LEU L 124 8.18 11.36 38.78
CA LEU L 124 8.58 12.00 40.02
C LEU L 124 8.05 11.23 41.23
N SER L 125 6.79 10.78 41.17
CA SER L 125 6.24 9.94 42.22
C SER L 125 7.12 8.74 42.47
N LEU L 126 7.48 8.01 41.41
CA LEU L 126 8.32 6.83 41.56
C LEU L 126 9.68 7.20 42.15
N ALA L 127 10.29 8.27 41.65
CA ALA L 127 11.63 8.65 42.10
C ALA L 127 11.64 9.06 43.57
N MET L 128 10.58 9.72 44.04
CA MET L 128 10.51 10.15 45.44
C MET L 128 9.94 9.07 46.35
N GLY L 129 9.43 7.97 45.81
CA GLY L 129 8.78 6.99 46.66
C GLY L 129 7.54 7.51 47.36
N ARG L 130 6.83 8.45 46.76
CA ARG L 130 5.68 9.06 47.42
C ARG L 130 4.47 8.99 46.48
N PRO L 131 3.34 8.45 46.94
CA PRO L 131 2.14 8.44 46.10
C PRO L 131 1.65 9.87 45.88
N VAL L 132 0.94 10.07 44.76
CA VAL L 132 0.26 11.34 44.55
C VAL L 132 -1.01 11.36 45.40
N ARG L 133 -1.53 12.57 45.63
CA ARG L 133 -2.82 12.75 46.28
C ARG L 133 -3.86 11.79 45.70
N GLN L 134 -4.65 11.17 46.58
CA GLN L 134 -5.61 10.17 46.16
C GLN L 134 -6.85 10.83 45.54
N ASN L 135 -7.56 10.11 44.67
CA ASN L 135 -8.78 10.64 44.00
C ASN L 135 -8.44 11.86 43.14
N LEU L 136 -7.20 11.94 42.70
CA LEU L 136 -6.79 13.05 41.80
C LEU L 136 -6.63 12.54 40.37
N ALA L 137 -7.02 13.35 39.40
CA ALA L 137 -6.77 13.02 37.98
C ALA L 137 -6.25 14.28 37.29
N MET L 138 -5.53 14.11 36.18
CA MET L 138 -4.98 15.26 35.47
C MET L 138 -4.92 14.97 33.97
N THR L 139 -4.94 16.05 33.20
CA THR L 139 -4.72 15.99 31.75
C THR L 139 -4.05 17.30 31.36
N GLY L 140 -3.14 17.24 30.41
CA GLY L 140 -2.38 18.42 30.04
C GLY L 140 -1.13 18.09 29.26
N GLU L 141 -0.92 18.75 28.14
CA GLU L 141 0.31 18.58 27.38
C GLU L 141 1.43 19.34 28.07
N VAL L 142 2.63 18.76 28.10
CA VAL L 142 3.79 19.42 28.71
C VAL L 142 4.78 19.77 27.62
N SER L 143 5.28 21.01 27.63
CA SER L 143 6.37 21.41 26.74
C SER L 143 7.71 21.03 27.37
N LEU L 144 8.77 21.18 26.58
CA LEU L 144 10.10 20.80 27.06
C LEU L 144 10.53 21.60 28.29
N THR L 145 10.05 22.84 28.44
CA THR L 145 10.41 23.66 29.59
C THR L 145 9.39 23.58 30.73
N GLY L 146 8.39 22.71 30.63
CA GLY L 146 7.42 22.57 31.70
C GLY L 146 6.15 23.38 31.54
N LYS L 147 5.96 24.09 30.43
CA LYS L 147 4.69 24.75 30.18
C LYS L 147 3.60 23.72 29.95
N ILE L 148 2.40 24.02 30.45
CA ILE L 148 1.25 23.13 30.30
C ILE L 148 0.37 23.70 29.19
N LEU L 149 0.12 22.90 28.16
CA LEU L 149 -0.62 23.37 27.00
C LEU L 149 -2.02 22.77 26.98
N PRO L 150 -2.97 23.47 26.35
CA PRO L 150 -4.36 23.00 26.37
C PRO L 150 -4.54 21.71 25.58
N VAL L 151 -5.62 21.00 25.92
CA VAL L 151 -5.91 19.68 25.35
C VAL L 151 -7.39 19.64 24.95
N GLY L 152 -7.77 18.58 24.21
CA GLY L 152 -9.14 18.38 23.79
C GLY L 152 -9.91 17.45 24.74
N GLY L 153 -11.21 17.36 24.50
CA GLY L 153 -12.04 16.40 25.22
C GLY L 153 -12.27 16.72 26.69
N ILE L 154 -12.12 17.97 27.10
CA ILE L 154 -12.23 18.34 28.51
C ILE L 154 -13.59 17.97 29.07
N LYS L 155 -14.66 18.25 28.33
CA LYS L 155 -15.99 17.92 28.83
C LYS L 155 -16.13 16.42 29.06
N GLU L 156 -15.74 15.62 28.07
CA GLU L 156 -15.84 14.18 28.19
C GLU L 156 -14.96 13.65 29.32
N LYS L 157 -13.73 14.17 29.41
CA LYS L 157 -12.80 13.71 30.44
C LYS L 157 -13.29 14.05 31.84
N THR L 158 -13.86 15.25 32.01
CA THR L 158 -14.33 15.63 33.34
C THR L 158 -15.50 14.75 33.78
N ILE L 159 -16.42 14.46 32.86
CA ILE L 159 -17.53 13.57 33.16
C ILE L 159 -17.00 12.19 33.56
N ALA L 160 -16.02 11.67 32.82
CA ALA L 160 -15.44 10.37 33.18
C ALA L 160 -14.74 10.43 34.54
N ALA L 161 -13.99 11.51 34.80
CA ALA L 161 -13.34 11.66 36.11
C ALA L 161 -14.36 11.62 37.24
N LYS L 162 -15.42 12.41 37.10
CA LYS L 162 -16.45 12.45 38.12
C LYS L 162 -17.08 11.07 38.34
N ARG L 163 -17.39 10.35 37.26
CA ARG L 163 -17.99 9.03 37.41
C ARG L 163 -17.05 8.06 38.11
N ALA L 164 -15.74 8.24 37.94
CA ALA L 164 -14.77 7.35 38.58
C ALA L 164 -14.44 7.77 40.00
N GLY L 165 -15.17 8.74 40.56
CA GLY L 165 -14.93 9.18 41.92
C GLY L 165 -13.78 10.15 42.12
N VAL L 166 -13.29 10.77 41.05
CA VAL L 166 -12.27 11.80 41.19
C VAL L 166 -12.84 12.99 41.94
N THR L 167 -12.10 13.50 42.92
CA THR L 167 -12.54 14.70 43.63
C THR L 167 -11.62 15.89 43.43
N CYS L 168 -10.48 15.71 42.79
CA CYS L 168 -9.55 16.79 42.50
C CYS L 168 -9.05 16.58 41.08
N ILE L 169 -9.22 17.58 40.22
CA ILE L 169 -8.90 17.45 38.81
C ILE L 169 -8.02 18.63 38.41
N VAL L 170 -6.95 18.35 37.68
CA VAL L 170 -5.97 19.37 37.28
C VAL L 170 -6.02 19.51 35.76
N LEU L 171 -6.22 20.73 35.29
CA LEU L 171 -6.49 20.99 33.88
C LEU L 171 -5.65 22.21 33.41
N PRO L 172 -5.38 22.28 32.10
CA PRO L 172 -4.71 23.50 31.59
C PRO L 172 -5.60 24.72 31.73
N ALA L 173 -4.97 25.84 32.09
CA ALA L 173 -5.73 27.07 32.29
C ALA L 173 -6.50 27.50 31.06
N GLU L 174 -5.97 27.24 29.86
CA GLU L 174 -6.70 27.65 28.67
C GLU L 174 -7.90 26.75 28.37
N ASN L 175 -8.12 25.69 29.13
CA ASN L 175 -9.34 24.88 28.99
C ASN L 175 -10.40 25.26 30.01
N LYS L 176 -10.21 26.38 30.72
CA LYS L 176 -11.16 26.78 31.76
C LYS L 176 -12.58 26.92 31.20
N LYS L 177 -12.72 27.54 30.03
CA LYS L 177 -14.04 27.74 29.45
C LYS L 177 -14.74 26.41 29.15
N ASP L 178 -13.98 25.42 28.67
CA ASP L 178 -14.58 24.12 28.38
C ASP L 178 -15.14 23.48 29.64
N PHE L 179 -14.41 23.58 30.75
CA PHE L 179 -14.86 22.98 32.00
C PHE L 179 -16.19 23.57 32.45
N TYR L 180 -16.33 24.90 32.37
CA TYR L 180 -17.55 25.55 32.83
C TYR L 180 -18.65 25.55 31.77
N ASP L 181 -18.42 24.89 30.62
CA ASP L 181 -19.50 24.57 29.70
C ASP L 181 -20.33 23.38 30.18
N LEU L 182 -19.93 22.73 31.26
CA LEU L 182 -20.61 21.58 31.84
C LEU L 182 -21.70 22.03 32.80
N ALA L 183 -22.70 21.16 32.97
CA ALA L 183 -23.77 21.42 33.93
C ALA L 183 -23.19 21.54 35.35
N ALA L 184 -23.87 22.36 36.16
CA ALA L 184 -23.40 22.60 37.53
C ALA L 184 -23.37 21.30 38.35
N PHE L 185 -24.34 20.40 38.14
CA PHE L 185 -24.36 19.18 38.93
C PHE L 185 -23.16 18.28 38.63
N ILE L 186 -22.50 18.46 37.48
CA ILE L 186 -21.31 17.68 37.18
C ILE L 186 -20.10 18.26 37.89
N THR L 187 -19.91 19.57 37.79
CA THR L 187 -18.73 20.25 38.33
C THR L 187 -18.80 20.45 39.85
N GLU L 188 -20.00 20.35 40.43
CA GLU L 188 -20.13 20.45 41.90
C GLU L 188 -19.37 19.30 42.55
N GLY L 189 -18.66 19.60 43.61
CA GLY L 189 -17.87 18.57 44.30
C GLY L 189 -16.54 18.32 43.61
N LEU L 190 -16.23 19.02 42.52
CA LEU L 190 -14.89 18.80 41.97
C LEU L 190 -14.02 19.96 42.42
N GLU L 191 -12.94 19.67 43.15
CA GLU L 191 -11.89 20.65 43.37
C GLU L 191 -11.07 20.73 42.09
N VAL L 192 -11.18 21.83 41.36
CA VAL L 192 -10.54 21.97 40.05
C VAL L 192 -9.39 22.96 40.16
N HIS L 193 -8.28 22.66 39.50
CA HIS L 193 -7.09 23.50 39.43
C HIS L 193 -6.74 23.77 37.98
N PHE L 194 -6.60 25.04 37.64
CA PHE L 194 -6.21 25.46 36.29
C PHE L 194 -4.76 25.94 36.35
N VAL L 195 -3.91 25.31 35.55
CA VAL L 195 -2.47 25.47 35.69
C VAL L 195 -1.87 25.91 34.36
N GLU L 196 -0.74 26.60 34.45
CA GLU L 196 0.05 26.97 33.29
C GLU L 196 1.45 26.38 33.29
N HIS L 197 1.97 25.91 34.43
CA HIS L 197 3.33 25.38 34.52
C HIS L 197 3.32 24.11 35.34
N TYR L 198 4.23 23.18 35.01
CA TYR L 198 4.22 21.90 35.70
C TYR L 198 4.42 22.07 37.22
N ARG L 199 5.21 23.06 37.65
CA ARG L 199 5.46 23.20 39.09
C ARG L 199 4.16 23.37 39.88
N GLU L 200 3.14 24.03 39.30
CA GLU L 200 1.85 24.11 39.99
C GLU L 200 1.23 22.73 40.16
N ILE L 201 1.35 21.87 39.15
CA ILE L 201 0.82 20.51 39.27
C ILE L 201 1.56 19.77 40.37
N PHE L 202 2.89 19.87 40.38
CA PHE L 202 3.68 19.21 41.43
C PHE L 202 3.16 19.56 42.82
N ASP L 203 2.84 20.83 43.06
CA ASP L 203 2.37 21.25 44.37
C ASP L 203 1.00 20.67 44.70
N ILE L 204 0.14 20.47 43.70
CA ILE L 204 -1.15 19.85 43.97
C ILE L 204 -0.98 18.36 44.22
N ALA L 205 -0.15 17.70 43.41
CA ALA L 205 -0.04 16.25 43.49
C ALA L 205 0.71 15.80 44.74
N PHE L 206 1.65 16.62 45.23
CA PHE L 206 2.51 16.26 46.36
C PHE L 206 2.44 17.37 47.40
N PRO L 207 1.30 17.51 48.09
CA PRO L 207 1.15 18.67 48.98
C PRO L 207 2.13 18.71 50.15
N ASP L 208 2.66 17.58 50.61
CA ASP L 208 3.53 17.61 51.77
C ASP L 208 5.01 17.45 51.43
N GLU L 209 5.38 17.54 50.14
CA GLU L 209 6.76 17.24 49.77
C GLU L 209 7.72 18.31 50.28
N GLN L 210 7.32 19.58 50.27
CA GLN L 210 8.23 20.64 50.70
C GLN L 210 8.62 20.50 52.17
N ALA L 211 7.64 20.21 53.04
CA ALA L 211 7.93 20.09 54.46
C ALA L 211 8.75 18.83 54.74
N GLU L 212 8.40 17.72 54.09
CA GLU L 212 9.17 16.49 54.28
C GLU L 212 10.62 16.68 53.85
N ALA L 213 10.83 17.39 52.74
CA ALA L 213 12.18 17.59 52.22
C ALA L 213 13.05 18.40 53.18
N LEU L 214 12.44 19.27 53.98
CA LEU L 214 13.16 20.12 54.92
C LEU L 214 13.03 19.66 56.37
N ALA L 215 12.42 18.50 56.60
CA ALA L 215 12.11 18.02 57.94
C ALA L 215 13.37 17.71 58.76
N1 BO2 M . -21.11 -6.02 13.85
C2 BO2 M . -20.72 -7.25 14.25
C3 BO2 M . -20.77 -7.58 15.59
N4 BO2 M . -21.16 -6.68 16.48
C5 BO2 M . -21.51 -5.47 16.10
C6 BO2 M . -21.49 -5.14 14.75
C7 BO2 M . -20.33 -8.27 13.26
O8 BO2 M . -20.34 -7.99 12.07
N9 BO2 M . -20.02 -9.51 13.68
C10 BO2 M . -19.71 -10.56 12.71
C11 BO2 M . -18.51 -11.42 13.11
C12 BO2 M . -17.24 -10.67 12.87
C12 BO2 M . -18.16 -12.31 11.92
C13 BO2 M . -16.71 -10.60 11.59
C13 BO2 M . -18.71 -13.58 11.82
C14 BO2 M . -15.53 -9.91 11.36
C14 BO2 M . -18.42 -14.39 10.75
C15 BO2 M . -14.90 -9.28 12.43
C15 BO2 M . -17.56 -13.95 9.75
C16 BO2 M . -15.42 -9.35 13.70
C16 BO2 M . -17.03 -12.66 9.83
C17 BO2 M . -16.59 -10.04 13.92
C17 BO2 M . -17.33 -11.85 10.91
C18 BO2 M . -21.01 -11.36 12.74
O19 BO2 M . -21.43 -11.79 13.81
N20 BO2 M . -21.73 -11.57 11.63
C21 BO2 M . -22.99 -12.34 11.66
C22 BO2 M . -23.86 -11.86 10.48
C23 BO2 M . -24.60 -10.51 10.65
C24 BO2 M . -25.69 -10.58 11.73
C25 BO2 M . -23.64 -9.35 10.96
B26 BO2 M . -22.71 -13.92 11.61
O27 BO2 M . -21.93 -14.31 10.47
O28 BO2 M . -22.07 -14.42 12.80
OH2 1PE N . -12.73 -13.60 11.69
C12 1PE N . -13.90 -13.00 12.25
C22 1PE N . -14.78 -14.14 12.81
OH3 1PE N . -15.65 -13.60 13.83
C13 1PE N . -15.57 -13.01 16.17
C23 1PE N . -14.97 -12.77 14.78
OH4 1PE N . -14.41 -13.21 17.01
C14 1PE N . -13.41 -14.38 18.77
C24 1PE N . -14.69 -13.64 18.34
OH5 1PE N . -12.31 -13.47 18.57
C15 1PE N . -9.99 -12.92 18.81
C25 1PE N . -11.13 -13.83 19.32
OH6 1PE N . -10.04 -11.64 19.46
C16 1PE N . -9.27 -9.34 19.47
C26 1PE N . -8.97 -10.79 19.06
OH7 1PE N . -9.51 -8.60 18.27
N1 BO2 O . 17.61 17.77 -8.03
C2 BO2 O . 17.60 17.22 -9.25
C3 BO2 O . 17.31 17.99 -10.36
N4 BO2 O . 16.95 19.25 -10.19
C5 BO2 O . 16.92 19.79 -8.98
C6 BO2 O . 17.25 19.03 -7.88
C7 BO2 O . 18.08 15.83 -9.42
O8 BO2 O . 18.41 15.17 -8.46
N9 BO2 O . 18.23 15.35 -10.68
C10 BO2 O . 18.78 14.02 -10.88
C11 BO2 O . 18.10 13.24 -11.99
C12 BO2 O . 18.65 11.82 -11.94
C13 BO2 O . 19.75 11.48 -12.73
C14 BO2 O . 20.27 10.20 -12.70
C15 BO2 O . 19.68 9.24 -11.88
C16 BO2 O . 18.58 9.59 -11.09
C17 BO2 O . 18.05 10.87 -11.13
C18 BO2 O . 20.24 14.34 -11.22
O19 BO2 O . 20.52 15.07 -12.17
N20 BO2 O . 21.24 13.84 -10.46
C21 BO2 O . 22.67 14.13 -10.73
C22 BO2 O . 23.41 13.97 -9.40
C23 BO2 O . 23.38 15.17 -8.42
C24 BO2 O . 23.96 16.45 -9.04
C25 BO2 O . 21.97 15.43 -7.90
B26 BO2 O . 23.31 13.16 -11.86
O27 BO2 O . 23.14 11.77 -11.55
O28 BO2 O . 22.75 13.39 -13.16
OH2 1PE P . 8.36 12.81 -15.67
C12 1PE P . 7.55 12.95 -16.85
C22 1PE P . 8.42 13.56 -17.98
OH3 1PE P . 9.55 12.67 -18.16
C13 1PE P . 11.54 12.02 -19.28
C23 1PE P . 10.30 12.92 -19.35
OH4 1PE P . 12.69 12.88 -19.09
C14 1PE P . 14.65 13.43 -17.83
C24 1PE P . 13.47 12.47 -17.97
OH5 1PE P . 15.00 13.42 -16.43
C15 1PE P . 15.90 12.00 -14.74
C25 1PE P . 16.12 12.56 -16.15
OH6 1PE P . 16.45 10.67 -14.70
C16 1PE P . 15.67 8.43 -14.21
C26 1PE P . 15.94 9.85 -13.65
OH7 1PE P . 14.26 8.15 -14.10
N1 BO2 Q . -16.67 17.84 8.52
C2 BO2 Q . -16.76 17.29 9.73
C3 BO2 Q . -16.52 18.07 10.85
N4 BO2 Q . -16.13 19.33 10.71
C5 BO2 Q . -15.99 19.86 9.51
C6 BO2 Q . -16.27 19.10 8.38
C7 BO2 Q . -17.27 15.91 9.88
O8 BO2 Q . -17.56 15.25 8.89
N9 BO2 Q . -17.43 15.40 11.12
C10 BO2 Q . -18.00 14.07 11.28
C11 BO2 Q . -17.37 13.26 12.42
C12 BO2 Q . -15.99 12.81 11.99
C12 BO2 Q . -17.89 11.83 12.30
C13 BO2 Q . -15.85 11.80 11.04
C13 BO2 Q . -19.07 11.45 12.93
C14 BO2 Q . -14.59 11.40 10.64
C14 BO2 Q . -19.55 10.15 12.81
C15 BO2 Q . -13.47 12.00 11.20
C15 BO2 Q . -18.84 9.22 12.06
C16 BO2 Q . -13.60 12.99 12.14
C16 BO2 Q . -17.67 9.59 11.41
C17 BO2 Q . -14.87 13.40 12.53
C17 BO2 Q . -17.19 10.89 11.54
C18 BO2 Q . -19.47 14.39 11.58
O19 BO2 Q . -19.76 15.09 12.54
N20 BO2 Q . -20.47 13.91 10.80
C21 BO2 Q . -21.89 14.21 11.06
C22 BO2 Q . -22.63 14.11 9.71
C23 BO2 Q . -22.54 15.33 8.77
C24 BO2 Q . -23.03 16.62 9.45
C25 BO2 Q . -21.12 15.60 8.22
B26 BO2 Q . -22.52 13.22 12.17
O27 BO2 Q . -22.34 11.84 11.85
O28 BO2 Q . -22.08 13.47 13.52
OH2 1PE R . -13.14 8.26 14.42
C12 1PE R . -14.44 8.60 13.94
C22 1PE R . -14.68 10.11 14.15
OH3 1PE R . -15.86 10.24 14.95
C13 1PE R . -14.74 12.33 15.47
C23 1PE R . -16.07 11.54 15.53
OH4 1PE R . -14.69 13.24 16.59
C14 1PE R . -13.31 13.36 18.54
C24 1PE R . -14.44 12.58 17.84
OH5 1PE R . -12.64 12.50 19.49
C15 1PE R . -10.26 12.32 20.01
C25 1PE R . -11.39 11.99 19.01
OH6 1PE R . -9.19 12.93 19.26
C16 1PE R . -7.68 12.91 17.37
C26 1PE R . -8.75 12.12 18.15
OH7 1PE R . -7.65 12.35 16.05
N1 BO2 S . 3.58 -18.45 -19.37
C2 BO2 S . 4.75 -17.83 -19.63
C3 BO2 S . 5.93 -18.57 -19.61
N4 BO2 S . 5.88 -19.85 -19.25
C5 BO2 S . 4.74 -20.44 -18.95
C6 BO2 S . 3.56 -19.72 -19.00
C7 BO2 S . 4.75 -16.43 -20.12
O8 BO2 S . 3.73 -15.78 -20.13
N9 BO2 S . 5.88 -15.91 -20.63
C10 BO2 S . 5.86 -14.56 -21.19
C11 BO2 S . 7.14 -13.77 -20.88
C12 BO2 S . 7.12 -13.31 -19.45
C12 BO2 S . 6.96 -12.33 -21.32
C13 BO2 S . 7.90 -13.96 -18.51
C13 BO2 S . 6.41 -11.40 -20.46
C14 BO2 S . 7.89 -13.54 -17.19
C14 BO2 S . 6.24 -10.09 -20.88
C15 BO2 S . 7.10 -12.47 -16.83
C15 BO2 S . 6.65 -9.70 -22.14
C16 BO2 S . 6.32 -11.83 -17.76
C16 BO2 S . 7.21 -10.64 -23.02
C17 BO2 S . 6.33 -12.23 -19.08
C17 BO2 S . 7.36 -11.94 -22.59
C18 BO2 S . 5.80 -14.88 -22.68
O19 BO2 S . 6.65 -15.60 -23.18
N20 BO2 S . 4.78 -14.40 -23.44
C21 BO2 S . 4.68 -14.69 -24.89
C22 BO2 S . 3.18 -14.58 -25.27
C23 BO2 S . 2.24 -15.71 -24.82
C24 BO2 S . 2.54 -17.00 -25.58
C25 BO2 S . 2.30 -16.01 -23.31
B26 BO2 S . 5.56 -13.67 -25.76
O27 BO2 S . 6.98 -13.90 -25.65
O28 BO2 S . 5.25 -12.30 -25.45
N1 BO2 T . 3.25 23.34 11.18
C2 BO2 T . 3.23 23.87 9.96
C3 BO2 T . 2.25 24.80 9.63
N4 BO2 T . 1.31 25.11 10.51
C5 BO2 T . 1.31 24.54 11.70
C6 BO2 T . 2.30 23.64 12.06
C7 BO2 T . 4.32 23.57 9.02
O8 BO2 T . 5.16 22.74 9.31
N9 BO2 T . 4.41 24.25 7.85
C10 BO2 T . 5.55 24.00 6.97
C11 BO2 T . 5.20 24.06 5.49
C12 BO2 T . 4.36 22.88 5.10
C12 BO2 T . 6.37 23.54 4.68
C13 BO2 T . 2.97 22.98 5.08
C13 BO2 T . 6.50 22.18 4.41
C14 BO2 T . 2.21 21.89 4.71
C14 BO2 T . 7.57 21.72 3.66
C15 BO2 T . 2.82 20.70 4.36
C15 BO2 T . 8.53 22.61 3.18
C16 BO2 T . 4.19 20.59 4.38
C16 BO2 T . 8.40 23.97 3.46
C17 BO2 T . 4.97 21.68 4.75
C17 BO2 T . 7.33 24.42 4.20
C18 BO2 T . 6.50 25.12 7.35
O19 BO2 T . 6.12 26.28 7.34
N20 BO2 T . 7.76 24.86 7.73
C21 BO2 T . 8.70 25.94 8.08
C22 BO2 T . 9.55 25.37 9.23
C23 BO2 T . 8.60 25.44 10.42
C24 BO2 T . 8.11 24.07 10.85
C25 BO2 T . 9.24 26.18 11.60
B26 BO2 T . 9.53 26.53 6.84
O27 BO2 T . 10.20 25.53 6.07
O28 BO2 T . 8.69 27.28 5.94
N1 BO2 U . -11.10 -24.16 -0.01
C2 BO2 U . -9.90 -24.69 -0.34
C3 BO2 U . -9.33 -25.63 0.51
N4 BO2 U . -9.94 -25.93 1.65
C5 BO2 U . -11.10 -25.37 1.98
C6 BO2 U . -11.69 -24.47 1.13
C7 BO2 U . -9.27 -24.38 -1.64
O8 BO2 U . -9.70 -23.46 -2.33
N9 BO2 U . -8.22 -25.11 -2.06
C10 BO2 U . -7.61 -24.86 -3.36
C11 BO2 U . -6.09 -24.97 -3.44
C12 BO2 U . -5.42 -23.81 -2.75
C12 BO2 U . -5.64 -24.49 -4.81
C13 BO2 U . -5.30 -22.59 -3.38
C13 BO2 U . -5.47 -25.39 -5.86
C14 BO2 U . -4.67 -21.53 -2.74
C14 BO2 U . -5.08 -24.96 -7.11
C15 BO2 U . -4.16 -21.70 -1.47
C15 BO2 U . -4.86 -23.60 -7.34
C16 BO2 U . -4.28 -22.92 -0.84
C16 BO2 U . -5.05 -22.69 -6.31
C17 BO2 U . -4.91 -23.97 -1.48
C17 BO2 U . -5.45 -23.14 -5.06
C18 BO2 U . -8.24 -25.96 -4.18
O19 BO2 U . -8.08 -27.13 -3.82
N20 BO2 U . -8.99 -25.68 -5.25
C21 BO2 U . -9.63 -26.72 -6.07
C22 BO2 U . -10.83 -26.10 -6.79
C23 BO2 U . -12.13 -25.88 -5.97
C24 BO2 U . -12.80 -27.22 -5.62
C25 BO2 U . -11.90 -25.08 -4.68
B26 BO2 U . -8.59 -27.31 -7.16
O27 BO2 U . -8.07 -26.24 -7.96
O28 BO2 U . -7.49 -28.08 -6.61
OH2 1PE V . -0.98 -20.99 -3.84
C12 1PE V . -0.58 -22.28 -4.32
C22 1PE V . -1.83 -23.16 -4.48
OH3 1PE V . -1.89 -24.11 -3.40
C13 1PE V . -3.03 -26.09 -2.67
C23 1PE V . -2.33 -25.40 -3.85
OH4 1PE V . -2.20 -25.90 -1.53
C14 1PE V . -0.43 -26.80 -0.23
C24 1PE V . -0.97 -26.63 -1.65
OH5 1PE V . 1.01 -26.77 -0.22
C15 1PE V . 2.91 -25.92 1.01
C25 1PE V . 1.48 -26.46 1.10
OH6 1PE V . 3.15 -25.27 2.27
C16 1PE V . 2.47 -23.34 3.66
C26 1PE V . 2.03 -24.57 2.83
OH7 1PE V . 1.52 -22.27 3.46
N1 BO2 W . -3.03 -18.47 18.54
C2 BO2 W . -4.19 -17.92 18.90
C3 BO2 W . -5.36 -18.65 18.86
N4 BO2 W . -5.30 -19.88 18.41
C5 BO2 W . -4.16 -20.43 18.03
C6 BO2 W . -2.99 -19.71 18.09
C7 BO2 W . -4.20 -16.55 19.45
O8 BO2 W . -3.21 -15.83 19.41
N9 BO2 W . -5.33 -16.13 20.04
C10 BO2 W . -5.36 -14.82 20.67
C11 BO2 W . -6.63 -14.02 20.40
C12 BO2 W . -6.80 -13.68 18.93
C12 BO2 W . -6.43 -12.59 20.85
C13 BO2 W . -7.45 -14.57 18.09
C13 BO2 W . -5.82 -11.67 20.00
C14 BO2 W . -7.62 -14.26 16.75
C14 BO2 W . -5.63 -10.35 20.43
C15 BO2 W . -7.15 -13.06 16.27
C15 BO2 W . -6.07 -9.97 21.70
C16 BO2 W . -6.51 -12.17 17.10
C16 BO2 W . -6.66 -10.90 22.54
C17 BO2 W . -6.33 -12.48 18.44
C17 BO2 W . -6.84 -12.21 22.11
C18 BO2 W . -5.30 -15.14 22.14
O19 BO2 W . -6.14 -15.85 22.65
N20 BO2 W . -4.31 -14.63 22.90
C21 BO2 W . -4.19 -14.89 24.34
C22 BO2 W . -2.69 -14.90 24.63
C23 BO2 W . -2.25 -16.26 24.07
C24 BO2 W . -1.32 -16.14 22.86
C25 BO2 W . -1.62 -17.12 25.16
B26 BO2 W . -5.04 -13.86 25.24
O27 BO2 W . -6.44 -14.10 25.09
O28 BO2 W . -4.77 -12.50 24.85
C1 GOL X . -4.06 -14.68 14.99
O1 GOL X . -4.93 -15.56 15.69
C2 GOL X . -3.57 -13.57 15.90
O2 GOL X . -3.47 -14.06 17.22
C3 GOL X . -2.23 -12.99 15.46
O3 GOL X . -2.27 -12.50 14.13
H11 GOL X . -3.28 -15.18 14.65
H12 GOL X . -4.53 -14.29 14.22
HO1 GOL X . -5.16 -16.18 15.16
H2 GOL X . -4.23 -12.84 15.87
HO2 GOL X . -2.98 -14.75 17.22
H31 GOL X . -1.54 -13.70 15.52
H32 GOL X . -1.98 -12.26 16.07
HO3 GOL X . -1.51 -12.21 13.93
N1 BO2 Y . -2.31 23.40 -10.84
C2 BO2 Y . -2.30 23.98 -9.64
C3 BO2 Y . -1.38 24.98 -9.35
N4 BO2 Y . -0.46 25.30 -10.26
C5 BO2 Y . -0.43 24.70 -11.44
C6 BO2 Y . -1.38 23.72 -11.73
C7 BO2 Y . -3.37 23.67 -8.68
O8 BO2 Y . -4.20 22.81 -8.95
N9 BO2 Y . -3.45 24.39 -7.54
C10 BO2 Y . -4.57 24.16 -6.62
C11 BO2 Y . -4.23 24.16 -5.13
C12 BO2 Y . -3.46 22.91 -4.78
C12 BO2 Y . -5.42 23.67 -4.31
C13 BO2 Y . -2.08 22.93 -4.73
C13 BO2 Y . -5.59 22.31 -4.03
C14 BO2 Y . -1.39 21.78 -4.40
C14 BO2 Y . -6.66 21.86 -3.27
C15 BO2 Y . -2.07 20.61 -4.14
C15 BO2 Y . -7.60 22.77 -2.77
C16 BO2 Y . -3.44 20.58 -4.18
C16 BO2 Y . -7.45 24.12 -3.07
C17 BO2 Y . -4.14 21.73 -4.51
C17 BO2 Y . -6.37 24.55 -3.83
C18 BO2 Y . -5.46 25.35 -6.95
O19 BO2 Y . -5.06 26.52 -6.91
N20 BO2 Y . -6.74 25.12 -7.32
C21 BO2 Y . -7.67 26.21 -7.65
C22 BO2 Y . -8.55 25.63 -8.78
C23 BO2 Y . -7.67 25.68 -10.05
C24 BO2 Y . -7.23 24.30 -10.55
C25 BO2 Y . -8.36 26.45 -11.17
B26 BO2 Y . -8.46 26.76 -6.36
O27 BO2 Y . -7.64 27.56 -5.46
O28 BO2 Y . -9.07 25.71 -5.61
OH2 1PE Z . -3.82 21.18 0.79
C12 1PE Z . -4.37 22.20 -0.05
C22 1PE Z . -3.29 22.54 -1.10
OH3 1PE Z . -3.25 23.97 -1.26
C13 1PE Z . -1.64 25.74 -1.37
C23 1PE Z . -2.11 24.42 -1.98
OH4 1PE Z . -0.27 25.55 -1.00
C14 1PE Z . 1.59 25.97 0.38
C24 1PE Z . 0.21 26.49 -0.02
OH5 1PE Z . 1.54 25.68 1.77
C15 1PE Z . 3.78 24.87 2.15
C25 1PE Z . 2.29 24.50 2.08
OH6 1PE Z . 4.48 23.82 1.46
C16 1PE Z . 4.81 21.49 0.96
C26 1PE Z . 3.86 22.52 1.62
OH7 1PE Z . 5.88 22.20 0.33
N1 BO2 AA . 21.78 -6.01 -14.20
C2 BO2 AA . 21.22 -7.14 -14.62
C3 BO2 AA . 21.09 -7.37 -15.99
N4 BO2 AA . 21.48 -6.43 -16.84
C5 BO2 AA . 22.00 -5.28 -16.41
C6 BO2 AA . 22.16 -5.08 -15.05
C7 BO2 AA . 20.89 -8.20 -13.67
O8 BO2 AA . 21.02 -8.02 -12.47
N9 BO2 AA . 20.52 -9.41 -14.17
C10 BO2 AA . 20.25 -10.51 -13.27
C11 BO2 AA . 19.04 -11.35 -13.69
C12 BO2 AA . 17.78 -10.53 -13.51
C12 BO2 AA . 18.71 -12.28 -12.54
C13 BO2 AA . 17.16 -10.47 -12.28
C13 BO2 AA . 19.22 -13.57 -12.53
C14 BO2 AA . 16.01 -9.72 -12.10
C14 BO2 AA . 18.93 -14.43 -11.48
C15 BO2 AA . 15.49 -9.02 -13.18
C15 BO2 AA . 18.10 -14.00 -10.44
C16 BO2 AA . 16.10 -9.07 -14.41
C16 BO2 AA . 17.60 -12.71 -10.45
C17 BO2 AA . 17.26 -9.82 -14.58
C17 BO2 AA . 17.91 -11.86 -11.50
C18 BO2 AA . 21.50 -11.36 -13.40
O19 BO2 AA . 21.85 -11.78 -14.49
N20 BO2 AA . 22.25 -11.64 -12.29
C21 BO2 AA . 23.48 -12.45 -12.36
C22 BO2 AA . 24.37 -12.01 -11.20
C23 BO2 AA . 25.05 -10.63 -11.30
C24 BO2 AA . 26.16 -10.59 -12.36
C25 BO2 AA . 24.07 -9.47 -11.57
B26 BO2 AA . 23.14 -14.03 -12.26
O27 BO2 AA . 22.46 -14.57 -13.41
O28 BO2 AA . 22.39 -14.33 -11.09
OH2 1PE BA . 12.80 -12.73 -12.60
C12 1PE BA . 13.64 -13.90 -12.61
C22 1PE BA . 15.10 -13.43 -12.63
OH3 1PE BA . 15.70 -13.81 -13.89
C13 1PE BA . 16.23 -13.30 -16.20
C23 1PE BA . 15.44 -12.88 -14.95
OH4 1PE BA . 15.53 -12.79 -17.35
C14 1PE BA . 13.97 -13.06 -19.14
C24 1PE BA . 14.71 -13.78 -18.00
OH5 1PE BA . 12.88 -13.87 -19.57
C15 1PE BA . 10.84 -12.68 -20.11
C25 1PE BA . 11.60 -13.51 -19.05
OH6 1PE BA . 10.22 -11.56 -19.43
C16 1PE BA . 9.62 -9.23 -19.41
C26 1PE BA . 9.92 -10.45 -20.30
OH7 1PE BA . 9.64 -9.68 -18.04
N1 BO2 CA . 11.56 -24.19 -0.75
C2 BO2 CA . 10.40 -24.74 -0.38
C3 BO2 CA . 9.82 -25.71 -1.19
N4 BO2 CA . 10.41 -26.04 -2.32
C5 BO2 CA . 11.56 -25.47 -2.69
C6 BO2 CA . 12.15 -24.53 -1.88
C7 BO2 CA . 9.79 -24.40 0.93
O8 BO2 CA . 10.32 -23.54 1.62
N9 BO2 CA . 8.73 -25.09 1.37
C10 BO2 CA . 8.15 -24.83 2.69
C11 BO2 CA . 6.62 -24.88 2.76
C12 BO2 CA . 6.00 -23.75 1.97
C12 BO2 CA . 6.15 -24.38 4.10
C13 BO2 CA . 5.95 -22.47 2.50
C13 BO2 CA . 5.92 -25.30 5.13
C14 BO2 CA . 5.37 -21.44 1.78
C14 BO2 CA . 5.49 -24.85 6.37
C15 BO2 CA . 4.84 -21.70 0.53
C15 BO2 CA . 5.27 -23.48 6.58
C16 BO2 CA . 4.89 -22.98 0.00
C16 BO2 CA . 5.50 -22.58 5.55
C17 BO2 CA . 5.47 -23.99 0.72
C17 BO2 CA . 5.93 -23.02 4.31
C18 BO2 CA . 8.75 -25.96 3.51
O19 BO2 CA . 8.57 -27.13 3.20
N20 BO2 CA . 9.50 -25.67 4.59
C21 BO2 CA . 10.08 -26.72 5.43
C22 BO2 CA . 11.29 -26.10 6.13
C23 BO2 CA . 12.60 -26.05 5.31
C24 BO2 CA . 13.01 -27.45 4.85
C25 BO2 CA . 12.51 -25.13 4.08
B26 BO2 CA . 9.01 -27.32 6.49
O27 BO2 CA . 7.93 -28.10 5.91
O28 BO2 CA . 8.44 -26.31 7.34
N1 BO2 DA . 7.80 5.55 -24.58
C2 BO2 DA . 8.35 6.69 -24.17
C3 BO2 DA . 9.68 6.96 -24.48
N4 BO2 DA . 10.41 6.06 -25.11
C5 BO2 DA . 9.87 4.91 -25.49
C6 BO2 DA . 8.53 4.65 -25.21
C7 BO2 DA . 7.50 7.72 -23.53
O8 BO2 DA . 6.34 7.46 -23.28
N9 BO2 DA . 8.02 8.92 -23.27
C10 BO2 DA . 7.21 10.00 -22.70
C11 BO2 DA . 7.91 10.82 -21.60
C12 BO2 DA . 7.96 10.10 -20.27
C12 BO2 DA . 6.90 11.76 -20.98
C13 BO2 DA . 6.82 9.89 -19.53
C13 BO2 DA . 6.69 13.01 -21.52
C14 BO2 DA . 6.88 9.23 -18.32
C14 BO2 DA . 5.75 13.88 -20.97
C15 BO2 DA . 8.10 8.78 -17.83
C15 BO2 DA . 5.03 13.48 -19.86
C16 BO2 DA . 9.25 9.01 -18.56
C16 BO2 DA . 5.22 12.23 -19.31
C17 BO2 DA . 9.18 9.66 -19.78
C17 BO2 DA . 6.15 11.36 -19.87
C18 BO2 DA . 6.93 10.84 -23.94
O19 BO2 DA . 7.86 11.31 -24.59
N20 BO2 DA . 5.66 11.06 -24.34
C21 BO2 DA . 5.30 11.88 -25.52
C22 BO2 DA . 3.90 11.43 -25.98
C23 BO2 DA . 3.84 10.13 -26.81
C24 BO2 DA . 4.67 10.26 -28.08
C25 BO2 DA . 4.32 8.90 -26.02
B26 BO2 DA . 5.28 13.45 -25.21
O27 BO2 DA . 6.58 14.01 -24.98
O28 BO2 DA . 4.40 13.79 -24.11
N1 BO2 EA . -7.29 5.23 24.66
C2 BO2 EA . -7.84 6.36 24.24
C3 BO2 EA . -9.19 6.61 24.51
N4 BO2 EA . -9.92 5.69 25.12
C5 BO2 EA . -9.36 4.55 25.50
C6 BO2 EA . -8.02 4.31 25.27
C7 BO2 EA . -7.01 7.42 23.63
O8 BO2 EA . -5.84 7.22 23.36
N9 BO2 EA . -7.55 8.65 23.42
C10 BO2 EA . -6.76 9.73 22.89
C11 BO2 EA . -7.47 10.57 21.83
C12 BO2 EA . -7.48 9.83 20.51
C12 BO2 EA . -6.45 11.52 21.24
C13 BO2 EA . -8.67 9.29 20.03
C13 BO2 EA . -5.72 11.12 20.12
C14 BO2 EA . -8.70 8.63 18.81
C14 BO2 EA . -4.78 11.98 19.58
C15 BO2 EA . -7.53 8.50 18.08
C15 BO2 EA . -4.58 13.23 20.13
C16 BO2 EA . -6.35 9.02 18.55
C16 BO2 EA . -5.31 13.63 21.25
C17 BO2 EA . -6.32 9.70 19.77
C17 BO2 EA . -6.25 12.76 21.80
C18 BO2 EA . -6.51 10.55 24.15
O19 BO2 EA . -7.43 11.00 24.80
N20 BO2 EA . -5.24 10.76 24.56
C21 BO2 EA . -4.94 11.54 25.77
C22 BO2 EA . -3.56 11.04 26.27
C23 BO2 EA . -3.58 9.67 26.98
C24 BO2 EA . -4.39 9.73 28.29
C25 BO2 EA . -4.15 8.55 26.09
B26 BO2 EA . -4.91 13.12 25.50
O27 BO2 EA . -6.20 13.67 25.18
O28 BO2 EA . -4.00 13.46 24.45
C1 GOL FA . 16.52 16.63 54.82
O1 GOL FA . 15.55 16.88 55.83
C2 GOL FA . 17.43 17.82 54.61
O2 GOL FA . 16.65 19.00 54.35
C3 GOL FA . 18.35 18.08 55.78
O3 GOL FA . 19.41 18.95 55.41
H11 GOL FA . 17.06 15.84 55.08
H12 GOL FA . 16.06 16.42 53.97
HO1 GOL FA . 15.09 17.55 55.59
H2 GOL FA . 17.98 17.64 53.81
HO2 GOL FA . 17.19 19.65 54.26
H31 GOL FA . 18.73 17.22 56.09
H32 GOL FA . 17.84 18.47 56.52
HO3 GOL FA . 19.90 19.07 56.09
#